data_1GG1
#
_entry.id   1GG1
#
_cell.length_a   210.357
_cell.length_b   53.188
_cell.length_c   149.392
_cell.angle_alpha   90.00
_cell.angle_beta   116.09
_cell.angle_gamma   90.00
#
_symmetry.space_group_name_H-M   'C 1 2 1'
#
loop_
_entity.id
_entity.type
_entity.pdbx_description
1 polymer '3-DEOXY-D-ARABINO-HEPTULOSONATE-7-PHOSPHATE SYNTHASE'
2 non-polymer '2-PHOSPHOGLYCOLIC ACID'
3 non-polymer 'MANGANESE (II) ION'
4 non-polymer 'SULFATE ION'
5 water water
#
_entity_poly.entity_id   1
_entity_poly.type   'polypeptide(L)'
_entity_poly.pdbx_seq_one_letter_code
;MNYQNDDLRIKEIKELLPPVALLEKFPATENAANTVAHARKAIHKILKGNDDRLLVVIGPCSIHDPVAAKEYATRLLALR
EELKDELEIVMRVYFEKPRTTVGWKGLINDPHMDNSFQINDGLRIARKLLLDINDSGLPAAGEFLDMITPQYLADLMSWG
AIGARTTESQVHRELASGLSCPVGFKNGTDGTIKVAIDAINAAGAPHCFLSVTKWGHSAIVNTSGNGDCHIILRGGKEPN
YSAKHVAEVKEGLNKAGLPAQVMIDFSHANSSKQFKKQMDVCADVCQQIAGGEKAIIGVMVESHLVEGNQSLESGEPLAY
GKSITDACIGWEDTDALLRQLANAVKARRG
;
_entity_poly.pdbx_strand_id   A,B,C,D
#
# COMPACT_ATOMS: atom_id res chain seq x y z
N ASP A 7 -4.27 -10.94 -16.51
CA ASP A 7 -5.32 -9.86 -16.47
C ASP A 7 -6.13 -9.87 -17.76
N LEU A 8 -6.43 -11.06 -18.25
CA LEU A 8 -7.19 -11.23 -19.49
C LEU A 8 -8.58 -10.59 -19.47
N ARG A 9 -9.31 -10.73 -18.37
CA ARG A 9 -10.65 -10.15 -18.28
C ARG A 9 -10.74 -8.92 -17.39
N ILE A 10 -9.59 -8.31 -17.13
CA ILE A 10 -9.54 -7.09 -16.34
C ILE A 10 -9.33 -5.96 -17.35
N LYS A 11 -10.36 -5.13 -17.54
CA LYS A 11 -10.27 -4.02 -18.52
C LYS A 11 -9.46 -2.86 -17.97
N GLU A 12 -9.69 -2.51 -16.71
CA GLU A 12 -8.98 -1.38 -16.14
C GLU A 12 -8.91 -1.43 -14.62
N ILE A 13 -7.93 -0.72 -14.09
CA ILE A 13 -7.73 -0.62 -12.65
C ILE A 13 -7.53 0.86 -12.32
N LYS A 14 -8.38 1.39 -11.41
CA LYS A 14 -8.31 2.81 -11.04
C LYS A 14 -8.03 3.00 -9.56
N GLU A 15 -7.46 4.15 -9.22
CA GLU A 15 -7.12 4.44 -7.83
C GLU A 15 -8.34 4.63 -6.93
N LEU A 16 -8.25 4.12 -5.70
CA LEU A 16 -9.32 4.23 -4.73
C LEU A 16 -8.80 4.85 -3.46
N LEU A 17 -9.54 5.84 -2.94
CA LEU A 17 -9.14 6.49 -1.71
C LEU A 17 -9.17 5.53 -0.52
N PRO A 18 -8.13 5.53 0.32
CA PRO A 18 -8.16 4.63 1.47
C PRO A 18 -9.23 5.12 2.48
N PRO A 19 -9.72 4.22 3.34
CA PRO A 19 -10.73 4.64 4.33
C PRO A 19 -10.26 5.84 5.16
N VAL A 20 -8.99 5.85 5.60
CA VAL A 20 -8.49 6.97 6.41
C VAL A 20 -8.67 8.32 5.74
N ALA A 21 -8.68 8.33 4.42
CA ALA A 21 -8.87 9.58 3.69
C ALA A 21 -10.29 10.10 3.93
N LEU A 22 -11.28 9.20 3.95
CA LEU A 22 -12.67 9.61 4.17
C LEU A 22 -12.91 9.93 5.64
N LEU A 23 -12.27 9.19 6.51
CA LEU A 23 -12.44 9.42 7.94
C LEU A 23 -11.77 10.72 8.36
N GLU A 24 -10.74 11.14 7.62
CA GLU A 24 -10.07 12.40 7.93
C GLU A 24 -10.87 13.58 7.44
N LYS A 25 -11.38 13.48 6.22
CA LYS A 25 -12.18 14.55 5.65
C LYS A 25 -13.50 14.68 6.43
N PHE A 26 -14.17 13.56 6.64
CA PHE A 26 -15.43 13.56 7.36
C PHE A 26 -15.38 12.82 8.69
N PRO A 27 -14.73 13.40 9.72
CA PRO A 27 -14.69 12.71 10.99
C PRO A 27 -16.06 12.78 11.66
N ALA A 28 -16.32 11.83 12.54
CA ALA A 28 -17.59 11.77 13.24
C ALA A 28 -17.66 12.85 14.31
N THR A 29 -18.75 13.60 14.31
CA THR A 29 -18.93 14.66 15.31
C THR A 29 -19.15 14.00 16.66
N GLU A 30 -19.09 14.77 17.73
CA GLU A 30 -19.31 14.21 19.07
C GLU A 30 -20.74 13.65 19.12
N ASN A 31 -21.67 14.34 18.45
CA ASN A 31 -23.05 13.89 18.47
C ASN A 31 -23.24 12.64 17.62
N ALA A 32 -22.64 12.63 16.44
CA ALA A 32 -22.76 11.47 15.55
C ALA A 32 -22.32 10.21 16.31
N ALA A 33 -21.17 10.30 17.00
CA ALA A 33 -20.65 9.16 17.76
C ALA A 33 -21.57 8.73 18.88
N ASN A 34 -22.24 9.71 19.48
CA ASN A 34 -23.16 9.45 20.57
C ASN A 34 -24.41 8.79 20.03
N THR A 35 -24.88 9.26 18.87
CA THR A 35 -26.05 8.67 18.25
C THR A 35 -25.82 7.16 18.04
N VAL A 36 -24.72 6.84 17.39
CA VAL A 36 -24.36 5.46 17.10
C VAL A 36 -24.18 4.61 18.36
N ALA A 37 -23.40 5.10 19.31
CA ALA A 37 -23.17 4.35 20.55
C ALA A 37 -24.48 3.98 21.27
N HIS A 38 -25.37 4.97 21.42
CA HIS A 38 -26.65 4.78 22.12
C HIS A 38 -27.56 3.81 21.38
N ALA A 39 -27.70 4.00 20.07
CA ALA A 39 -28.56 3.14 19.27
C ALA A 39 -28.08 1.67 19.36
N ARG A 40 -26.78 1.43 19.15
CA ARG A 40 -26.28 0.07 19.23
C ARG A 40 -26.58 -0.50 20.61
N LYS A 41 -26.32 0.29 21.64
CA LYS A 41 -26.56 -0.14 23.01
C LYS A 41 -28.04 -0.46 23.20
N ALA A 42 -28.90 0.36 22.59
CA ALA A 42 -30.33 0.18 22.68
C ALA A 42 -30.79 -1.11 22.01
N ILE A 43 -30.30 -1.33 20.80
CA ILE A 43 -30.66 -2.53 20.07
C ILE A 43 -30.13 -3.73 20.85
N HIS A 44 -28.92 -3.63 21.38
CA HIS A 44 -28.39 -4.73 22.17
C HIS A 44 -29.32 -5.03 23.35
N LYS A 45 -29.79 -3.96 24.01
CA LYS A 45 -30.68 -4.12 25.15
C LYS A 45 -31.96 -4.85 24.74
N ILE A 46 -32.50 -4.47 23.58
CA ILE A 46 -33.70 -5.11 23.08
C ILE A 46 -33.47 -6.59 22.77
N LEU A 47 -32.34 -6.90 22.12
CA LEU A 47 -32.03 -8.29 21.77
C LEU A 47 -31.75 -9.12 23.03
N LYS A 48 -31.19 -8.47 24.06
CA LYS A 48 -30.88 -9.19 25.30
C LYS A 48 -32.16 -9.36 26.12
N GLY A 49 -33.27 -8.84 25.61
CA GLY A 49 -34.55 -8.97 26.30
C GLY A 49 -34.69 -8.13 27.57
N ASN A 50 -34.01 -6.99 27.60
CA ASN A 50 -34.09 -6.13 28.76
C ASN A 50 -34.80 -4.83 28.44
N ASP A 51 -35.49 -4.78 27.31
CA ASP A 51 -36.24 -3.60 26.93
C ASP A 51 -37.39 -4.10 26.08
N ASP A 52 -38.60 -3.76 26.48
CA ASP A 52 -39.75 -4.21 25.72
C ASP A 52 -40.01 -3.43 24.44
N ARG A 53 -39.18 -2.44 24.13
CA ARG A 53 -39.43 -1.68 22.91
C ARG A 53 -39.15 -2.47 21.62
N LEU A 54 -39.63 -1.93 20.52
CA LEU A 54 -39.48 -2.53 19.19
C LEU A 54 -38.50 -1.79 18.26
N LEU A 55 -37.48 -2.48 17.77
CA LEU A 55 -36.56 -1.84 16.82
C LEU A 55 -37.31 -1.67 15.50
N VAL A 56 -37.23 -0.50 14.89
CA VAL A 56 -37.91 -0.28 13.62
C VAL A 56 -36.97 0.28 12.57
N VAL A 57 -36.57 -0.56 11.64
CA VAL A 57 -35.67 -0.15 10.58
C VAL A 57 -36.55 0.29 9.40
N ILE A 58 -36.65 1.59 9.17
CA ILE A 58 -37.51 2.05 8.10
C ILE A 58 -36.91 3.15 7.25
N GLY A 59 -37.24 3.15 5.98
CA GLY A 59 -36.70 4.17 5.11
C GLY A 59 -36.78 3.69 3.69
N PRO A 60 -36.13 4.39 2.74
CA PRO A 60 -36.17 3.99 1.33
C PRO A 60 -35.46 2.67 1.06
N CYS A 61 -35.77 2.08 -0.10
CA CYS A 61 -35.13 0.85 -0.54
C CYS A 61 -33.66 1.19 -0.79
N SER A 62 -33.39 2.38 -1.29
CA SER A 62 -32.01 2.81 -1.55
C SER A 62 -31.92 4.33 -1.60
N ILE A 63 -30.83 4.89 -1.05
CA ILE A 63 -30.60 6.33 -1.06
C ILE A 63 -30.05 6.66 -2.44
N HIS A 64 -30.64 7.65 -3.10
CA HIS A 64 -30.13 8.03 -4.41
C HIS A 64 -30.11 9.56 -4.59
N ASP A 65 -30.47 10.28 -3.53
CA ASP A 65 -30.50 11.74 -3.55
C ASP A 65 -30.42 12.24 -2.15
N PRO A 66 -29.25 12.78 -1.77
CA PRO A 66 -29.00 13.32 -0.43
C PRO A 66 -30.05 14.34 0.01
N VAL A 67 -30.57 15.13 -0.95
CA VAL A 67 -31.57 16.16 -0.65
C VAL A 67 -32.82 15.55 -0.06
N ALA A 68 -33.47 14.67 -0.81
CA ALA A 68 -34.66 14.01 -0.30
C ALA A 68 -34.37 13.20 0.97
N ALA A 69 -33.20 12.58 1.03
CA ALA A 69 -32.83 11.75 2.18
C ALA A 69 -32.66 12.53 3.46
N LYS A 70 -32.21 13.79 3.33
CA LYS A 70 -32.04 14.65 4.49
C LYS A 70 -33.41 15.07 5.04
N GLU A 71 -34.38 15.26 4.16
CA GLU A 71 -35.70 15.65 4.61
C GLU A 71 -36.33 14.43 5.30
N TYR A 72 -36.37 13.34 4.55
CA TYR A 72 -36.93 12.11 5.07
C TYR A 72 -36.36 11.95 6.47
N ALA A 73 -35.07 12.15 6.61
CA ALA A 73 -34.43 12.00 7.92
C ALA A 73 -34.97 12.96 8.98
N THR A 74 -35.33 14.18 8.55
CA THR A 74 -35.84 15.18 9.48
C THR A 74 -37.24 14.78 9.91
N ARG A 75 -38.06 14.33 8.96
CA ARG A 75 -39.43 13.90 9.28
C ARG A 75 -39.45 12.71 10.22
N LEU A 76 -38.55 11.75 9.98
CA LEU A 76 -38.46 10.55 10.79
C LEU A 76 -37.98 10.89 12.20
N LEU A 77 -37.03 11.82 12.29
CA LEU A 77 -36.51 12.19 13.60
C LEU A 77 -37.62 12.65 14.56
N ALA A 78 -38.62 13.35 14.01
CA ALA A 78 -39.73 13.85 14.83
C ALA A 78 -40.46 12.66 15.47
N LEU A 79 -40.78 11.66 14.64
CA LEU A 79 -41.46 10.44 15.09
C LEU A 79 -40.59 9.65 16.05
N ARG A 80 -39.29 9.53 15.75
CA ARG A 80 -38.37 8.81 16.62
C ARG A 80 -38.44 9.42 18.03
N GLU A 81 -38.40 10.74 18.10
CA GLU A 81 -38.46 11.43 19.39
C GLU A 81 -39.82 11.29 20.04
N GLU A 82 -40.86 11.26 19.21
CA GLU A 82 -42.23 11.13 19.67
C GLU A 82 -42.57 9.74 20.22
N LEU A 83 -42.34 8.72 19.39
CA LEU A 83 -42.65 7.34 19.76
C LEU A 83 -41.50 6.64 20.47
N LYS A 84 -40.55 7.43 20.97
CA LYS A 84 -39.37 6.91 21.65
C LYS A 84 -39.55 5.96 22.84
N ASP A 85 -40.73 5.93 23.44
CA ASP A 85 -40.88 5.04 24.59
C ASP A 85 -41.38 3.66 24.22
N GLU A 86 -41.83 3.51 22.98
CA GLU A 86 -42.30 2.22 22.49
C GLU A 86 -41.51 1.75 21.27
N LEU A 87 -40.80 2.65 20.62
CA LEU A 87 -40.06 2.31 19.41
C LEU A 87 -38.64 2.85 19.37
N GLU A 88 -37.74 2.07 18.80
CA GLU A 88 -36.34 2.47 18.62
C GLU A 88 -36.26 2.56 17.11
N ILE A 89 -36.52 3.75 16.59
CA ILE A 89 -36.54 3.99 15.17
C ILE A 89 -35.14 4.30 14.59
N VAL A 90 -34.78 3.53 13.57
CA VAL A 90 -33.49 3.64 12.89
C VAL A 90 -33.76 3.82 11.40
N MET A 91 -33.10 4.76 10.76
CA MET A 91 -33.36 4.99 9.35
C MET A 91 -32.62 4.07 8.38
N ARG A 92 -33.33 3.58 7.36
CA ARG A 92 -32.73 2.74 6.32
C ARG A 92 -31.94 3.69 5.43
N VAL A 93 -30.62 3.57 5.46
CA VAL A 93 -29.74 4.38 4.64
C VAL A 93 -28.88 3.40 3.84
N TYR A 94 -29.49 2.79 2.84
CA TYR A 94 -28.84 1.78 2.00
C TYR A 94 -28.11 2.36 0.78
N PHE A 95 -26.81 2.17 0.74
CA PHE A 95 -25.99 2.66 -0.37
C PHE A 95 -25.60 1.56 -1.36
N GLU A 96 -25.79 0.29 -0.98
CA GLU A 96 -25.47 -0.82 -1.91
C GLU A 96 -26.65 -1.75 -2.12
N LYS A 97 -26.95 -2.00 -3.39
CA LYS A 97 -28.07 -2.85 -3.78
C LYS A 97 -27.66 -4.07 -4.59
N PRO A 98 -27.97 -5.28 -4.07
CA PRO A 98 -27.62 -6.50 -4.79
C PRO A 98 -28.69 -6.70 -5.88
N ARG A 99 -28.25 -7.01 -7.09
CA ARG A 99 -29.19 -7.23 -8.20
C ARG A 99 -29.38 -8.70 -8.57
N THR A 100 -30.55 -9.00 -9.13
CA THR A 100 -30.91 -10.36 -9.53
C THR A 100 -29.96 -10.85 -10.63
N THR A 101 -29.54 -9.91 -11.46
CA THR A 101 -28.58 -10.16 -12.55
C THR A 101 -27.74 -8.90 -12.62
N VAL A 102 -28.18 -7.93 -13.42
CA VAL A 102 -27.45 -6.66 -13.56
C VAL A 102 -28.36 -5.46 -13.28
N GLY A 103 -27.76 -4.28 -13.25
CA GLY A 103 -28.50 -3.06 -13.00
C GLY A 103 -27.73 -2.16 -12.05
N TRP A 104 -28.35 -1.05 -11.66
CA TRP A 104 -27.75 -0.07 -10.76
C TRP A 104 -27.48 -0.69 -9.38
N LYS A 105 -26.24 -0.65 -8.94
CA LYS A 105 -25.85 -1.23 -7.64
C LYS A 105 -25.94 -0.30 -6.46
N GLY A 106 -26.35 0.95 -6.69
CA GLY A 106 -26.45 1.90 -5.59
C GLY A 106 -25.64 3.18 -5.71
N LEU A 107 -25.79 4.06 -4.73
CA LEU A 107 -25.13 5.36 -4.74
C LEU A 107 -23.59 5.32 -4.69
N ILE A 108 -23.02 4.39 -3.93
CA ILE A 108 -21.57 4.33 -3.85
C ILE A 108 -20.95 3.88 -5.14
N ASN A 109 -21.53 2.84 -5.73
CA ASN A 109 -21.04 2.26 -6.98
C ASN A 109 -21.21 3.17 -8.19
N ASP A 110 -22.28 3.95 -8.20
CA ASP A 110 -22.54 4.84 -9.33
C ASP A 110 -23.46 5.97 -8.90
N PRO A 111 -22.94 6.90 -8.08
CA PRO A 111 -23.70 8.05 -7.57
C PRO A 111 -24.41 8.87 -8.63
N HIS A 112 -23.75 9.08 -9.76
CA HIS A 112 -24.32 9.88 -10.84
C HIS A 112 -25.33 9.06 -11.64
N MET A 113 -25.66 7.87 -11.12
CA MET A 113 -26.64 6.99 -11.77
C MET A 113 -26.57 6.95 -13.29
N ASP A 114 -25.38 7.14 -13.85
CA ASP A 114 -25.20 7.14 -15.31
C ASP A 114 -24.08 6.20 -15.73
N ASN A 115 -23.85 5.16 -14.95
CA ASN A 115 -22.81 4.18 -15.24
C ASN A 115 -21.45 4.80 -15.49
N SER A 116 -21.07 5.75 -14.65
CA SER A 116 -19.76 6.42 -14.75
C SER A 116 -18.94 5.93 -13.55
N PHE A 117 -19.59 5.15 -12.70
CA PHE A 117 -18.99 4.56 -11.51
C PHE A 117 -17.96 5.42 -10.79
N GLN A 118 -18.32 6.66 -10.49
CA GLN A 118 -17.42 7.55 -9.77
C GLN A 118 -17.51 7.15 -8.30
N ILE A 119 -16.95 5.98 -8.01
CA ILE A 119 -16.96 5.39 -6.69
C ILE A 119 -16.34 6.28 -5.63
N ASN A 120 -15.23 6.96 -5.96
CA ASN A 120 -14.60 7.83 -4.96
C ASN A 120 -15.59 8.94 -4.53
N ASP A 121 -16.34 9.46 -5.49
CA ASP A 121 -17.36 10.47 -5.21
C ASP A 121 -18.50 9.84 -4.41
N GLY A 122 -18.89 8.62 -4.79
CA GLY A 122 -19.96 7.91 -4.11
C GLY A 122 -19.64 7.76 -2.64
N LEU A 123 -18.38 7.47 -2.35
CA LEU A 123 -17.94 7.31 -0.97
C LEU A 123 -17.96 8.63 -0.22
N ARG A 124 -17.59 9.73 -0.87
CA ARG A 124 -17.61 11.03 -0.22
C ARG A 124 -19.05 11.42 0.10
N ILE A 125 -19.91 11.26 -0.90
CA ILE A 125 -21.32 11.59 -0.74
C ILE A 125 -21.96 10.74 0.35
N ALA A 126 -21.73 9.43 0.28
CA ALA A 126 -22.31 8.51 1.24
C ALA A 126 -21.89 8.80 2.66
N ARG A 127 -20.60 8.95 2.93
CA ARG A 127 -20.20 9.21 4.32
C ARG A 127 -20.69 10.57 4.83
N LYS A 128 -20.72 11.56 3.94
CA LYS A 128 -21.13 12.92 4.33
C LYS A 128 -22.61 12.90 4.72
N LEU A 129 -23.42 12.24 3.90
CA LEU A 129 -24.85 12.13 4.16
C LEU A 129 -25.11 11.32 5.42
N LEU A 130 -24.29 10.30 5.62
CA LEU A 130 -24.41 9.41 6.78
C LEU A 130 -23.96 10.13 8.05
N LEU A 131 -22.94 10.97 7.92
CA LEU A 131 -22.45 11.77 9.04
C LEU A 131 -23.54 12.80 9.42
N ASP A 132 -24.13 13.43 8.41
CA ASP A 132 -25.17 14.43 8.64
C ASP A 132 -26.33 13.82 9.43
N ILE A 133 -26.91 12.76 8.88
CA ILE A 133 -28.04 12.07 9.52
C ILE A 133 -27.70 11.71 10.97
N ASN A 134 -26.56 11.08 11.18
CA ASN A 134 -26.16 10.71 12.53
C ASN A 134 -25.98 11.90 13.47
N ASP A 135 -25.35 12.97 12.98
CA ASP A 135 -25.09 14.16 13.79
C ASP A 135 -26.36 14.78 14.37
N SER A 136 -27.48 14.62 13.64
CA SER A 136 -28.78 15.14 14.02
C SER A 136 -29.46 14.28 15.12
N GLY A 137 -28.93 13.09 15.37
CA GLY A 137 -29.51 12.25 16.40
C GLY A 137 -30.30 11.04 15.90
N LEU A 138 -30.36 10.89 14.59
CA LEU A 138 -31.08 9.80 13.94
C LEU A 138 -30.11 8.66 13.59
N PRO A 139 -30.31 7.45 14.16
CA PRO A 139 -29.44 6.30 13.88
C PRO A 139 -29.63 5.79 12.43
N ALA A 140 -28.63 5.08 11.89
CA ALA A 140 -28.71 4.59 10.52
C ALA A 140 -28.53 3.07 10.36
N ALA A 141 -29.13 2.51 9.32
CA ALA A 141 -29.09 1.09 9.04
C ALA A 141 -28.74 0.87 7.56
N GLY A 142 -28.01 -0.20 7.27
CA GLY A 142 -27.67 -0.46 5.88
C GLY A 142 -27.33 -1.91 5.59
N GLU A 143 -27.34 -2.30 4.32
CA GLU A 143 -26.98 -3.67 3.98
C GLU A 143 -25.47 -3.71 3.72
N PHE A 144 -24.77 -4.61 4.40
CA PHE A 144 -23.36 -4.75 4.17
C PHE A 144 -23.22 -5.79 3.05
N LEU A 145 -23.00 -5.33 1.81
CA LEU A 145 -22.87 -6.23 0.67
C LEU A 145 -21.41 -6.41 0.26
N ASP A 146 -20.72 -5.28 0.10
CA ASP A 146 -19.32 -5.27 -0.31
C ASP A 146 -18.38 -5.53 0.89
N MET A 147 -17.24 -6.17 0.64
CA MET A 147 -16.28 -6.48 1.70
C MET A 147 -15.34 -5.31 1.98
N ILE A 148 -15.28 -4.37 1.05
CA ILE A 148 -14.37 -3.25 1.21
C ILE A 148 -14.99 -1.93 1.68
N THR A 149 -16.23 -1.66 1.31
CA THR A 149 -16.89 -0.42 1.76
C THR A 149 -17.09 -0.24 3.28
N PRO A 150 -17.37 -1.32 4.03
CA PRO A 150 -17.55 -1.15 5.48
C PRO A 150 -16.55 -0.24 6.21
N GLN A 151 -15.27 -0.35 5.87
CA GLN A 151 -14.25 0.50 6.51
C GLN A 151 -14.51 1.99 6.40
N TYR A 152 -15.22 2.41 5.37
CA TYR A 152 -15.49 3.81 5.19
C TYR A 152 -16.76 4.32 5.90
N LEU A 153 -17.68 3.43 6.21
CA LEU A 153 -18.96 3.82 6.82
C LEU A 153 -19.36 3.14 8.13
N ALA A 154 -18.85 1.93 8.39
CA ALA A 154 -19.24 1.19 9.58
C ALA A 154 -19.31 1.96 10.89
N ASP A 155 -18.38 2.88 11.12
CA ASP A 155 -18.40 3.64 12.36
C ASP A 155 -19.67 4.50 12.53
N LEU A 156 -20.40 4.74 11.45
CA LEU A 156 -21.64 5.52 11.49
C LEU A 156 -22.90 4.66 11.36
N MET A 157 -22.75 3.34 11.50
CA MET A 157 -23.89 2.44 11.37
C MET A 157 -24.29 1.86 12.74
N SER A 158 -25.59 1.85 13.02
CA SER A 158 -26.11 1.35 14.29
C SER A 158 -26.67 -0.07 14.18
N TRP A 159 -26.95 -0.48 12.96
CA TRP A 159 -27.50 -1.80 12.69
C TRP A 159 -27.23 -2.13 11.22
N GLY A 160 -27.01 -3.41 10.92
CA GLY A 160 -26.78 -3.78 9.53
C GLY A 160 -27.54 -5.03 9.09
N ALA A 161 -27.75 -5.13 7.79
CA ALA A 161 -28.44 -6.28 7.23
C ALA A 161 -27.58 -7.08 6.24
N ILE A 162 -27.77 -8.40 6.22
CA ILE A 162 -27.08 -9.24 5.25
C ILE A 162 -28.24 -9.70 4.38
N GLY A 163 -28.15 -9.39 3.09
CA GLY A 163 -29.18 -9.73 2.14
C GLY A 163 -29.49 -11.23 1.98
N ALA A 164 -30.72 -11.51 1.58
CA ALA A 164 -31.16 -12.89 1.38
C ALA A 164 -30.23 -13.68 0.46
N ARG A 165 -29.57 -12.97 -0.45
CA ARG A 165 -28.71 -13.60 -1.44
C ARG A 165 -27.32 -13.88 -0.94
N THR A 166 -26.99 -13.35 0.23
CA THR A 166 -25.67 -13.54 0.82
C THR A 166 -25.69 -14.06 2.26
N THR A 167 -26.86 -14.35 2.81
CA THR A 167 -26.90 -14.89 4.16
C THR A 167 -26.16 -16.23 4.28
N GLU A 168 -26.19 -17.03 3.21
CA GLU A 168 -25.51 -18.35 3.27
C GLU A 168 -24.01 -18.27 3.00
N SER A 169 -23.55 -17.11 2.54
CA SER A 169 -22.17 -16.92 2.18
C SER A 169 -21.24 -16.77 3.36
N GLN A 170 -20.21 -17.61 3.37
CA GLN A 170 -19.22 -17.59 4.43
C GLN A 170 -18.50 -16.24 4.52
N VAL A 171 -18.23 -15.58 3.38
CA VAL A 171 -17.53 -14.28 3.41
C VAL A 171 -18.38 -13.22 4.11
N HIS A 172 -19.69 -13.33 4.01
CA HIS A 172 -20.54 -12.35 4.67
C HIS A 172 -20.74 -12.66 6.14
N ARG A 173 -20.66 -13.94 6.50
CA ARG A 173 -20.82 -14.35 7.89
C ARG A 173 -19.58 -13.94 8.66
N GLU A 174 -18.41 -14.00 8.02
CA GLU A 174 -17.13 -13.58 8.63
C GLU A 174 -17.20 -12.07 8.88
N LEU A 175 -17.63 -11.30 7.87
CA LEU A 175 -17.75 -9.85 8.02
C LEU A 175 -18.63 -9.51 9.25
N ALA A 176 -19.79 -10.13 9.32
CA ALA A 176 -20.72 -9.89 10.41
C ALA A 176 -20.10 -10.18 11.78
N SER A 177 -19.26 -11.21 11.85
CA SER A 177 -18.63 -11.63 13.09
C SER A 177 -17.72 -10.55 13.66
N GLY A 178 -17.37 -9.57 12.84
CA GLY A 178 -16.50 -8.52 13.29
C GLY A 178 -17.05 -7.11 13.23
N LEU A 179 -18.34 -6.95 12.92
CA LEU A 179 -18.96 -5.63 12.85
C LEU A 179 -19.27 -5.15 14.26
N SER A 180 -19.13 -3.86 14.49
CA SER A 180 -19.37 -3.28 15.81
C SER A 180 -20.84 -2.98 16.09
N CYS A 181 -21.70 -3.30 15.13
CA CYS A 181 -23.13 -3.07 15.29
C CYS A 181 -23.90 -4.39 15.22
N PRO A 182 -25.14 -4.39 15.71
CA PRO A 182 -25.95 -5.61 15.66
C PRO A 182 -26.22 -5.95 14.17
N VAL A 183 -26.48 -7.22 13.85
CA VAL A 183 -26.73 -7.57 12.45
C VAL A 183 -27.95 -8.47 12.25
N GLY A 184 -28.70 -8.19 11.21
CA GLY A 184 -29.84 -9.02 10.89
C GLY A 184 -29.55 -9.85 9.64
N PHE A 185 -29.88 -11.13 9.67
CA PHE A 185 -29.70 -12.02 8.53
C PHE A 185 -31.03 -12.38 7.93
N LYS A 186 -31.20 -12.05 6.66
CA LYS A 186 -32.44 -12.38 5.99
C LYS A 186 -32.50 -13.85 5.61
N ASN A 187 -33.70 -14.43 5.61
CA ASN A 187 -33.83 -15.81 5.20
C ASN A 187 -33.60 -15.85 3.69
N GLY A 188 -33.31 -17.03 3.14
CA GLY A 188 -33.06 -17.19 1.71
C GLY A 188 -34.15 -16.66 0.80
N THR A 189 -33.79 -16.35 -0.44
CA THR A 189 -34.77 -15.82 -1.39
C THR A 189 -35.91 -16.83 -1.65
N ASP A 190 -35.62 -18.13 -1.50
CA ASP A 190 -36.64 -19.16 -1.71
C ASP A 190 -37.49 -19.36 -0.44
N GLY A 191 -37.13 -18.64 0.63
CA GLY A 191 -37.86 -18.73 1.88
C GLY A 191 -37.15 -19.55 2.97
N THR A 192 -36.02 -20.14 2.63
CA THR A 192 -35.29 -21.00 3.56
C THR A 192 -34.81 -20.30 4.82
N ILE A 193 -35.23 -20.85 5.96
CA ILE A 193 -34.89 -20.35 7.28
C ILE A 193 -33.52 -20.84 7.78
N LYS A 194 -33.23 -22.11 7.56
CA LYS A 194 -31.96 -22.70 8.05
C LYS A 194 -30.71 -21.92 7.68
N VAL A 195 -30.66 -21.31 6.49
CA VAL A 195 -29.46 -20.59 6.15
C VAL A 195 -29.22 -19.41 7.05
N ALA A 196 -30.30 -18.76 7.50
CA ALA A 196 -30.17 -17.63 8.39
C ALA A 196 -29.84 -18.11 9.80
N ILE A 197 -30.39 -19.25 10.20
CA ILE A 197 -30.10 -19.78 11.55
C ILE A 197 -28.63 -20.18 11.60
N ASP A 198 -28.17 -20.89 10.56
CA ASP A 198 -26.76 -21.27 10.47
C ASP A 198 -25.88 -20.03 10.46
N ALA A 199 -26.33 -18.96 9.81
CA ALA A 199 -25.52 -17.74 9.76
C ALA A 199 -25.34 -17.06 11.12
N ILE A 200 -26.40 -17.05 11.91
CA ILE A 200 -26.33 -16.42 13.23
C ILE A 200 -25.31 -17.16 14.08
N ASN A 201 -25.37 -18.49 14.04
CA ASN A 201 -24.41 -19.31 14.79
C ASN A 201 -23.01 -19.09 14.27
N ALA A 202 -22.87 -18.96 12.95
CA ALA A 202 -21.55 -18.74 12.35
C ALA A 202 -21.00 -17.38 12.69
N ALA A 203 -21.85 -16.35 12.64
CA ALA A 203 -21.39 -15.00 12.93
C ALA A 203 -21.08 -14.81 14.39
N GLY A 204 -21.62 -15.68 15.23
CA GLY A 204 -21.40 -15.55 16.67
C GLY A 204 -20.04 -16.06 17.12
N ALA A 205 -19.37 -16.82 16.25
CA ALA A 205 -18.06 -17.37 16.59
C ALA A 205 -16.89 -16.51 16.11
N PRO A 206 -15.71 -16.74 16.69
CA PRO A 206 -14.55 -15.95 16.28
C PRO A 206 -14.12 -16.45 14.88
N HIS A 207 -13.62 -15.53 14.06
CA HIS A 207 -13.17 -15.89 12.73
C HIS A 207 -11.83 -15.23 12.44
N CYS A 208 -11.09 -15.84 11.52
CA CYS A 208 -9.82 -15.29 11.07
C CYS A 208 -9.94 -15.28 9.56
N PHE A 209 -9.71 -14.15 8.92
CA PHE A 209 -9.83 -14.07 7.47
C PHE A 209 -9.15 -12.80 6.91
N LEU A 210 -9.06 -12.70 5.58
CA LEU A 210 -8.41 -11.55 4.96
C LEU A 210 -9.41 -10.43 4.76
N SER A 211 -8.97 -9.20 4.94
CA SER A 211 -9.85 -8.06 4.80
C SER A 211 -8.96 -6.88 4.52
N VAL A 212 -9.55 -5.72 4.23
CA VAL A 212 -8.76 -4.53 3.94
C VAL A 212 -8.82 -3.57 5.11
N THR A 213 -7.67 -3.04 5.55
CA THR A 213 -7.64 -2.12 6.68
C THR A 213 -8.00 -0.69 6.28
N LYS A 214 -8.10 0.16 7.30
CA LYS A 214 -8.43 1.55 7.14
C LYS A 214 -7.43 2.22 6.22
N TRP A 215 -6.26 1.63 6.07
CA TRP A 215 -5.24 2.22 5.21
C TRP A 215 -5.35 1.76 3.78
N GLY A 216 -6.31 0.88 3.51
CA GLY A 216 -6.47 0.37 2.16
C GLY A 216 -5.51 -0.77 1.77
N HIS A 217 -4.94 -1.44 2.76
CA HIS A 217 -4.00 -2.55 2.55
C HIS A 217 -4.71 -3.83 3.01
N SER A 218 -4.41 -4.97 2.36
CA SER A 218 -5.03 -6.22 2.76
C SER A 218 -4.25 -6.70 3.97
N ALA A 219 -4.92 -7.45 4.84
CA ALA A 219 -4.27 -7.92 6.05
C ALA A 219 -5.07 -9.07 6.61
N ILE A 220 -4.50 -9.75 7.61
CA ILE A 220 -5.16 -10.86 8.28
C ILE A 220 -5.88 -10.23 9.47
N VAL A 221 -7.14 -10.60 9.68
CA VAL A 221 -7.96 -10.06 10.75
C VAL A 221 -8.56 -11.17 11.59
N ASN A 222 -8.65 -10.95 12.89
CA ASN A 222 -9.25 -11.94 13.79
C ASN A 222 -10.40 -11.21 14.45
N THR A 223 -11.58 -11.81 14.44
CA THR A 223 -12.76 -11.21 15.04
C THR A 223 -13.17 -11.97 16.29
N SER A 224 -13.94 -11.32 17.14
CA SER A 224 -14.37 -11.96 18.38
C SER A 224 -15.67 -12.73 18.23
N GLY A 225 -16.45 -12.42 17.21
CA GLY A 225 -17.74 -13.08 17.07
C GLY A 225 -18.78 -12.03 17.45
N ASN A 226 -19.95 -12.07 16.82
CA ASN A 226 -20.99 -11.08 17.09
C ASN A 226 -22.21 -11.76 17.70
N GLY A 227 -22.45 -11.48 18.97
CA GLY A 227 -23.59 -12.07 19.63
C GLY A 227 -24.88 -11.30 19.39
N ASP A 228 -24.79 -10.13 18.76
CA ASP A 228 -25.97 -9.34 18.47
C ASP A 228 -26.55 -9.57 17.06
N CYS A 229 -26.76 -10.84 16.70
CA CYS A 229 -27.33 -11.17 15.40
C CYS A 229 -28.69 -11.83 15.53
N HIS A 230 -29.56 -11.57 14.57
CA HIS A 230 -30.89 -12.14 14.62
C HIS A 230 -31.40 -12.37 13.20
N ILE A 231 -32.45 -13.15 13.08
CA ILE A 231 -33.03 -13.43 11.79
C ILE A 231 -34.01 -12.34 11.34
N ILE A 232 -34.16 -12.19 10.02
CA ILE A 232 -35.12 -11.26 9.46
C ILE A 232 -36.01 -12.09 8.53
N LEU A 233 -37.31 -12.12 8.82
CA LEU A 233 -38.24 -12.88 8.00
C LEU A 233 -38.70 -11.98 6.84
N ARG A 234 -38.31 -12.35 5.62
CA ARG A 234 -38.61 -11.55 4.46
C ARG A 234 -39.38 -12.27 3.37
N GLY A 235 -39.95 -13.41 3.74
CA GLY A 235 -40.72 -14.18 2.79
C GLY A 235 -39.89 -15.01 1.83
N GLY A 236 -40.61 -15.79 1.04
CA GLY A 236 -40.00 -16.66 0.05
C GLY A 236 -41.00 -16.89 -1.06
N LYS A 237 -41.19 -18.14 -1.48
CA LYS A 237 -42.14 -18.46 -2.52
C LYS A 237 -43.48 -17.82 -2.10
N GLU A 238 -43.61 -17.64 -0.79
CA GLU A 238 -44.81 -17.02 -0.25
C GLU A 238 -44.39 -16.41 1.07
N PRO A 239 -45.21 -15.49 1.61
CA PRO A 239 -45.01 -14.78 2.88
C PRO A 239 -44.72 -15.67 4.07
N ASN A 240 -43.92 -15.15 5.01
CA ASN A 240 -43.62 -15.91 6.22
C ASN A 240 -43.68 -15.03 7.46
N TYR A 241 -44.61 -14.07 7.47
CA TYR A 241 -44.75 -13.18 8.61
C TYR A 241 -45.82 -13.58 9.63
N SER A 242 -46.70 -14.51 9.26
CA SER A 242 -47.78 -14.94 10.16
C SER A 242 -47.36 -15.55 11.50
N ALA A 243 -48.27 -15.55 12.47
CA ALA A 243 -48.00 -16.11 13.79
C ALA A 243 -47.60 -17.58 13.66
N LYS A 244 -48.13 -18.24 12.64
CA LYS A 244 -47.83 -19.65 12.39
C LYS A 244 -46.35 -19.77 12.02
N HIS A 245 -45.90 -18.93 11.09
CA HIS A 245 -44.48 -18.96 10.71
C HIS A 245 -43.59 -18.53 11.87
N VAL A 246 -44.01 -17.49 12.59
CA VAL A 246 -43.24 -16.99 13.72
C VAL A 246 -43.00 -18.11 14.73
N ALA A 247 -44.06 -18.88 15.02
CA ALA A 247 -43.97 -20.01 15.96
C ALA A 247 -42.94 -21.02 15.47
N GLU A 248 -43.03 -21.38 14.19
CA GLU A 248 -42.10 -22.33 13.58
C GLU A 248 -40.65 -21.85 13.67
N VAL A 249 -40.42 -20.56 13.38
CA VAL A 249 -39.07 -20.00 13.43
C VAL A 249 -38.54 -19.95 14.85
N LYS A 250 -39.40 -19.65 15.82
CA LYS A 250 -38.96 -19.62 17.21
C LYS A 250 -38.52 -21.01 17.67
N GLU A 251 -39.25 -22.03 17.31
CA GLU A 251 -38.87 -23.39 17.69
C GLU A 251 -37.57 -23.74 16.96
N GLY A 252 -37.46 -23.32 15.71
CA GLY A 252 -36.25 -23.59 14.95
C GLY A 252 -35.03 -22.95 15.63
N LEU A 253 -35.17 -21.71 16.07
CA LEU A 253 -34.06 -21.02 16.72
C LEU A 253 -33.71 -21.72 18.04
N ASN A 254 -34.73 -22.12 18.79
CA ASN A 254 -34.49 -22.83 20.04
C ASN A 254 -33.73 -24.13 19.81
N LYS A 255 -34.20 -24.92 18.85
CA LYS A 255 -33.55 -26.19 18.53
C LYS A 255 -32.06 -25.92 18.23
N ALA A 256 -31.78 -24.80 17.59
CA ALA A 256 -30.42 -24.42 17.22
C ALA A 256 -29.68 -23.71 18.37
N GLY A 257 -30.30 -23.70 19.54
CA GLY A 257 -29.71 -23.07 20.70
C GLY A 257 -29.55 -21.57 20.62
N LEU A 258 -30.48 -20.90 19.94
CA LEU A 258 -30.41 -19.45 19.79
C LEU A 258 -31.64 -18.78 20.38
N PRO A 259 -31.53 -17.50 20.79
CA PRO A 259 -32.67 -16.79 21.37
C PRO A 259 -33.82 -16.83 20.35
N ALA A 260 -35.04 -17.04 20.82
CA ALA A 260 -36.20 -17.12 19.94
C ALA A 260 -36.78 -15.74 19.64
N GLN A 261 -36.12 -15.00 18.78
CA GLN A 261 -36.61 -13.67 18.43
C GLN A 261 -36.45 -13.45 16.93
N VAL A 262 -37.26 -12.54 16.39
CA VAL A 262 -37.22 -12.25 14.98
C VAL A 262 -37.52 -10.80 14.66
N MET A 263 -37.15 -10.41 13.44
CA MET A 263 -37.44 -9.10 12.89
C MET A 263 -38.27 -9.48 11.69
N ILE A 264 -39.33 -8.74 11.41
CA ILE A 264 -40.14 -9.07 10.25
C ILE A 264 -40.09 -7.94 9.25
N ASP A 265 -39.69 -8.27 8.03
CA ASP A 265 -39.62 -7.30 6.95
C ASP A 265 -41.00 -7.29 6.33
N PHE A 266 -41.69 -6.15 6.44
CA PHE A 266 -43.03 -6.05 5.89
C PHE A 266 -43.00 -5.97 4.36
N SER A 267 -41.82 -5.76 3.80
CA SER A 267 -41.71 -5.62 2.34
C SER A 267 -41.16 -6.82 1.58
N HIS A 268 -40.75 -6.58 0.34
CA HIS A 268 -40.21 -7.62 -0.52
C HIS A 268 -41.13 -8.83 -0.69
N ALA A 269 -40.61 -10.02 -0.37
CA ALA A 269 -41.38 -11.25 -0.54
C ALA A 269 -42.56 -11.36 0.40
N ASN A 270 -42.55 -10.59 1.48
CA ASN A 270 -43.67 -10.65 2.42
C ASN A 270 -44.86 -9.81 2.00
N SER A 271 -44.63 -8.79 1.18
CA SER A 271 -45.72 -7.94 0.69
C SER A 271 -45.98 -8.34 -0.77
N SER A 272 -45.36 -9.45 -1.18
CA SER A 272 -45.48 -9.96 -2.53
C SER A 272 -45.07 -8.92 -3.57
N LYS A 273 -44.16 -8.03 -3.19
CA LYS A 273 -43.67 -6.97 -4.08
C LYS A 273 -44.76 -5.92 -4.42
N GLN A 274 -45.64 -5.64 -3.46
CA GLN A 274 -46.69 -4.65 -3.64
C GLN A 274 -46.61 -3.81 -2.38
N PHE A 275 -45.99 -2.63 -2.50
CA PHE A 275 -45.78 -1.73 -1.36
C PHE A 275 -46.93 -1.53 -0.38
N LYS A 276 -48.13 -1.33 -0.91
CA LYS A 276 -49.31 -1.12 -0.10
C LYS A 276 -49.54 -2.32 0.82
N LYS A 277 -49.24 -3.52 0.33
CA LYS A 277 -49.41 -4.72 1.15
C LYS A 277 -48.60 -4.64 2.44
N GLN A 278 -47.64 -3.72 2.52
CA GLN A 278 -46.88 -3.59 3.76
C GLN A 278 -47.77 -3.15 4.93
N MET A 279 -48.84 -2.39 4.63
CA MET A 279 -49.74 -1.95 5.70
C MET A 279 -50.51 -3.16 6.25
N ASP A 280 -50.81 -4.12 5.38
CA ASP A 280 -51.50 -5.33 5.79
C ASP A 280 -50.60 -6.14 6.74
N VAL A 281 -49.35 -6.33 6.33
CA VAL A 281 -48.40 -7.06 7.15
C VAL A 281 -48.35 -6.37 8.49
N CYS A 282 -48.38 -5.04 8.46
CA CYS A 282 -48.36 -4.25 9.68
C CYS A 282 -49.52 -4.63 10.58
N ALA A 283 -50.73 -4.65 10.02
CA ALA A 283 -51.91 -5.02 10.81
C ALA A 283 -51.69 -6.38 11.49
N ASP A 284 -51.32 -7.39 10.70
CA ASP A 284 -51.06 -8.74 11.24
C ASP A 284 -50.05 -8.71 12.36
N VAL A 285 -48.86 -8.19 12.07
CA VAL A 285 -47.79 -8.13 13.06
C VAL A 285 -48.25 -7.37 14.28
N CYS A 286 -48.97 -6.27 14.07
CA CYS A 286 -49.46 -5.51 15.19
C CYS A 286 -50.33 -6.38 16.09
N GLN A 287 -51.21 -7.17 15.48
CA GLN A 287 -52.06 -8.06 16.27
C GLN A 287 -51.19 -9.03 17.08
N GLN A 288 -50.14 -9.56 16.46
CA GLN A 288 -49.25 -10.49 17.12
C GLN A 288 -48.60 -9.84 18.33
N ILE A 289 -48.10 -8.63 18.13
CA ILE A 289 -47.44 -7.89 19.21
C ILE A 289 -48.48 -7.48 20.26
N ALA A 290 -49.66 -7.08 19.81
CA ALA A 290 -50.72 -6.69 20.74
C ALA A 290 -51.09 -7.90 21.58
N GLY A 291 -51.08 -9.07 20.94
CA GLY A 291 -51.41 -10.33 21.59
C GLY A 291 -50.38 -10.84 22.59
N GLY A 292 -49.25 -10.15 22.73
CA GLY A 292 -48.26 -10.60 23.68
C GLY A 292 -47.02 -11.25 23.10
N GLU A 293 -46.89 -11.23 21.77
CA GLU A 293 -45.73 -11.84 21.13
C GLU A 293 -44.44 -11.10 21.45
N LYS A 294 -43.67 -11.60 22.41
CA LYS A 294 -42.42 -10.93 22.77
C LYS A 294 -41.29 -11.25 21.80
N ALA A 295 -41.47 -12.28 20.98
CA ALA A 295 -40.46 -12.69 20.00
C ALA A 295 -40.20 -11.68 18.88
N ILE A 296 -41.21 -10.93 18.47
CA ILE A 296 -41.04 -9.94 17.41
C ILE A 296 -40.29 -8.75 18.00
N ILE A 297 -38.96 -8.85 17.88
CA ILE A 297 -38.01 -7.88 18.40
C ILE A 297 -37.85 -6.63 17.53
N GLY A 298 -38.35 -6.69 16.31
CA GLY A 298 -38.24 -5.56 15.42
C GLY A 298 -38.91 -5.78 14.07
N VAL A 299 -38.98 -4.72 13.26
CA VAL A 299 -39.57 -4.82 11.95
C VAL A 299 -38.76 -3.98 10.95
N MET A 300 -39.02 -4.20 9.67
CA MET A 300 -38.31 -3.47 8.64
C MET A 300 -39.36 -3.08 7.63
N VAL A 301 -39.31 -1.81 7.23
CA VAL A 301 -40.27 -1.24 6.27
C VAL A 301 -39.64 -0.34 5.21
N GLU A 302 -40.12 -0.45 3.99
CA GLU A 302 -39.63 0.36 2.89
C GLU A 302 -40.58 1.53 2.65
N SER A 303 -40.20 2.70 3.16
CA SER A 303 -41.00 3.90 2.99
C SER A 303 -40.18 5.08 2.48
N HIS A 304 -40.87 6.08 1.96
CA HIS A 304 -40.20 7.25 1.42
C HIS A 304 -41.08 8.49 1.59
N LEU A 305 -40.64 9.62 1.06
CA LEU A 305 -41.42 10.86 1.14
C LEU A 305 -42.74 10.62 0.41
N VAL A 306 -42.65 10.04 -0.79
CA VAL A 306 -43.83 9.72 -1.60
C VAL A 306 -43.87 8.19 -1.74
N GLU A 307 -44.88 7.65 -2.43
CA GLU A 307 -45.00 6.21 -2.60
C GLU A 307 -44.78 5.76 -4.04
N GLY A 308 -44.56 4.46 -4.23
CA GLY A 308 -44.35 3.92 -5.55
C GLY A 308 -42.89 3.74 -5.92
N ASN A 309 -42.63 3.56 -7.22
CA ASN A 309 -41.28 3.38 -7.73
C ASN A 309 -41.21 3.97 -9.13
N GLN A 310 -40.01 4.35 -9.55
CA GLN A 310 -39.80 4.90 -10.89
C GLN A 310 -38.51 4.31 -11.48
N SER A 311 -38.60 3.82 -12.71
CA SER A 311 -37.44 3.23 -13.37
C SER A 311 -36.44 4.25 -13.89
N LEU A 312 -35.17 4.02 -13.58
CA LEU A 312 -34.09 4.88 -14.00
C LEU A 312 -33.92 4.72 -15.52
N PRO A 317 -37.40 13.03 -16.15
CA PRO A 317 -36.94 13.40 -14.81
C PRO A 317 -37.37 12.44 -13.70
N LEU A 318 -36.75 12.59 -12.54
CA LEU A 318 -37.05 11.75 -11.40
C LEU A 318 -37.91 12.53 -10.43
N ALA A 319 -39.02 11.93 -10.02
CA ALA A 319 -39.89 12.58 -9.08
C ALA A 319 -39.16 12.63 -7.73
N TYR A 320 -38.90 13.84 -7.26
CA TYR A 320 -38.25 14.02 -5.98
C TYR A 320 -38.86 13.17 -4.85
N GLY A 321 -37.99 12.57 -4.04
CA GLY A 321 -38.46 11.76 -2.94
C GLY A 321 -39.22 10.49 -3.31
N LYS A 322 -38.91 9.93 -4.47
CA LYS A 322 -39.54 8.69 -4.92
C LYS A 322 -38.47 7.65 -5.27
N SER A 323 -38.61 6.45 -4.70
CA SER A 323 -37.65 5.36 -4.91
C SER A 323 -37.39 4.98 -6.35
N ILE A 324 -36.13 4.72 -6.68
CA ILE A 324 -35.77 4.29 -8.02
C ILE A 324 -35.52 2.78 -8.03
N THR A 325 -35.73 2.13 -6.89
CA THR A 325 -35.54 0.69 -6.82
C THR A 325 -36.87 -0.04 -6.53
N ASP A 326 -37.08 -0.47 -5.29
CA ASP A 326 -38.34 -1.16 -4.95
C ASP A 326 -39.36 -0.09 -4.53
N ALA A 327 -40.64 -0.36 -4.75
CA ALA A 327 -41.70 0.57 -4.38
C ALA A 327 -41.82 0.66 -2.87
N CYS A 328 -42.16 1.85 -2.38
CA CYS A 328 -42.29 2.12 -0.96
C CYS A 328 -43.64 2.78 -0.65
N ILE A 329 -43.99 2.82 0.62
CA ILE A 329 -45.21 3.47 1.07
C ILE A 329 -44.85 4.94 1.25
N GLY A 330 -45.82 5.83 1.02
CA GLY A 330 -45.58 7.27 1.16
C GLY A 330 -45.40 7.66 2.60
N TRP A 331 -45.14 8.95 2.84
CA TRP A 331 -44.93 9.40 4.20
C TRP A 331 -46.16 9.28 5.11
N GLU A 332 -47.34 9.49 4.56
CA GLU A 332 -48.55 9.40 5.37
C GLU A 332 -48.75 7.99 5.98
N ASP A 333 -48.68 6.97 5.12
CA ASP A 333 -48.80 5.57 5.51
C ASP A 333 -47.70 5.26 6.52
N THR A 334 -46.58 5.96 6.36
CA THR A 334 -45.46 5.77 7.26
C THR A 334 -45.83 6.28 8.63
N ASP A 335 -46.44 7.46 8.69
CA ASP A 335 -46.85 8.03 9.97
C ASP A 335 -47.86 7.08 10.62
N ALA A 336 -48.83 6.65 9.83
CA ALA A 336 -49.86 5.73 10.33
C ALA A 336 -49.24 4.41 10.79
N LEU A 337 -48.30 3.89 10.00
CA LEU A 337 -47.65 2.64 10.35
C LEU A 337 -46.85 2.75 11.64
N LEU A 338 -46.07 3.82 11.81
CA LEU A 338 -45.28 3.94 13.04
C LEU A 338 -46.16 4.04 14.29
N ARG A 339 -47.30 4.73 14.17
CA ARG A 339 -48.23 4.88 15.29
C ARG A 339 -48.92 3.54 15.60
N GLN A 340 -49.32 2.83 14.55
CA GLN A 340 -49.94 1.51 14.73
C GLN A 340 -49.01 0.60 15.53
N LEU A 341 -47.72 0.65 15.20
CA LEU A 341 -46.71 -0.18 15.87
C LEU A 341 -46.51 0.21 17.32
N ALA A 342 -46.37 1.51 17.58
CA ALA A 342 -46.16 1.98 18.94
C ALA A 342 -47.32 1.57 19.86
N ASN A 343 -48.55 1.63 19.33
CA ASN A 343 -49.71 1.25 20.15
C ASN A 343 -49.62 -0.23 20.51
N ALA A 344 -49.35 -1.05 19.48
CA ALA A 344 -49.24 -2.49 19.68
C ALA A 344 -48.23 -2.76 20.79
N VAL A 345 -47.10 -2.06 20.74
CA VAL A 345 -46.06 -2.22 21.76
C VAL A 345 -46.58 -1.83 23.14
N LYS A 346 -47.40 -0.78 23.16
CA LYS A 346 -48.00 -0.28 24.40
C LYS A 346 -48.89 -1.38 24.96
N ALA A 347 -49.67 -2.01 24.09
CA ALA A 347 -50.56 -3.09 24.48
C ALA A 347 -49.78 -4.31 24.97
N ARG A 348 -48.76 -4.72 24.23
CA ARG A 348 -47.97 -5.88 24.62
C ARG A 348 -47.46 -5.68 26.04
N ARG A 349 -46.98 -4.47 26.32
CA ARG A 349 -46.47 -4.13 27.64
C ARG A 349 -47.60 -3.85 28.62
N LEU B 8 -14.98 -2.55 19.31
CA LEU B 8 -14.79 -3.30 18.06
C LEU B 8 -14.77 -4.81 18.39
N ARG B 9 -15.19 -5.62 17.43
CA ARG B 9 -15.17 -7.06 17.58
C ARG B 9 -13.97 -7.57 16.75
N ILE B 10 -13.05 -6.64 16.51
CA ILE B 10 -11.82 -6.94 15.77
C ILE B 10 -10.77 -7.18 16.85
N LYS B 11 -10.41 -8.43 17.08
CA LYS B 11 -9.44 -8.81 18.11
C LYS B 11 -8.01 -8.43 17.72
N GLU B 12 -7.61 -8.72 16.49
CA GLU B 12 -6.31 -8.31 16.02
C GLU B 12 -6.14 -8.20 14.53
N ILE B 13 -5.13 -7.41 14.15
CA ILE B 13 -4.80 -7.18 12.76
C ILE B 13 -3.34 -7.56 12.52
N LYS B 14 -3.10 -8.40 11.52
CA LYS B 14 -1.75 -8.84 11.21
C LYS B 14 -1.37 -8.65 9.75
N GLU B 15 -0.08 -8.44 9.51
CA GLU B 15 0.47 -8.25 8.19
C GLU B 15 0.31 -9.48 7.26
N LEU B 16 -0.07 -9.20 6.04
CA LEU B 16 -0.32 -10.20 5.03
C LEU B 16 0.63 -9.97 3.88
N LEU B 17 1.37 -10.99 3.47
CA LEU B 17 2.25 -10.84 2.31
C LEU B 17 1.35 -10.45 1.13
N PRO B 18 1.81 -9.54 0.28
CA PRO B 18 1.01 -9.13 -0.87
C PRO B 18 1.19 -10.18 -1.99
N PRO B 19 0.24 -10.27 -2.93
CA PRO B 19 0.37 -11.26 -4.00
C PRO B 19 1.71 -11.29 -4.74
N VAL B 20 2.28 -10.12 -5.03
CA VAL B 20 3.55 -10.08 -5.76
C VAL B 20 4.67 -10.81 -5.04
N ALA B 21 4.62 -10.86 -3.71
CA ALA B 21 5.66 -11.54 -2.97
C ALA B 21 5.55 -13.04 -3.27
N LEU B 22 4.33 -13.58 -3.33
CA LEU B 22 4.15 -15.00 -3.63
C LEU B 22 4.51 -15.30 -5.08
N LEU B 23 4.06 -14.44 -6.00
CA LEU B 23 4.34 -14.57 -7.42
C LEU B 23 5.84 -14.51 -7.69
N GLU B 24 6.55 -13.63 -6.99
CA GLU B 24 8.00 -13.51 -7.15
C GLU B 24 8.73 -14.73 -6.53
N LYS B 25 8.27 -15.20 -5.37
CA LYS B 25 8.93 -16.37 -4.77
C LYS B 25 8.66 -17.63 -5.58
N PHE B 26 7.43 -17.78 -6.06
CA PHE B 26 7.05 -18.96 -6.82
C PHE B 26 6.50 -18.60 -8.23
N PRO B 27 7.38 -18.17 -9.14
CA PRO B 27 6.89 -17.83 -10.49
C PRO B 27 6.49 -19.05 -11.30
N ALA B 28 5.59 -18.86 -12.26
CA ALA B 28 5.19 -20.00 -13.07
C ALA B 28 6.35 -20.36 -13.97
N THR B 29 6.61 -21.65 -14.11
CA THR B 29 7.67 -22.11 -15.01
C THR B 29 7.00 -22.10 -16.37
N GLU B 30 7.80 -22.23 -17.42
CA GLU B 30 7.28 -22.26 -18.77
C GLU B 30 6.26 -23.38 -18.89
N ASN B 31 6.58 -24.54 -18.32
CA ASN B 31 5.67 -25.68 -18.41
C ASN B 31 4.40 -25.44 -17.60
N ALA B 32 4.51 -24.78 -16.45
CA ALA B 32 3.30 -24.51 -15.66
C ALA B 32 2.39 -23.53 -16.41
N ALA B 33 2.97 -22.48 -16.99
CA ALA B 33 2.16 -21.52 -17.76
C ALA B 33 1.52 -22.23 -18.97
N ASN B 34 2.25 -23.11 -19.65
CA ASN B 34 1.68 -23.86 -20.79
C ASN B 34 0.54 -24.77 -20.38
N THR B 35 0.71 -25.45 -19.24
CA THR B 35 -0.34 -26.31 -18.73
C THR B 35 -1.67 -25.53 -18.56
N VAL B 36 -1.57 -24.38 -17.95
CA VAL B 36 -2.71 -23.53 -17.70
C VAL B 36 -3.30 -22.97 -18.98
N ALA B 37 -2.46 -22.41 -19.83
CA ALA B 37 -3.02 -21.84 -21.07
C ALA B 37 -3.67 -22.94 -21.92
N HIS B 38 -3.04 -24.11 -22.01
CA HIS B 38 -3.62 -25.20 -22.82
C HIS B 38 -4.88 -25.75 -22.23
N ALA B 39 -4.94 -25.85 -20.90
CA ALA B 39 -6.12 -26.36 -20.26
C ALA B 39 -7.31 -25.40 -20.43
N ARG B 40 -7.07 -24.12 -20.24
CA ARG B 40 -8.14 -23.13 -20.36
C ARG B 40 -8.67 -23.15 -21.79
N LYS B 41 -7.75 -23.24 -22.75
CA LYS B 41 -8.15 -23.26 -24.17
C LYS B 41 -8.95 -24.52 -24.46
N ALA B 42 -8.51 -25.67 -23.92
CA ALA B 42 -9.23 -26.91 -24.15
C ALA B 42 -10.63 -26.85 -23.57
N ILE B 43 -10.75 -26.27 -22.38
CA ILE B 43 -12.09 -26.18 -21.79
C ILE B 43 -12.96 -25.22 -22.63
N HIS B 44 -12.38 -24.12 -23.09
CA HIS B 44 -13.15 -23.16 -23.88
C HIS B 44 -13.67 -23.90 -25.12
N LYS B 45 -12.82 -24.70 -25.75
CA LYS B 45 -13.22 -25.46 -26.94
C LYS B 45 -14.38 -26.43 -26.70
N ILE B 46 -14.40 -27.02 -25.51
CA ILE B 46 -15.46 -27.94 -25.17
C ILE B 46 -16.75 -27.17 -24.91
N LEU B 47 -16.63 -26.00 -24.30
CA LEU B 47 -17.83 -25.21 -24.00
C LEU B 47 -18.45 -24.60 -25.27
N LYS B 48 -17.60 -24.34 -26.25
CA LYS B 48 -18.06 -23.76 -27.50
C LYS B 48 -18.61 -24.86 -28.42
N GLY B 49 -18.51 -26.11 -27.98
CA GLY B 49 -19.00 -27.23 -28.75
C GLY B 49 -18.08 -27.61 -29.92
N ASN B 50 -16.83 -27.15 -29.88
CA ASN B 50 -15.86 -27.46 -30.90
C ASN B 50 -15.04 -28.71 -30.57
N ASP B 51 -15.35 -29.36 -29.45
CA ASP B 51 -14.62 -30.57 -29.05
C ASP B 51 -15.61 -31.46 -28.35
N ASP B 52 -15.56 -32.76 -28.61
CA ASP B 52 -16.52 -33.64 -27.99
C ASP B 52 -15.96 -34.35 -26.73
N ARG B 53 -14.82 -33.94 -26.23
CA ARG B 53 -14.28 -34.60 -25.01
C ARG B 53 -15.03 -34.12 -23.75
N LEU B 54 -14.85 -34.85 -22.64
CA LEU B 54 -15.53 -34.49 -21.41
C LEU B 54 -14.53 -33.88 -20.41
N LEU B 55 -14.86 -32.72 -19.86
CA LEU B 55 -14.01 -32.11 -18.84
C LEU B 55 -14.28 -32.92 -17.57
N VAL B 56 -13.23 -33.31 -16.85
CA VAL B 56 -13.40 -34.08 -15.60
C VAL B 56 -12.59 -33.36 -14.46
N VAL B 57 -13.30 -32.77 -13.50
CA VAL B 57 -12.67 -32.07 -12.39
C VAL B 57 -12.75 -33.12 -11.28
N ILE B 58 -11.62 -33.66 -10.90
CA ILE B 58 -11.67 -34.75 -9.93
C ILE B 58 -10.51 -34.71 -8.96
N GLY B 59 -10.78 -35.04 -7.71
CA GLY B 59 -9.70 -35.01 -6.74
C GLY B 59 -10.32 -34.81 -5.40
N PRO B 60 -9.50 -34.54 -4.37
CA PRO B 60 -10.03 -34.36 -3.01
C PRO B 60 -11.03 -33.27 -2.82
N CYS B 61 -11.88 -33.47 -1.81
CA CYS B 61 -12.82 -32.44 -1.43
C CYS B 61 -11.98 -31.24 -1.05
N SER B 62 -10.92 -31.47 -0.26
CA SER B 62 -10.02 -30.39 0.17
C SER B 62 -8.56 -30.88 0.22
N ILE B 63 -7.61 -29.96 0.04
CA ILE B 63 -6.21 -30.33 0.11
C ILE B 63 -5.81 -30.03 1.59
N HIS B 64 -5.30 -31.02 2.31
CA HIS B 64 -4.87 -30.71 3.68
C HIS B 64 -3.40 -31.15 3.87
N ASP B 65 -2.91 -31.87 2.87
CA ASP B 65 -1.54 -32.38 2.94
C ASP B 65 -0.79 -32.43 1.62
N PRO B 66 0.15 -31.53 1.40
CA PRO B 66 0.92 -31.51 0.15
C PRO B 66 1.54 -32.83 -0.29
N VAL B 67 1.92 -33.68 0.66
CA VAL B 67 2.55 -34.94 0.32
C VAL B 67 1.57 -35.85 -0.39
N ALA B 68 0.41 -36.05 0.23
CA ALA B 68 -0.59 -36.91 -0.38
C ALA B 68 -1.15 -36.25 -1.66
N ALA B 69 -1.19 -34.93 -1.70
CA ALA B 69 -1.71 -34.23 -2.91
C ALA B 69 -0.81 -34.52 -4.12
N LYS B 70 0.50 -34.48 -3.93
CA LYS B 70 1.43 -34.79 -5.01
C LYS B 70 1.45 -36.27 -5.42
N GLU B 71 1.28 -37.20 -4.46
CA GLU B 71 1.21 -38.62 -4.80
C GLU B 71 -0.08 -38.83 -5.63
N TYR B 72 -1.16 -38.17 -5.21
CA TYR B 72 -2.43 -38.25 -5.95
C TYR B 72 -2.26 -37.65 -7.36
N ALA B 73 -1.62 -36.49 -7.46
CA ALA B 73 -1.43 -35.86 -8.77
C ALA B 73 -0.65 -36.74 -9.75
N THR B 74 0.41 -37.40 -9.28
CA THR B 74 1.17 -38.33 -10.14
C THR B 74 0.26 -39.42 -10.69
N ARG B 75 -0.53 -40.06 -9.83
CA ARG B 75 -1.41 -41.11 -10.32
C ARG B 75 -2.46 -40.54 -11.31
N LEU B 76 -3.03 -39.39 -10.98
CA LEU B 76 -4.03 -38.76 -11.87
C LEU B 76 -3.40 -38.33 -13.21
N LEU B 77 -2.21 -37.75 -13.17
CA LEU B 77 -1.54 -37.35 -14.42
C LEU B 77 -1.38 -38.55 -15.38
N ALA B 78 -1.00 -39.70 -14.84
CA ALA B 78 -0.86 -40.90 -15.69
C ALA B 78 -2.20 -41.20 -16.45
N LEU B 79 -3.32 -41.10 -15.75
CA LEU B 79 -4.61 -41.34 -16.38
C LEU B 79 -4.96 -40.19 -17.32
N ARG B 80 -4.59 -38.97 -16.94
CA ARG B 80 -4.87 -37.80 -17.76
C ARG B 80 -4.27 -38.02 -19.16
N GLU B 81 -3.03 -38.50 -19.17
CA GLU B 81 -2.27 -38.77 -20.40
C GLU B 81 -2.83 -39.93 -21.20
N GLU B 82 -3.17 -41.00 -20.50
CA GLU B 82 -3.73 -42.18 -21.12
C GLU B 82 -5.14 -42.01 -21.72
N LEU B 83 -5.99 -41.22 -21.07
CA LEU B 83 -7.36 -41.07 -21.53
C LEU B 83 -7.64 -39.73 -22.20
N LYS B 84 -6.56 -39.03 -22.56
CA LYS B 84 -6.65 -37.71 -23.12
C LYS B 84 -7.44 -37.59 -24.41
N ASP B 85 -7.67 -38.70 -25.11
CA ASP B 85 -8.44 -38.61 -26.36
C ASP B 85 -9.94 -38.44 -26.07
N GLU B 86 -10.33 -38.88 -24.86
CA GLU B 86 -11.71 -38.80 -24.43
C GLU B 86 -12.00 -37.78 -23.33
N LEU B 87 -11.03 -37.59 -22.43
CA LEU B 87 -11.20 -36.73 -21.27
C LEU B 87 -10.16 -35.64 -21.12
N GLU B 88 -10.61 -34.49 -20.65
CA GLU B 88 -9.73 -33.38 -20.35
C GLU B 88 -9.72 -33.45 -18.79
N ILE B 89 -8.76 -34.17 -18.22
CA ILE B 89 -8.69 -34.32 -16.76
C ILE B 89 -8.03 -33.16 -16.06
N VAL B 90 -8.74 -32.59 -15.07
CA VAL B 90 -8.24 -31.45 -14.28
C VAL B 90 -8.34 -31.87 -12.76
N MET B 91 -7.29 -31.67 -11.99
CA MET B 91 -7.35 -32.06 -10.56
C MET B 91 -7.97 -31.03 -9.65
N ARG B 92 -8.87 -31.49 -8.77
CA ARG B 92 -9.43 -30.62 -7.76
C ARG B 92 -8.26 -30.36 -6.77
N VAL B 93 -7.85 -29.10 -6.62
CA VAL B 93 -6.81 -28.65 -5.69
C VAL B 93 -7.47 -27.50 -4.92
N TYR B 94 -8.45 -27.85 -4.08
CA TYR B 94 -9.25 -26.86 -3.34
C TYR B 94 -8.61 -26.41 -2.04
N PHE B 95 -8.27 -25.13 -1.96
CA PHE B 95 -7.63 -24.64 -0.75
C PHE B 95 -8.61 -23.89 0.15
N GLU B 96 -9.85 -23.68 -0.34
CA GLU B 96 -10.86 -22.93 0.41
C GLU B 96 -12.19 -23.67 0.53
N LYS B 97 -12.64 -23.84 1.78
CA LYS B 97 -13.86 -24.56 2.07
C LYS B 97 -14.94 -23.78 2.84
N PRO B 98 -16.12 -23.67 2.22
CA PRO B 98 -17.23 -22.95 2.86
C PRO B 98 -17.91 -23.95 3.78
N ARG B 99 -18.05 -23.57 5.04
CA ARG B 99 -18.71 -24.42 6.02
C ARG B 99 -20.20 -24.11 6.24
N THR B 100 -20.99 -25.12 6.57
CA THR B 100 -22.43 -24.95 6.87
C THR B 100 -22.58 -23.93 8.01
N THR B 101 -21.69 -24.04 9.01
CA THR B 101 -21.65 -23.05 10.11
C THR B 101 -20.21 -22.65 10.37
N VAL B 102 -19.52 -23.44 11.20
CA VAL B 102 -18.13 -23.18 11.54
C VAL B 102 -17.29 -24.42 11.25
N GLY B 103 -15.98 -24.23 11.16
CA GLY B 103 -15.10 -25.36 10.92
C GLY B 103 -13.83 -24.98 10.21
N TRP B 104 -12.95 -25.94 9.95
CA TRP B 104 -11.70 -25.68 9.25
C TRP B 104 -12.07 -25.17 7.85
N LYS B 105 -11.50 -24.04 7.47
CA LYS B 105 -11.77 -23.42 6.17
C LYS B 105 -10.82 -23.76 5.02
N GLY B 106 -9.92 -24.70 5.26
CA GLY B 106 -8.97 -25.06 4.23
C GLY B 106 -7.54 -24.77 4.57
N LEU B 107 -6.64 -25.27 3.73
CA LEU B 107 -5.22 -25.11 3.94
C LEU B 107 -4.68 -23.71 4.06
N ILE B 108 -5.17 -22.80 3.24
CA ILE B 108 -4.68 -21.43 3.28
C ILE B 108 -5.04 -20.74 4.60
N ASN B 109 -6.28 -20.90 5.05
CA ASN B 109 -6.72 -20.21 6.27
C ASN B 109 -6.10 -20.76 7.54
N ASP B 110 -5.81 -22.05 7.52
CA ASP B 110 -5.21 -22.73 8.69
C ASP B 110 -4.46 -23.97 8.23
N PRO B 111 -3.29 -23.79 7.58
CA PRO B 111 -2.50 -24.91 7.10
C PRO B 111 -2.16 -26.00 8.10
N HIS B 112 -1.84 -25.59 9.33
CA HIS B 112 -1.48 -26.55 10.38
C HIS B 112 -2.70 -27.15 11.08
N MET B 113 -3.88 -26.84 10.54
CA MET B 113 -5.12 -27.42 11.06
C MET B 113 -5.26 -27.40 12.61
N ASP B 114 -4.71 -26.40 13.27
CA ASP B 114 -4.78 -26.32 14.74
C ASP B 114 -5.19 -24.91 15.21
N ASN B 115 -5.91 -24.18 14.36
CA ASN B 115 -6.36 -22.83 14.65
C ASN B 115 -5.25 -21.83 14.96
N SER B 116 -4.09 -22.03 14.36
CA SER B 116 -3.02 -21.05 14.52
C SER B 116 -3.18 -20.07 13.34
N PHE B 117 -4.04 -20.43 12.38
CA PHE B 117 -4.29 -19.56 11.23
C PHE B 117 -3.01 -18.94 10.64
N GLN B 118 -2.02 -19.76 10.33
CA GLN B 118 -0.82 -19.21 9.73
C GLN B 118 -1.06 -18.97 8.21
N ILE B 119 -1.90 -17.99 7.89
CA ILE B 119 -2.25 -17.69 6.49
C ILE B 119 -1.10 -17.38 5.51
N ASN B 120 -0.06 -16.64 5.94
CA ASN B 120 1.09 -16.35 5.06
C ASN B 120 1.76 -17.69 4.66
N ASP B 121 1.97 -18.59 5.64
CA ASP B 121 2.53 -19.91 5.36
C ASP B 121 1.55 -20.68 4.43
N GLY B 122 0.25 -20.60 4.74
CA GLY B 122 -0.75 -21.28 3.94
C GLY B 122 -0.63 -20.87 2.48
N LEU B 123 -0.52 -19.56 2.25
CA LEU B 123 -0.39 -19.05 0.88
C LEU B 123 0.87 -19.58 0.18
N ARG B 124 1.98 -19.65 0.90
CA ARG B 124 3.24 -20.14 0.34
C ARG B 124 3.13 -21.62 -0.02
N ILE B 125 2.55 -22.38 0.89
CA ILE B 125 2.37 -23.82 0.72
C ILE B 125 1.41 -24.10 -0.45
N ALA B 126 0.33 -23.32 -0.52
CA ALA B 126 -0.65 -23.52 -1.57
C ALA B 126 -0.09 -23.23 -2.96
N ARG B 127 0.54 -22.07 -3.15
CA ARG B 127 1.09 -21.71 -4.44
C ARG B 127 2.24 -22.66 -4.84
N LYS B 128 3.10 -23.03 -3.88
CA LYS B 128 4.17 -23.98 -4.21
C LYS B 128 3.57 -25.32 -4.69
N LEU B 129 2.51 -25.81 -4.03
CA LEU B 129 1.90 -27.07 -4.42
C LEU B 129 1.26 -26.96 -5.83
N LEU B 130 0.60 -25.83 -6.09
CA LEU B 130 -0.05 -25.55 -7.37
C LEU B 130 0.97 -25.46 -8.52
N LEU B 131 2.09 -24.82 -8.23
CA LEU B 131 3.16 -24.67 -9.19
C LEU B 131 3.72 -26.06 -9.51
N ASP B 132 3.95 -26.87 -8.47
CA ASP B 132 4.47 -28.23 -8.70
C ASP B 132 3.49 -29.08 -9.54
N ILE B 133 2.21 -29.04 -9.19
CA ILE B 133 1.24 -29.82 -9.94
C ILE B 133 1.22 -29.34 -11.42
N ASN B 134 1.14 -28.03 -11.63
CA ASN B 134 1.10 -27.51 -13.00
C ASN B 134 2.36 -27.77 -13.79
N ASP B 135 3.51 -27.70 -13.11
CA ASP B 135 4.77 -27.93 -13.79
C ASP B 135 4.84 -29.37 -14.28
N SER B 136 4.24 -30.30 -13.54
CA SER B 136 4.26 -31.70 -14.00
C SER B 136 3.29 -31.91 -15.20
N GLY B 137 2.51 -30.89 -15.52
CA GLY B 137 1.60 -31.03 -16.66
C GLY B 137 0.15 -31.29 -16.31
N LEU B 138 -0.19 -31.30 -15.03
CA LEU B 138 -1.58 -31.55 -14.60
C LEU B 138 -2.27 -30.25 -14.23
N PRO B 139 -3.38 -29.90 -14.92
CA PRO B 139 -4.12 -28.67 -14.62
C PRO B 139 -4.85 -28.79 -13.26
N ALA B 140 -5.17 -27.63 -12.70
CA ALA B 140 -5.84 -27.53 -11.40
C ALA B 140 -7.12 -26.72 -11.41
N ALA B 141 -8.05 -27.18 -10.58
CA ALA B 141 -9.35 -26.57 -10.37
C ALA B 141 -9.43 -26.21 -8.88
N GLY B 142 -10.24 -25.20 -8.55
CA GLY B 142 -10.42 -24.79 -7.17
C GLY B 142 -11.70 -23.96 -7.01
N GLU B 143 -12.16 -23.82 -5.76
CA GLU B 143 -13.34 -23.01 -5.55
C GLU B 143 -12.86 -21.60 -5.22
N PHE B 144 -13.38 -20.61 -5.94
CA PHE B 144 -13.01 -19.25 -5.66
C PHE B 144 -14.02 -18.75 -4.66
N LEU B 145 -13.62 -18.81 -3.38
CA LEU B 145 -14.49 -18.40 -2.27
C LEU B 145 -14.15 -17.04 -1.68
N ASP B 146 -12.89 -16.89 -1.26
CA ASP B 146 -12.41 -15.63 -0.67
C ASP B 146 -12.19 -14.58 -1.78
N MET B 147 -12.39 -13.30 -1.48
CA MET B 147 -12.22 -12.21 -2.45
C MET B 147 -10.77 -11.74 -2.63
N ILE B 148 -9.93 -12.03 -1.64
CA ILE B 148 -8.55 -11.59 -1.70
C ILE B 148 -7.52 -12.67 -2.16
N THR B 149 -7.73 -13.93 -1.79
CA THR B 149 -6.79 -14.98 -2.23
C THR B 149 -6.63 -15.21 -3.76
N PRO B 150 -7.66 -14.90 -4.58
CA PRO B 150 -7.47 -15.13 -6.03
C PRO B 150 -6.16 -14.63 -6.65
N GLN B 151 -5.76 -13.41 -6.33
CA GLN B 151 -4.53 -12.80 -6.86
C GLN B 151 -3.25 -13.62 -6.61
N TYR B 152 -3.27 -14.43 -5.56
CA TYR B 152 -2.09 -15.23 -5.20
C TYR B 152 -1.99 -16.52 -5.99
N LEU B 153 -3.13 -16.97 -6.51
CA LEU B 153 -3.17 -18.27 -7.15
C LEU B 153 -3.82 -18.39 -8.54
N ALA B 154 -4.63 -17.42 -8.92
CA ALA B 154 -5.40 -17.51 -10.18
C ALA B 154 -4.61 -17.82 -11.44
N ASP B 155 -3.42 -17.29 -11.58
CA ASP B 155 -2.60 -17.59 -12.75
C ASP B 155 -2.24 -19.10 -12.88
N LEU B 156 -2.46 -19.88 -11.83
CA LEU B 156 -2.15 -21.30 -11.89
C LEU B 156 -3.42 -22.17 -11.90
N MET B 157 -4.58 -21.54 -12.02
CA MET B 157 -5.87 -22.25 -12.07
C MET B 157 -6.39 -22.35 -13.53
N SER B 158 -6.79 -23.54 -13.95
CA SER B 158 -7.32 -23.73 -15.30
C SER B 158 -8.84 -23.69 -15.34
N TRP B 159 -9.48 -23.82 -14.19
CA TRP B 159 -10.94 -23.82 -14.11
C TRP B 159 -11.31 -23.49 -12.66
N GLY B 160 -12.41 -22.79 -12.46
CA GLY B 160 -12.83 -22.46 -11.11
C GLY B 160 -14.31 -22.71 -10.87
N ALA B 161 -14.65 -22.90 -9.60
CA ALA B 161 -16.02 -23.08 -9.20
C ALA B 161 -16.44 -22.01 -8.17
N ILE B 162 -17.70 -21.66 -8.29
CA ILE B 162 -18.39 -20.80 -7.32
C ILE B 162 -19.35 -21.76 -6.65
N GLY B 163 -19.22 -21.91 -5.37
CA GLY B 163 -19.98 -22.92 -4.64
C GLY B 163 -21.46 -22.63 -4.50
N ALA B 164 -22.22 -23.64 -4.14
CA ALA B 164 -23.67 -23.51 -4.02
C ALA B 164 -24.13 -22.44 -3.05
N ARG B 165 -23.32 -22.15 -2.03
CA ARG B 165 -23.70 -21.15 -1.03
C ARG B 165 -23.36 -19.73 -1.47
N THR B 166 -22.60 -19.58 -2.55
CA THR B 166 -22.24 -18.27 -2.99
C THR B 166 -22.64 -17.97 -4.45
N THR B 167 -23.28 -18.92 -5.12
CA THR B 167 -23.68 -18.67 -6.52
C THR B 167 -24.61 -17.45 -6.67
N GLU B 168 -25.48 -17.23 -5.68
CA GLU B 168 -26.41 -16.09 -5.74
C GLU B 168 -25.76 -14.78 -5.26
N SER B 169 -24.51 -14.85 -4.80
CA SER B 169 -23.80 -13.67 -4.29
C SER B 169 -23.26 -12.74 -5.37
N GLN B 170 -23.58 -11.46 -5.25
CA GLN B 170 -23.14 -10.50 -6.25
C GLN B 170 -21.65 -10.38 -6.26
N VAL B 171 -21.01 -10.43 -5.08
CA VAL B 171 -19.58 -10.25 -5.07
C VAL B 171 -18.84 -11.41 -5.71
N HIS B 172 -19.45 -12.61 -5.71
CA HIS B 172 -18.83 -13.73 -6.38
C HIS B 172 -19.11 -13.68 -7.88
N ARG B 173 -20.30 -13.21 -8.26
CA ARG B 173 -20.60 -13.11 -9.70
C ARG B 173 -19.63 -12.06 -10.32
N GLU B 174 -19.36 -10.97 -9.61
CA GLU B 174 -18.42 -9.94 -10.06
C GLU B 174 -17.02 -10.54 -10.24
N LEU B 175 -16.57 -11.28 -9.24
CA LEU B 175 -15.26 -11.92 -9.33
C LEU B 175 -15.11 -12.81 -10.57
N ALA B 176 -16.12 -13.63 -10.82
CA ALA B 176 -16.06 -14.53 -11.99
C ALA B 176 -15.99 -13.74 -13.28
N SER B 177 -16.68 -12.60 -13.30
CA SER B 177 -16.70 -11.77 -14.51
C SER B 177 -15.30 -11.28 -14.84
N GLY B 178 -14.42 -11.27 -13.84
CA GLY B 178 -13.04 -10.82 -14.07
C GLY B 178 -11.95 -11.90 -14.06
N LEU B 179 -12.32 -13.17 -13.91
CA LEU B 179 -11.35 -14.27 -13.86
C LEU B 179 -10.89 -14.71 -15.25
N SER B 180 -9.61 -15.09 -15.36
CA SER B 180 -9.02 -15.53 -16.62
C SER B 180 -9.30 -16.98 -16.99
N CYS B 181 -10.02 -17.68 -16.15
CA CYS B 181 -10.35 -19.06 -16.45
C CYS B 181 -11.84 -19.28 -16.53
N PRO B 182 -12.25 -20.43 -17.07
CA PRO B 182 -13.64 -20.81 -17.18
C PRO B 182 -14.14 -21.02 -15.72
N VAL B 183 -15.44 -20.84 -15.52
CA VAL B 183 -16.03 -20.92 -14.19
C VAL B 183 -17.36 -21.63 -14.21
N GLY B 184 -17.50 -22.57 -13.28
CA GLY B 184 -18.72 -23.30 -13.09
C GLY B 184 -19.45 -22.78 -11.87
N PHE B 185 -20.77 -22.62 -12.04
CA PHE B 185 -21.64 -22.14 -10.96
C PHE B 185 -22.52 -23.26 -10.52
N LYS B 186 -22.37 -23.66 -9.26
CA LYS B 186 -23.19 -24.70 -8.68
C LYS B 186 -24.58 -24.23 -8.44
N ASN B 187 -25.55 -25.13 -8.56
CA ASN B 187 -26.94 -24.77 -8.23
C ASN B 187 -27.03 -24.56 -6.71
N GLY B 188 -28.14 -23.97 -6.24
CA GLY B 188 -28.29 -23.67 -4.81
C GLY B 188 -28.32 -24.93 -3.96
N THR B 189 -28.01 -24.81 -2.67
CA THR B 189 -28.05 -26.00 -1.82
C THR B 189 -29.41 -26.65 -1.73
N ASP B 190 -30.46 -25.87 -1.92
CA ASP B 190 -31.82 -26.41 -1.89
C ASP B 190 -32.22 -27.00 -3.27
N GLY B 191 -31.32 -26.93 -4.26
CA GLY B 191 -31.63 -27.45 -5.58
C GLY B 191 -31.97 -26.40 -6.65
N THR B 192 -32.17 -25.16 -6.22
CA THR B 192 -32.51 -24.05 -7.12
C THR B 192 -31.61 -23.85 -8.33
N ILE B 193 -32.21 -23.98 -9.51
CA ILE B 193 -31.44 -23.82 -10.74
C ILE B 193 -31.32 -22.37 -11.21
N LYS B 194 -32.39 -21.59 -11.03
CA LYS B 194 -32.39 -20.20 -11.44
C LYS B 194 -31.24 -19.34 -10.97
N VAL B 195 -30.78 -19.55 -9.73
CA VAL B 195 -29.69 -18.72 -9.23
C VAL B 195 -28.41 -18.91 -10.02
N ALA B 196 -28.20 -20.10 -10.54
CA ALA B 196 -27.02 -20.39 -11.31
C ALA B 196 -27.20 -19.82 -12.74
N ILE B 197 -28.39 -19.96 -13.31
CA ILE B 197 -28.64 -19.37 -14.64
C ILE B 197 -28.41 -17.86 -14.53
N ASP B 198 -29.03 -17.17 -13.56
CA ASP B 198 -28.77 -15.74 -13.39
C ASP B 198 -27.29 -15.44 -13.13
N ALA B 199 -26.61 -16.34 -12.42
CA ALA B 199 -25.19 -16.12 -12.15
C ALA B 199 -24.38 -16.14 -13.45
N ILE B 200 -24.65 -17.12 -14.31
CA ILE B 200 -23.90 -17.19 -15.57
C ILE B 200 -24.14 -15.91 -16.40
N ASN B 201 -25.39 -15.43 -16.43
CA ASN B 201 -25.69 -14.21 -17.18
C ASN B 201 -25.02 -13.01 -16.55
N ALA B 202 -25.06 -12.90 -15.23
CA ALA B 202 -24.43 -11.78 -14.55
C ALA B 202 -22.90 -11.77 -14.77
N ALA B 203 -22.27 -12.95 -14.65
CA ALA B 203 -20.82 -13.05 -14.81
C ALA B 203 -20.36 -12.75 -16.24
N GLY B 204 -21.20 -13.02 -17.24
CA GLY B 204 -20.84 -12.75 -18.63
C GLY B 204 -20.84 -11.26 -18.99
N ALA B 205 -21.30 -10.43 -18.07
CA ALA B 205 -21.37 -8.98 -18.26
C ALA B 205 -20.21 -8.27 -17.58
N PRO B 206 -19.87 -7.07 -18.06
CA PRO B 206 -18.78 -6.26 -17.51
C PRO B 206 -19.24 -5.73 -16.14
N HIS B 207 -18.34 -5.52 -15.20
CA HIS B 207 -18.75 -5.00 -13.91
C HIS B 207 -17.71 -4.06 -13.47
N CYS B 208 -18.08 -3.20 -12.54
CA CYS B 208 -17.12 -2.28 -11.97
C CYS B 208 -17.34 -2.44 -10.48
N PHE B 209 -16.28 -2.74 -9.74
CA PHE B 209 -16.38 -2.95 -8.30
C PHE B 209 -15.05 -2.77 -7.59
N LEU B 210 -15.06 -2.92 -6.28
CA LEU B 210 -13.81 -2.78 -5.55
C LEU B 210 -13.14 -4.13 -5.29
N SER B 211 -11.82 -4.19 -5.52
CA SER B 211 -11.05 -5.41 -5.30
C SER B 211 -9.66 -5.05 -4.80
N VAL B 212 -8.82 -6.05 -4.55
CA VAL B 212 -7.45 -5.81 -4.10
C VAL B 212 -6.52 -6.23 -5.23
N THR B 213 -5.50 -5.40 -5.48
CA THR B 213 -4.55 -5.65 -6.54
C THR B 213 -3.45 -6.59 -6.08
N LYS B 214 -2.60 -6.99 -7.02
CA LYS B 214 -1.48 -7.87 -6.76
C LYS B 214 -0.48 -7.22 -5.81
N TRP B 215 -0.66 -5.93 -5.54
CA TRP B 215 0.21 -5.19 -4.65
C TRP B 215 -0.42 -5.13 -3.28
N GLY B 216 -1.56 -5.80 -3.13
CA GLY B 216 -2.24 -5.82 -1.85
C GLY B 216 -2.93 -4.52 -1.44
N HIS B 217 -3.30 -3.70 -2.42
CA HIS B 217 -3.98 -2.42 -2.17
C HIS B 217 -5.38 -2.47 -2.76
N SER B 218 -6.36 -1.90 -2.07
CA SER B 218 -7.72 -1.90 -2.61
C SER B 218 -7.74 -0.94 -3.80
N ALA B 219 -8.57 -1.23 -4.81
CA ALA B 219 -8.61 -0.38 -5.98
C ALA B 219 -9.96 -0.54 -6.65
N ILE B 220 -10.21 0.25 -7.70
CA ILE B 220 -11.44 0.14 -8.46
C ILE B 220 -11.09 -0.68 -9.67
N VAL B 221 -11.91 -1.69 -9.99
CA VAL B 221 -11.65 -2.57 -11.13
C VAL B 221 -12.81 -2.68 -12.11
N ASN B 222 -12.49 -2.77 -13.39
CA ASN B 222 -13.50 -2.92 -14.44
C ASN B 222 -13.23 -4.22 -15.16
N THR B 223 -14.21 -5.10 -15.23
CA THR B 223 -14.02 -6.38 -15.88
C THR B 223 -14.77 -6.42 -17.19
N SER B 224 -14.38 -7.35 -18.04
CA SER B 224 -15.00 -7.49 -19.35
C SER B 224 -16.16 -8.45 -19.41
N GLY B 225 -16.36 -9.26 -18.37
CA GLY B 225 -17.40 -10.26 -18.45
C GLY B 225 -16.70 -11.54 -18.86
N ASN B 226 -17.20 -12.68 -18.39
CA ASN B 226 -16.58 -13.98 -18.65
C ASN B 226 -17.61 -14.83 -19.35
N GLY B 227 -17.35 -15.15 -20.62
CA GLY B 227 -18.29 -15.96 -21.41
C GLY B 227 -18.05 -17.47 -21.24
N ASP B 228 -16.95 -17.86 -20.58
CA ASP B 228 -16.72 -19.30 -20.38
C ASP B 228 -17.29 -19.82 -19.05
N CYS B 229 -18.55 -19.49 -18.78
CA CYS B 229 -19.18 -19.95 -17.52
C CYS B 229 -20.30 -20.93 -17.83
N HIS B 230 -20.49 -21.89 -16.92
CA HIS B 230 -21.54 -22.86 -17.09
C HIS B 230 -22.09 -23.26 -15.75
N ILE B 231 -23.16 -24.03 -15.79
CA ILE B 231 -23.82 -24.52 -14.58
C ILE B 231 -23.21 -25.84 -14.08
N ILE B 232 -23.29 -26.10 -12.78
CA ILE B 232 -22.83 -27.39 -12.24
C ILE B 232 -24.03 -27.88 -11.45
N LEU B 233 -24.54 -29.06 -11.80
CA LEU B 233 -25.70 -29.63 -11.11
C LEU B 233 -25.09 -30.48 -9.97
N ARG B 234 -25.45 -30.14 -8.74
CA ARG B 234 -24.87 -30.84 -7.56
C ARG B 234 -25.92 -31.34 -6.55
N GLY B 235 -27.16 -31.37 -7.04
CA GLY B 235 -28.26 -31.87 -6.25
C GLY B 235 -28.87 -30.81 -5.36
N GLY B 236 -30.00 -31.15 -4.80
CA GLY B 236 -30.70 -30.22 -3.90
C GLY B 236 -31.31 -31.12 -2.82
N LYS B 237 -32.62 -30.98 -2.56
CA LYS B 237 -33.29 -31.84 -1.59
C LYS B 237 -33.28 -33.24 -2.22
N GLU B 238 -33.25 -33.29 -3.56
CA GLU B 238 -33.20 -34.55 -4.30
C GLU B 238 -32.07 -34.45 -5.32
N PRO B 239 -31.48 -35.57 -5.74
CA PRO B 239 -30.39 -35.44 -6.73
C PRO B 239 -30.97 -34.86 -8.04
N ASN B 240 -30.15 -34.19 -8.85
CA ASN B 240 -30.60 -33.62 -10.13
C ASN B 240 -29.69 -33.99 -11.32
N TYR B 241 -29.16 -35.20 -11.28
CA TYR B 241 -28.28 -35.65 -12.37
C TYR B 241 -28.99 -36.45 -13.49
N SER B 242 -30.25 -36.82 -13.30
CA SER B 242 -30.91 -37.70 -14.24
C SER B 242 -31.31 -36.98 -15.54
N ALA B 243 -31.56 -37.77 -16.56
CA ALA B 243 -31.94 -37.22 -17.86
C ALA B 243 -33.06 -36.16 -17.71
N LYS B 244 -34.06 -36.50 -16.90
CA LYS B 244 -35.17 -35.57 -16.66
C LYS B 244 -34.66 -34.21 -16.23
N HIS B 245 -33.79 -34.17 -15.20
CA HIS B 245 -33.25 -32.88 -14.79
C HIS B 245 -32.38 -32.21 -15.82
N VAL B 246 -31.54 -33.00 -16.49
CA VAL B 246 -30.65 -32.45 -17.49
C VAL B 246 -31.47 -31.74 -18.61
N ALA B 247 -32.62 -32.32 -18.96
CA ALA B 247 -33.49 -31.73 -20.00
C ALA B 247 -34.09 -30.40 -19.50
N GLU B 248 -34.59 -30.39 -18.28
CA GLU B 248 -35.20 -29.19 -17.68
C GLU B 248 -34.21 -28.08 -17.60
N VAL B 249 -32.98 -28.44 -17.24
CA VAL B 249 -31.92 -27.47 -17.16
C VAL B 249 -31.47 -26.97 -18.57
N LYS B 250 -31.34 -27.87 -19.51
CA LYS B 250 -30.95 -27.41 -20.85
C LYS B 250 -32.04 -26.44 -21.35
N GLU B 251 -33.31 -26.79 -21.14
CA GLU B 251 -34.42 -25.92 -21.60
C GLU B 251 -34.40 -24.58 -20.86
N GLY B 252 -34.11 -24.62 -19.56
CA GLY B 252 -34.04 -23.38 -18.80
C GLY B 252 -32.89 -22.49 -19.25
N LEU B 253 -31.74 -23.07 -19.55
CA LEU B 253 -30.63 -22.24 -20.00
C LEU B 253 -31.01 -21.66 -21.39
N ASN B 254 -31.57 -22.51 -22.25
CA ASN B 254 -31.94 -22.03 -23.59
C ASN B 254 -32.88 -20.81 -23.45
N LYS B 255 -33.97 -20.97 -22.69
CA LYS B 255 -34.91 -19.89 -22.46
C LYS B 255 -34.22 -18.62 -21.99
N ALA B 256 -33.15 -18.75 -21.19
CA ALA B 256 -32.44 -17.58 -20.70
C ALA B 256 -31.37 -17.15 -21.68
N GLY B 257 -31.38 -17.77 -22.86
CA GLY B 257 -30.41 -17.43 -23.89
C GLY B 257 -28.98 -17.85 -23.67
N LEU B 258 -28.76 -18.97 -23.01
CA LEU B 258 -27.40 -19.42 -22.73
C LEU B 258 -27.24 -20.76 -23.37
N PRO B 259 -26.00 -21.17 -23.66
CA PRO B 259 -25.78 -22.49 -24.27
C PRO B 259 -26.45 -23.56 -23.38
N ALA B 260 -27.08 -24.55 -24.01
CA ALA B 260 -27.78 -25.62 -23.29
C ALA B 260 -26.78 -26.71 -22.91
N GLN B 261 -25.97 -26.48 -21.88
CA GLN B 261 -24.99 -27.50 -21.50
C GLN B 261 -24.80 -27.53 -19.98
N VAL B 262 -24.27 -28.65 -19.46
CA VAL B 262 -24.11 -28.76 -18.00
C VAL B 262 -22.91 -29.58 -17.56
N MET B 263 -22.42 -29.32 -16.33
CA MET B 263 -21.39 -30.18 -15.73
C MET B 263 -22.24 -30.84 -14.65
N ILE B 264 -22.01 -32.14 -14.39
CA ILE B 264 -22.76 -32.83 -13.38
C ILE B 264 -21.75 -33.25 -12.27
N ASP B 265 -21.97 -32.76 -11.06
CA ASP B 265 -21.11 -33.13 -9.89
C ASP B 265 -21.70 -34.43 -9.41
N PHE B 266 -20.93 -35.49 -9.41
CA PHE B 266 -21.48 -36.76 -8.94
C PHE B 266 -21.59 -36.84 -7.40
N SER B 267 -21.00 -35.87 -6.72
CA SER B 267 -20.96 -35.91 -5.25
C SER B 267 -21.97 -35.02 -4.56
N HIS B 268 -21.65 -34.66 -3.33
CA HIS B 268 -22.51 -33.78 -2.54
C HIS B 268 -23.96 -34.23 -2.53
N ALA B 269 -24.91 -33.34 -2.85
CA ALA B 269 -26.32 -33.79 -2.81
C ALA B 269 -26.71 -34.77 -3.92
N ASN B 270 -25.86 -34.90 -4.94
CA ASN B 270 -26.24 -35.83 -6.00
C ASN B 270 -25.94 -37.26 -5.58
N SER B 271 -25.05 -37.44 -4.58
CA SER B 271 -24.80 -38.78 -4.08
C SER B 271 -25.54 -38.94 -2.72
N SER B 272 -26.38 -37.97 -2.39
CA SER B 272 -27.06 -37.95 -1.10
C SER B 272 -25.98 -38.06 -0.01
N LYS B 273 -24.84 -37.44 -0.27
CA LYS B 273 -23.70 -37.48 0.66
C LYS B 273 -23.20 -38.89 1.03
N GLN B 274 -23.35 -39.82 0.11
CA GLN B 274 -22.90 -41.20 0.30
C GLN B 274 -21.86 -41.37 -0.78
N PHE B 275 -20.60 -41.29 -0.37
CA PHE B 275 -19.52 -41.30 -1.34
C PHE B 275 -19.45 -42.39 -2.40
N LYS B 276 -19.89 -43.60 -2.10
CA LYS B 276 -19.81 -44.66 -3.10
C LYS B 276 -20.94 -44.49 -4.14
N LYS B 277 -21.99 -43.74 -3.80
CA LYS B 277 -23.10 -43.49 -4.75
C LYS B 277 -22.59 -42.70 -5.93
N GLN B 278 -21.44 -42.05 -5.79
CA GLN B 278 -20.86 -41.36 -6.94
C GLN B 278 -20.70 -42.36 -8.08
N MET B 279 -20.50 -43.65 -7.74
CA MET B 279 -20.36 -44.69 -8.75
C MET B 279 -21.71 -44.96 -9.47
N ASP B 280 -22.82 -44.78 -8.75
CA ASP B 280 -24.13 -44.96 -9.32
C ASP B 280 -24.40 -43.78 -10.23
N VAL B 281 -24.05 -42.56 -9.80
CA VAL B 281 -24.25 -41.39 -10.62
C VAL B 281 -23.42 -41.57 -11.88
N CYS B 282 -22.17 -41.97 -11.71
CA CYS B 282 -21.27 -42.23 -12.81
C CYS B 282 -21.94 -43.18 -13.81
N ALA B 283 -22.42 -44.33 -13.34
CA ALA B 283 -23.07 -45.29 -14.23
C ALA B 283 -24.24 -44.67 -14.98
N ASP B 284 -25.04 -43.88 -14.28
CA ASP B 284 -26.18 -43.25 -14.95
C ASP B 284 -25.74 -42.22 -15.96
N VAL B 285 -24.78 -41.37 -15.59
CA VAL B 285 -24.29 -40.34 -16.49
C VAL B 285 -23.55 -40.94 -17.68
N CYS B 286 -22.85 -42.05 -17.44
CA CYS B 286 -22.14 -42.72 -18.54
C CYS B 286 -23.18 -43.24 -19.58
N GLN B 287 -24.28 -43.80 -19.08
CA GLN B 287 -25.31 -44.29 -20.00
C GLN B 287 -25.90 -43.11 -20.73
N GLN B 288 -26.12 -41.97 -20.09
CA GLN B 288 -26.64 -40.81 -20.85
C GLN B 288 -25.66 -40.35 -21.96
N ILE B 289 -24.38 -40.30 -21.63
CA ILE B 289 -23.35 -39.88 -22.57
C ILE B 289 -23.19 -40.90 -23.69
N ALA B 290 -23.11 -42.18 -23.33
CA ALA B 290 -22.96 -43.23 -24.32
C ALA B 290 -24.21 -43.39 -25.21
N GLY B 291 -25.37 -42.98 -24.69
CA GLY B 291 -26.63 -43.08 -25.44
C GLY B 291 -26.82 -41.90 -26.39
N GLY B 292 -25.86 -40.98 -26.42
CA GLY B 292 -25.97 -39.83 -27.30
C GLY B 292 -26.06 -38.45 -26.69
N GLU B 293 -26.11 -38.33 -25.37
CA GLU B 293 -26.19 -36.99 -24.77
C GLU B 293 -24.96 -36.14 -24.95
N LYS B 294 -25.10 -35.05 -25.70
CA LYS B 294 -23.98 -34.19 -25.97
C LYS B 294 -23.85 -32.97 -25.06
N ALA B 295 -24.90 -32.60 -24.37
CA ALA B 295 -24.87 -31.38 -23.58
C ALA B 295 -24.16 -31.54 -22.23
N ILE B 296 -23.82 -32.77 -21.86
CA ILE B 296 -23.06 -32.93 -20.58
C ILE B 296 -21.61 -32.73 -20.99
N ILE B 297 -21.13 -31.51 -20.78
CA ILE B 297 -19.79 -31.18 -21.16
C ILE B 297 -18.75 -31.42 -20.08
N GLY B 298 -19.21 -31.82 -18.89
CA GLY B 298 -18.24 -32.07 -17.82
C GLY B 298 -18.85 -32.80 -16.65
N VAL B 299 -17.99 -33.30 -15.75
CA VAL B 299 -18.47 -33.96 -14.54
C VAL B 299 -17.50 -33.58 -13.39
N MET B 300 -17.92 -33.78 -12.15
CA MET B 300 -17.06 -33.42 -11.01
C MET B 300 -17.14 -34.61 -10.05
N VAL B 301 -16.00 -34.99 -9.47
CA VAL B 301 -15.94 -36.20 -8.63
C VAL B 301 -15.03 -35.95 -7.40
N GLU B 302 -15.46 -36.41 -6.21
CA GLU B 302 -14.66 -36.22 -4.99
C GLU B 302 -13.93 -37.52 -4.80
N SER B 303 -12.63 -37.42 -4.99
CA SER B 303 -11.77 -38.57 -5.00
C SER B 303 -10.44 -38.34 -4.27
N HIS B 304 -9.91 -39.38 -3.65
CA HIS B 304 -8.63 -39.28 -2.93
C HIS B 304 -7.90 -40.62 -3.04
N LEU B 305 -6.72 -40.71 -2.42
CA LEU B 305 -5.95 -41.96 -2.46
C LEU B 305 -6.71 -43.04 -1.70
N VAL B 306 -7.24 -42.66 -0.55
CA VAL B 306 -7.98 -43.60 0.29
C VAL B 306 -9.40 -43.17 0.45
N GLU B 307 -10.33 -44.11 0.44
CA GLU B 307 -11.74 -43.76 0.53
C GLU B 307 -12.23 -43.27 1.89
N GLY B 308 -13.41 -42.65 1.87
CA GLY B 308 -14.04 -42.17 3.10
C GLY B 308 -13.56 -40.84 3.62
N ASN B 309 -13.60 -40.68 4.94
CA ASN B 309 -13.13 -39.42 5.49
C ASN B 309 -12.81 -39.60 6.96
N GLN B 310 -12.30 -38.56 7.56
CA GLN B 310 -11.92 -38.58 8.97
C GLN B 310 -12.15 -37.19 9.52
N SER B 311 -12.16 -37.07 10.83
CA SER B 311 -12.39 -35.78 11.40
C SER B 311 -11.22 -35.29 12.19
N LEU B 312 -11.03 -33.99 12.13
CA LEU B 312 -10.00 -33.31 12.88
C LEU B 312 -10.41 -33.26 14.37
N GLU B 313 -11.72 -33.25 14.64
CA GLU B 313 -12.22 -33.13 16.01
C GLU B 313 -12.24 -34.43 16.83
N SER B 314 -11.63 -35.48 16.31
CA SER B 314 -11.64 -36.73 17.06
C SER B 314 -10.33 -37.04 17.79
N GLY B 315 -9.30 -36.23 17.61
CA GLY B 315 -8.04 -36.49 18.28
C GLY B 315 -7.38 -37.72 17.66
N GLU B 316 -8.22 -38.58 17.08
CA GLU B 316 -7.71 -39.77 16.42
C GLU B 316 -6.72 -39.31 15.34
N PRO B 317 -5.50 -39.88 15.37
CA PRO B 317 -4.42 -39.57 14.42
C PRO B 317 -4.93 -39.61 12.97
N LEU B 318 -4.43 -38.72 12.13
CA LEU B 318 -4.87 -38.68 10.75
C LEU B 318 -4.32 -39.81 9.85
N ALA B 319 -5.19 -40.53 9.15
CA ALA B 319 -4.72 -41.55 8.21
C ALA B 319 -4.19 -40.78 7.01
N TYR B 320 -3.19 -41.33 6.32
CA TYR B 320 -2.57 -40.68 5.20
C TYR B 320 -3.50 -40.74 3.97
N GLY B 321 -3.55 -39.67 3.17
CA GLY B 321 -4.36 -39.74 1.93
C GLY B 321 -5.84 -39.95 2.05
N LYS B 322 -6.38 -39.50 3.18
CA LYS B 322 -7.80 -39.66 3.49
C LYS B 322 -8.39 -38.28 3.82
N SER B 323 -9.48 -37.95 3.15
CA SER B 323 -10.13 -36.64 3.32
C SER B 323 -10.50 -36.24 4.76
N ILE B 324 -10.30 -34.97 5.10
CA ILE B 324 -10.71 -34.47 6.43
C ILE B 324 -11.99 -33.63 6.29
N THR B 325 -12.55 -33.56 5.07
CA THR B 325 -13.83 -32.88 4.91
C THR B 325 -14.83 -33.90 4.29
N ASP B 326 -15.39 -33.66 3.09
CA ASP B 326 -16.33 -34.67 2.53
C ASP B 326 -15.67 -36.01 2.18
N ALA B 327 -16.42 -37.08 2.36
CA ALA B 327 -15.97 -38.44 2.07
C ALA B 327 -15.73 -38.57 0.54
N CYS B 328 -14.66 -39.25 0.17
CA CYS B 328 -14.29 -39.39 -1.24
C CYS B 328 -14.19 -40.83 -1.62
N ILE B 329 -14.27 -41.12 -2.92
CA ILE B 329 -14.06 -42.50 -3.32
C ILE B 329 -12.55 -42.64 -3.29
N GLY B 330 -12.08 -43.87 -3.11
CA GLY B 330 -10.64 -44.13 -3.12
C GLY B 330 -10.00 -44.30 -4.50
N TRP B 331 -8.71 -44.61 -4.52
CA TRP B 331 -8.03 -44.68 -5.83
C TRP B 331 -8.54 -45.75 -6.80
N GLU B 332 -8.77 -46.96 -6.31
CA GLU B 332 -9.25 -48.04 -7.13
C GLU B 332 -10.54 -47.65 -7.87
N ASP B 333 -11.51 -47.15 -7.11
CA ASP B 333 -12.77 -46.72 -7.72
C ASP B 333 -12.53 -45.57 -8.69
N THR B 334 -11.55 -44.73 -8.38
CA THR B 334 -11.24 -43.57 -9.22
C THR B 334 -10.77 -44.00 -10.60
N ASP B 335 -9.86 -44.97 -10.63
CA ASP B 335 -9.34 -45.47 -11.88
C ASP B 335 -10.51 -46.09 -12.70
N ALA B 336 -11.36 -46.90 -12.07
CA ALA B 336 -12.50 -47.53 -12.76
C ALA B 336 -13.50 -46.47 -13.26
N LEU B 337 -13.74 -45.45 -12.44
CA LEU B 337 -14.67 -44.40 -12.81
C LEU B 337 -14.12 -43.61 -14.01
N LEU B 338 -12.84 -43.29 -13.97
CA LEU B 338 -12.26 -42.53 -15.08
C LEU B 338 -12.35 -43.32 -16.40
N ARG B 339 -12.05 -44.61 -16.33
CA ARG B 339 -12.13 -45.47 -17.51
C ARG B 339 -13.57 -45.58 -18.03
N GLN B 340 -14.54 -45.69 -17.11
CA GLN B 340 -15.95 -45.76 -17.51
C GLN B 340 -16.32 -44.51 -18.32
N LEU B 341 -15.95 -43.34 -17.80
CA LEU B 341 -16.22 -42.06 -18.46
C LEU B 341 -15.58 -41.99 -19.84
N ALA B 342 -14.29 -42.36 -19.92
CA ALA B 342 -13.62 -42.36 -21.21
C ALA B 342 -14.36 -43.33 -22.16
N ASN B 343 -14.73 -44.51 -21.68
CA ASN B 343 -15.45 -45.46 -22.51
C ASN B 343 -16.81 -44.90 -22.99
N ALA B 344 -17.53 -44.18 -22.11
CA ALA B 344 -18.81 -43.58 -22.47
C ALA B 344 -18.55 -42.55 -23.56
N VAL B 345 -17.54 -41.70 -23.40
CA VAL B 345 -17.25 -40.69 -24.44
C VAL B 345 -16.95 -41.35 -25.80
N LYS B 346 -16.15 -42.43 -25.76
CA LYS B 346 -15.82 -43.20 -26.96
C LYS B 346 -17.13 -43.73 -27.58
N ALA B 347 -18.00 -44.30 -26.76
CA ALA B 347 -19.30 -44.80 -27.23
C ALA B 347 -20.17 -43.71 -27.87
N ARG B 348 -20.17 -42.50 -27.29
CA ARG B 348 -20.95 -41.39 -27.81
C ARG B 348 -20.44 -40.95 -29.18
N ARG B 349 -19.13 -41.05 -29.32
CA ARG B 349 -18.42 -40.67 -30.53
C ARG B 349 -18.72 -41.72 -31.60
N GLY B 350 -18.82 -42.97 -31.15
CA GLY B 350 -19.12 -44.09 -32.03
C GLY B 350 -18.46 -44.06 -33.39
N LEU C 8 19.15 -4.66 16.16
CA LEU C 8 18.56 -3.68 15.20
C LEU C 8 18.60 -2.29 15.84
N ARG C 9 18.66 -1.27 15.00
CA ARG C 9 18.70 0.11 15.48
C ARG C 9 17.41 0.83 15.14
N ILE C 10 16.35 0.07 14.93
CA ILE C 10 15.04 0.61 14.64
C ILE C 10 14.20 0.41 15.91
N LYS C 11 13.90 1.50 16.64
CA LYS C 11 13.13 1.41 17.90
C LYS C 11 11.64 1.09 17.72
N GLU C 12 10.93 1.93 16.97
CA GLU C 12 9.52 1.71 16.72
C GLU C 12 9.17 2.15 15.30
N ILE C 13 8.03 1.65 14.83
CA ILE C 13 7.49 1.97 13.52
C ILE C 13 6.03 2.30 13.79
N LYS C 14 5.58 3.44 13.26
CA LYS C 14 4.22 3.89 13.46
C LYS C 14 3.52 4.30 12.20
N GLU C 15 2.19 4.24 12.24
CA GLU C 15 1.36 4.59 11.09
C GLU C 15 1.50 6.06 10.69
N LEU C 16 1.47 6.30 9.38
CA LEU C 16 1.61 7.61 8.80
C LEU C 16 0.45 7.82 7.84
N LEU C 17 -0.26 8.95 7.97
CA LEU C 17 -1.38 9.22 7.09
C LEU C 17 -0.82 9.40 5.71
N PRO C 18 -1.51 8.88 4.70
CA PRO C 18 -1.03 9.01 3.32
C PRO C 18 -1.36 10.42 2.83
N PRO C 19 -0.59 10.93 1.84
CA PRO C 19 -0.82 12.27 1.30
C PRO C 19 -2.27 12.52 0.94
N VAL C 20 -2.93 11.52 0.36
CA VAL C 20 -4.33 11.66 -0.05
C VAL C 20 -5.27 12.01 1.08
N ALA C 21 -4.93 11.61 2.31
CA ALA C 21 -5.72 11.92 3.49
C ALA C 21 -5.60 13.41 3.88
N LEU C 22 -4.40 13.97 3.76
CA LEU C 22 -4.22 15.37 4.10
C LEU C 22 -4.80 16.25 3.00
N LEU C 23 -4.75 15.75 1.76
CA LEU C 23 -5.28 16.49 0.62
C LEU C 23 -6.81 16.54 0.61
N GLU C 24 -7.44 15.45 1.07
CA GLU C 24 -8.88 15.37 1.13
C GLU C 24 -9.44 16.23 2.28
N LYS C 25 -8.82 16.14 3.45
CA LYS C 25 -9.26 16.93 4.60
C LYS C 25 -8.97 18.42 4.41
N PHE C 26 -7.83 18.74 3.80
CA PHE C 26 -7.46 20.14 3.57
C PHE C 26 -7.20 20.43 2.10
N PRO C 27 -8.25 20.40 1.26
CA PRO C 27 -8.08 20.67 -0.17
C PRO C 27 -7.74 22.12 -0.49
N ALA C 28 -7.30 22.36 -1.72
CA ALA C 28 -6.96 23.71 -2.09
C ALA C 28 -8.21 24.49 -2.45
N THR C 29 -8.36 25.67 -1.83
CA THR C 29 -9.50 26.53 -2.12
C THR C 29 -9.19 27.13 -3.48
N GLU C 30 -10.21 27.63 -4.18
CA GLU C 30 -10.00 28.24 -5.50
C GLU C 30 -8.97 29.37 -5.41
N ASN C 31 -9.00 30.12 -4.32
CA ASN C 31 -8.06 31.21 -4.14
C ASN C 31 -6.65 30.66 -4.07
N ALA C 32 -6.39 29.84 -3.03
CA ALA C 32 -5.09 29.23 -2.81
C ALA C 32 -4.53 28.66 -4.10
N ALA C 33 -5.38 27.93 -4.82
CA ALA C 33 -5.02 27.30 -6.09
C ALA C 33 -4.52 28.34 -7.09
N ASN C 34 -5.13 29.51 -7.08
CA ASN C 34 -4.71 30.56 -7.99
C ASN C 34 -3.56 31.37 -7.40
N THR C 35 -3.49 31.43 -6.08
CA THR C 35 -2.41 32.16 -5.42
C THR C 35 -1.05 31.47 -5.72
N VAL C 36 -1.06 30.14 -5.81
CA VAL C 36 0.16 29.39 -6.10
C VAL C 36 0.50 29.39 -7.60
N ALA C 37 -0.51 29.22 -8.45
CA ALA C 37 -0.30 29.20 -9.90
C ALA C 37 0.21 30.51 -10.50
N HIS C 38 -0.36 31.62 -10.05
CA HIS C 38 0.01 32.93 -10.54
C HIS C 38 1.46 33.23 -10.14
N ALA C 39 1.78 32.95 -8.87
CA ALA C 39 3.12 33.17 -8.32
C ALA C 39 4.20 32.41 -9.09
N ARG C 40 3.90 31.14 -9.40
CA ARG C 40 4.85 30.33 -10.14
C ARG C 40 5.10 30.95 -11.52
N LYS C 41 4.03 31.34 -12.20
CA LYS C 41 4.15 31.94 -13.53
C LYS C 41 4.98 33.21 -13.44
N ALA C 42 4.79 33.96 -12.36
CA ALA C 42 5.52 35.20 -12.15
C ALA C 42 7.01 34.93 -11.96
N ILE C 43 7.32 34.00 -11.05
CA ILE C 43 8.70 33.64 -10.78
C ILE C 43 9.35 33.15 -12.05
N HIS C 44 8.63 32.35 -12.82
CA HIS C 44 9.17 31.84 -14.06
C HIS C 44 9.51 33.06 -14.94
N LYS C 45 8.49 33.88 -15.17
CA LYS C 45 8.59 35.08 -16.00
C LYS C 45 9.84 35.90 -15.64
N ILE C 46 10.18 35.94 -14.37
CA ILE C 46 11.36 36.68 -13.93
C ILE C 46 12.63 35.95 -14.35
N LEU C 47 12.69 34.64 -14.05
CA LEU C 47 13.87 33.81 -14.39
C LEU C 47 14.12 33.82 -15.89
N LYS C 48 13.07 33.93 -16.67
CA LYS C 48 13.22 33.94 -18.12
C LYS C 48 13.62 35.32 -18.67
N GLY C 49 13.67 36.34 -17.79
CA GLY C 49 14.06 37.68 -18.24
C GLY C 49 12.98 38.44 -18.99
N ASN C 50 11.72 38.19 -18.64
CA ASN C 50 10.61 38.88 -19.31
C ASN C 50 9.94 39.68 -18.19
N ASP C 51 10.69 39.92 -17.12
CA ASP C 51 10.20 40.66 -15.97
C ASP C 51 11.37 41.27 -15.26
N ASP C 52 11.25 42.55 -14.89
CA ASP C 52 12.33 43.23 -14.21
C ASP C 52 12.11 43.31 -12.70
N ARG C 53 11.04 42.70 -12.21
CA ARG C 53 10.77 42.74 -10.78
C ARG C 53 11.73 41.81 -10.05
N LEU C 54 11.75 41.93 -8.73
CA LEU C 54 12.66 41.13 -7.91
C LEU C 54 11.92 40.18 -6.97
N LEU C 55 12.27 38.91 -7.06
CA LEU C 55 11.66 37.91 -6.21
C LEU C 55 12.18 38.06 -4.80
N VAL C 56 11.28 38.18 -3.83
CA VAL C 56 11.73 38.32 -2.48
C VAL C 56 11.15 37.19 -1.62
N VAL C 57 12.03 36.35 -1.08
CA VAL C 57 11.60 35.23 -0.27
C VAL C 57 11.95 35.64 1.14
N ILE C 58 10.93 36.07 1.89
CA ILE C 58 11.13 36.59 3.24
C ILE C 58 10.16 36.02 4.27
N GLY C 59 10.65 35.72 5.47
CA GLY C 59 9.79 35.15 6.49
C GLY C 59 10.64 34.54 7.59
N PRO C 60 10.04 33.82 8.54
CA PRO C 60 10.77 33.20 9.65
C PRO C 60 11.78 32.16 9.20
N CYS C 61 12.81 31.90 10.01
CA CYS C 61 13.77 30.85 9.68
C CYS C 61 12.92 29.58 9.69
N SER C 62 12.10 29.44 10.74
CA SER C 62 11.22 28.28 10.89
C SER C 62 9.82 28.64 11.42
N ILE C 63 8.81 27.87 11.01
CA ILE C 63 7.47 28.11 11.51
C ILE C 63 7.27 27.17 12.69
N HIS C 64 6.93 27.71 13.85
CA HIS C 64 6.69 26.87 15.03
C HIS C 64 5.47 27.35 15.80
N ASP C 65 4.72 28.30 15.22
CA ASP C 65 3.53 28.89 15.85
C ASP C 65 2.59 29.48 14.81
N PRO C 66 1.51 28.76 14.49
CA PRO C 66 0.52 29.19 13.50
C PRO C 66 -0.09 30.57 13.82
N VAL C 67 -0.10 30.93 15.11
CA VAL C 67 -0.65 32.21 15.55
C VAL C 67 0.29 33.33 15.14
N ALA C 68 1.51 33.30 15.69
CA ALA C 68 2.49 34.31 15.36
C ALA C 68 2.72 34.28 13.86
N ALA C 69 2.53 33.11 13.25
CA ALA C 69 2.72 32.92 11.81
C ALA C 69 1.64 33.60 11.00
N LYS C 70 0.42 33.59 11.53
CA LYS C 70 -0.71 34.19 10.82
C LYS C 70 -0.62 35.71 10.89
N GLU C 71 -0.15 36.23 12.01
CA GLU C 71 -0.03 37.68 12.18
C GLU C 71 0.97 38.18 11.14
N TYR C 72 2.11 37.51 11.02
CA TYR C 72 3.15 37.87 10.06
C TYR C 72 2.60 37.80 8.64
N ALA C 73 1.98 36.69 8.30
CA ALA C 73 1.41 36.50 6.96
C ALA C 73 0.46 37.65 6.66
N THR C 74 -0.17 38.12 7.73
CA THR C 74 -1.13 39.21 7.68
C THR C 74 -0.44 40.53 7.34
N ARG C 75 0.62 40.85 8.07
CA ARG C 75 1.38 42.08 7.84
C ARG C 75 2.14 42.06 6.51
N LEU C 76 2.81 40.95 6.21
CA LEU C 76 3.58 40.83 4.97
C LEU C 76 2.69 40.90 3.72
N LEU C 77 1.48 40.40 3.84
CA LEU C 77 0.59 40.41 2.69
C LEU C 77 0.31 41.83 2.22
N ALA C 78 0.19 42.74 3.17
CA ALA C 78 -0.08 44.14 2.84
C ALA C 78 1.07 44.70 1.96
N LEU C 79 2.27 44.66 2.52
CA LEU C 79 3.46 45.13 1.82
C LEU C 79 3.56 44.49 0.45
N ARG C 80 3.09 43.24 0.33
CA ARG C 80 3.14 42.54 -0.95
C ARG C 80 2.24 43.29 -1.92
N GLU C 81 1.04 43.63 -1.49
CA GLU C 81 0.22 44.33 -2.43
C GLU C 81 0.74 45.74 -2.71
N GLU C 82 1.37 46.33 -1.68
CA GLU C 82 1.75 47.74 -1.73
C GLU C 82 2.93 47.83 -2.63
N LEU C 83 3.94 46.99 -2.39
CA LEU C 83 5.15 47.00 -3.18
C LEU C 83 5.18 46.02 -4.34
N LYS C 84 4.02 45.72 -4.92
CA LYS C 84 3.91 44.77 -6.01
C LYS C 84 4.44 45.16 -7.36
N ASP C 85 4.67 46.43 -7.63
CA ASP C 85 5.21 46.76 -8.95
C ASP C 85 6.73 46.65 -8.98
N GLU C 86 7.33 46.50 -7.80
CA GLU C 86 8.79 46.34 -7.69
C GLU C 86 9.12 44.92 -7.18
N LEU C 87 8.33 44.45 -6.22
CA LEU C 87 8.61 43.16 -5.60
C LEU C 87 7.59 42.03 -5.66
N GLU C 88 8.08 40.82 -5.86
CA GLU C 88 7.24 39.62 -5.88
C GLU C 88 7.50 38.96 -4.54
N ILE C 89 6.73 39.37 -3.53
CA ILE C 89 6.90 38.86 -2.17
C ILE C 89 6.26 37.50 -1.89
N VAL C 90 7.10 36.59 -1.40
CA VAL C 90 6.70 35.22 -1.06
C VAL C 90 7.17 34.94 0.36
N MET C 91 6.26 34.46 1.20
CA MET C 91 6.60 34.18 2.59
C MET C 91 7.35 32.88 2.82
N ARG C 92 8.36 32.96 3.68
CA ARG C 92 9.13 31.78 4.02
C ARG C 92 8.31 30.95 5.01
N VAL C 93 7.67 29.91 4.49
CA VAL C 93 6.87 29.01 5.33
C VAL C 93 7.60 27.67 5.40
N TYR C 94 8.66 27.65 6.20
CA TYR C 94 9.54 26.49 6.39
C TYR C 94 9.10 25.55 7.49
N PHE C 95 8.71 24.34 7.10
CA PHE C 95 8.24 23.33 8.04
C PHE C 95 9.32 22.32 8.43
N GLU C 96 10.45 22.33 7.73
CA GLU C 96 11.52 21.41 8.06
C GLU C 96 12.88 22.07 8.05
N LYS C 97 13.66 21.75 9.08
CA LYS C 97 14.97 22.36 9.25
C LYS C 97 16.13 21.38 9.38
N PRO C 98 17.18 21.56 8.55
CA PRO C 98 18.35 20.68 8.62
C PRO C 98 19.25 21.23 9.73
N ARG C 99 19.66 20.37 10.66
CA ARG C 99 20.50 20.82 11.77
C ARG C 99 21.97 20.48 11.51
N THR C 100 22.87 21.31 12.05
CA THR C 100 24.30 21.08 11.87
C THR C 100 24.66 19.70 12.43
N THR C 101 24.00 19.32 13.52
CA THR C 101 24.21 18.00 14.08
C THR C 101 22.83 17.47 14.46
N VAL C 102 22.30 17.94 15.59
CA VAL C 102 20.97 17.54 16.05
C VAL C 102 20.21 18.77 16.56
N GLY C 103 18.89 18.63 16.73
CA GLY C 103 18.09 19.73 17.21
C GLY C 103 16.68 19.57 16.68
N TRP C 104 15.82 20.54 16.96
CA TRP C 104 14.44 20.51 16.50
C TRP C 104 14.42 20.60 14.98
N LYS C 105 13.90 19.57 14.32
CA LYS C 105 13.86 19.57 12.86
C LYS C 105 12.70 20.33 12.22
N GLY C 106 11.87 21.01 12.99
CA GLY C 106 10.79 21.72 12.32
C GLY C 106 9.42 21.32 12.81
N LEU C 107 8.40 22.05 12.35
CA LEU C 107 7.02 21.84 12.76
C LEU C 107 6.48 20.44 12.47
N ILE C 108 6.71 19.95 11.26
CA ILE C 108 6.22 18.63 10.89
C ILE C 108 6.84 17.50 11.74
N ASN C 109 8.15 17.52 11.93
CA ASN C 109 8.78 16.46 12.71
C ASN C 109 8.47 16.44 14.22
N ASP C 110 8.10 17.57 14.80
CA ASP C 110 7.82 17.62 16.23
C ASP C 110 7.15 18.94 16.55
N PRO C 111 5.92 19.12 16.06
CA PRO C 111 5.12 20.33 16.25
C PRO C 111 4.97 20.79 17.68
N HIS C 112 4.94 19.85 18.61
CA HIS C 112 4.76 20.23 20.00
C HIS C 112 6.10 20.54 20.68
N MET C 113 7.15 20.50 19.87
CA MET C 113 8.49 20.83 20.32
C MET C 113 8.91 20.16 21.61
N ASP C 114 8.29 19.02 21.91
CA ASP C 114 8.62 18.32 23.15
C ASP C 114 9.18 16.93 22.88
N ASN C 115 9.75 16.75 21.68
CA ASN C 115 10.30 15.46 21.30
C ASN C 115 9.25 14.37 21.42
N SER C 116 8.01 14.71 21.09
CA SER C 116 6.94 13.73 21.16
C SER C 116 6.72 13.22 19.72
N PHE C 117 7.29 13.98 18.78
CA PHE C 117 7.24 13.67 17.35
C PHE C 117 5.87 13.25 16.85
N GLN C 118 4.86 14.07 17.08
CA GLN C 118 3.52 13.78 16.59
C GLN C 118 3.44 14.28 15.17
N ILE C 119 4.18 13.62 14.28
CA ILE C 119 4.23 14.00 12.86
C ILE C 119 2.89 14.04 12.11
N ASN C 120 1.98 13.14 12.44
CA ASN C 120 0.68 13.18 11.77
C ASN C 120 -0.04 14.51 12.10
N ASP C 121 0.07 15.00 13.34
CA ASP C 121 -0.55 16.29 13.68
C ASP C 121 0.27 17.36 12.99
N GLY C 122 1.59 17.14 12.98
CA GLY C 122 2.47 18.08 12.33
C GLY C 122 2.05 18.36 10.90
N LEU C 123 1.74 17.32 10.14
CA LEU C 123 1.33 17.47 8.76
C LEU C 123 -0.01 18.19 8.62
N ARG C 124 -0.96 17.87 9.51
CA ARG C 124 -2.29 18.51 9.50
C ARG C 124 -2.14 20.01 9.80
N ILE C 125 -1.42 20.26 10.89
CA ILE C 125 -1.18 21.64 11.32
C ILE C 125 -0.54 22.38 10.18
N ALA C 126 0.58 21.83 9.66
CA ALA C 126 1.32 22.45 8.57
C ALA C 126 0.52 22.75 7.32
N ARG C 127 -0.23 21.77 6.80
CA ARG C 127 -0.98 21.99 5.56
C ARG C 127 -2.14 22.98 5.73
N LYS C 128 -2.73 22.98 6.91
CA LYS C 128 -3.86 23.86 7.19
C LYS C 128 -3.32 25.30 7.14
N LEU C 129 -2.27 25.56 7.91
CA LEU C 129 -1.64 26.89 7.96
C LEU C 129 -1.20 27.33 6.57
N LEU C 130 -0.54 26.42 5.86
CA LEU C 130 -0.06 26.73 4.53
C LEU C 130 -1.25 27.04 3.63
N LEU C 131 -2.33 26.29 3.81
CA LEU C 131 -3.53 26.50 3.01
C LEU C 131 -4.13 27.87 3.29
N ASP C 132 -4.26 28.23 4.57
CA ASP C 132 -4.82 29.54 4.92
C ASP C 132 -4.00 30.69 4.34
N ILE C 133 -2.68 30.67 4.52
CA ILE C 133 -1.83 31.73 3.99
C ILE C 133 -2.04 31.84 2.49
N ASN C 134 -2.01 30.70 1.81
CA ASN C 134 -2.23 30.69 0.37
C ASN C 134 -3.61 31.20 -0.01
N ASP C 135 -4.60 30.87 0.81
CA ASP C 135 -5.96 31.29 0.52
C ASP C 135 -6.05 32.82 0.57
N SER C 136 -5.37 33.41 1.55
CA SER C 136 -5.39 34.86 1.70
C SER C 136 -4.71 35.62 0.57
N GLY C 137 -4.01 34.93 -0.31
CA GLY C 137 -3.34 35.60 -1.43
C GLY C 137 -1.81 35.64 -1.37
N LEU C 138 -1.22 35.25 -0.26
CA LEU C 138 0.23 35.27 -0.10
C LEU C 138 0.95 33.94 -0.49
N PRO C 139 1.85 33.97 -1.49
CA PRO C 139 2.57 32.76 -1.90
C PRO C 139 3.48 32.20 -0.81
N ALA C 140 3.81 30.92 -0.92
CA ALA C 140 4.66 30.31 0.09
C ALA C 140 5.93 29.67 -0.48
N ALA C 141 6.95 29.61 0.36
CA ALA C 141 8.22 29.04 -0.03
C ALA C 141 8.73 28.16 1.10
N GLY C 142 9.55 27.17 0.76
CA GLY C 142 10.09 26.30 1.79
C GLY C 142 11.26 25.49 1.29
N GLU C 143 12.00 24.87 2.21
CA GLU C 143 13.11 24.04 1.79
C GLU C 143 12.63 22.62 1.71
N PHE C 144 12.87 21.99 0.55
CA PHE C 144 12.47 20.61 0.38
C PHE C 144 13.65 19.78 0.90
N LEU C 145 13.50 19.29 2.13
CA LEU C 145 14.53 18.50 2.79
C LEU C 145 14.19 17.00 2.75
N ASP C 146 13.00 16.70 3.25
CA ASP C 146 12.52 15.33 3.31
C ASP C 146 12.04 14.85 1.92
N MET C 147 12.21 13.56 1.65
CA MET C 147 11.78 13.00 0.36
C MET C 147 10.30 12.59 0.30
N ILE C 148 9.69 12.41 1.47
CA ILE C 148 8.30 11.96 1.59
C ILE C 148 7.30 13.09 1.88
N THR C 149 7.70 14.04 2.70
CA THR C 149 6.79 15.15 3.02
C THR C 149 6.32 15.97 1.83
N PRO C 150 7.14 16.10 0.76
CA PRO C 150 6.70 16.90 -0.40
C PRO C 150 5.28 16.64 -0.92
N GLN C 151 4.87 15.37 -0.97
CA GLN C 151 3.55 15.03 -1.48
C GLN C 151 2.41 15.63 -0.68
N TYR C 152 2.68 16.01 0.56
CA TYR C 152 1.65 16.60 1.41
C TYR C 152 1.47 18.11 1.29
N LEU C 153 2.53 18.82 0.92
CA LEU C 153 2.52 20.28 0.84
C LEU C 153 2.82 20.94 -0.50
N ALA C 154 3.49 20.22 -1.39
CA ALA C 154 3.92 20.73 -2.70
C ALA C 154 2.91 21.52 -3.53
N ASP C 155 1.66 21.11 -3.50
CA ASP C 155 0.65 21.81 -4.30
C ASP C 155 0.39 23.20 -3.80
N LEU C 156 0.89 23.53 -2.61
CA LEU C 156 0.71 24.86 -2.04
C LEU C 156 2.01 25.66 -1.96
N MET C 157 3.05 25.20 -2.65
CA MET C 157 4.34 25.89 -2.66
C MET C 157 4.56 26.57 -4.02
N SER C 158 4.95 27.83 -3.99
CA SER C 158 5.19 28.57 -5.23
C SER C 158 6.66 28.60 -5.60
N TRP C 159 7.52 28.27 -4.65
CA TRP C 159 8.96 28.29 -4.86
C TRP C 159 9.58 27.45 -3.77
N GLY C 160 10.64 26.72 -4.11
CA GLY C 160 11.29 25.90 -3.12
C GLY C 160 12.78 26.09 -3.17
N ALA C 161 13.44 25.68 -2.09
CA ALA C 161 14.87 25.80 -2.02
C ALA C 161 15.52 24.49 -1.56
N ILE C 162 16.68 24.19 -2.12
CA ILE C 162 17.41 23.02 -1.68
C ILE C 162 18.50 23.55 -0.76
N GLY C 163 18.55 23.03 0.46
CA GLY C 163 19.53 23.49 1.45
C GLY C 163 20.99 23.42 1.04
N ALA C 164 21.82 24.19 1.72
CA ALA C 164 23.25 24.23 1.41
C ALA C 164 23.89 22.88 1.64
N ARG C 165 23.38 22.15 2.62
CA ARG C 165 23.87 20.85 2.99
C ARG C 165 23.34 19.72 2.12
N THR C 166 22.43 20.03 1.20
CA THR C 166 21.87 18.99 0.36
C THR C 166 21.91 19.32 -1.12
N THR C 167 22.45 20.49 -1.46
CA THR C 167 22.56 20.88 -2.87
C THR C 167 23.38 19.89 -3.75
N GLU C 168 24.35 19.22 -3.13
CA GLU C 168 25.22 18.30 -3.85
C GLU C 168 24.64 16.88 -3.88
N SER C 169 23.64 16.66 -3.05
CA SER C 169 22.94 15.38 -2.91
C SER C 169 22.13 15.00 -4.12
N GLN C 170 22.45 13.83 -4.69
CA GLN C 170 21.73 13.35 -5.86
C GLN C 170 20.24 13.13 -5.58
N VAL C 171 19.85 12.71 -4.38
CA VAL C 171 18.42 12.49 -4.16
C VAL C 171 17.65 13.81 -4.20
N HIS C 172 18.27 14.89 -3.73
CA HIS C 172 17.61 16.17 -3.76
C HIS C 172 17.56 16.78 -5.15
N ARG C 173 18.60 16.56 -5.95
CA ARG C 173 18.60 17.07 -7.33
C ARG C 173 17.51 16.32 -8.11
N GLU C 174 17.33 15.05 -7.77
CA GLU C 174 16.29 14.25 -8.41
C GLU C 174 14.93 14.86 -8.06
N LEU C 175 14.71 15.07 -6.76
CA LEU C 175 13.47 15.64 -6.27
C LEU C 175 13.18 16.93 -7.01
N ALA C 176 14.16 17.84 -7.06
CA ALA C 176 14.00 19.12 -7.77
C ALA C 176 13.56 18.98 -9.23
N SER C 177 14.14 18.01 -9.95
CA SER C 177 13.79 17.79 -11.37
C SER C 177 12.31 17.45 -11.56
N GLY C 178 11.64 17.04 -10.49
CA GLY C 178 10.24 16.68 -10.61
C GLY C 178 9.23 17.59 -9.90
N LEU C 179 9.73 18.64 -9.23
CA LEU C 179 8.86 19.58 -8.51
C LEU C 179 8.15 20.49 -9.49
N SER C 180 6.91 20.85 -9.18
CA SER C 180 6.12 21.69 -10.07
C SER C 180 6.43 23.19 -9.91
N CYS C 181 7.30 23.53 -8.97
CA CYS C 181 7.62 24.93 -8.72
C CYS C 181 9.09 25.26 -8.92
N PRO C 182 9.40 26.56 -9.11
CA PRO C 182 10.80 26.96 -9.30
C PRO C 182 11.59 26.53 -8.07
N VAL C 183 12.87 26.23 -8.27
CA VAL C 183 13.75 25.77 -7.20
C VAL C 183 15.05 26.54 -7.13
N GLY C 184 15.48 26.85 -5.92
CA GLY C 184 16.73 27.56 -5.75
C GLY C 184 17.70 26.66 -5.03
N PHE C 185 18.93 26.61 -5.52
CA PHE C 185 19.93 25.77 -4.90
C PHE C 185 20.94 26.64 -4.21
N LYS C 186 21.14 26.40 -2.91
CA LYS C 186 22.09 27.20 -2.16
C LYS C 186 23.51 26.68 -2.41
N ASN C 187 24.48 27.58 -2.32
CA ASN C 187 25.86 27.18 -2.51
C ASN C 187 26.23 26.41 -1.26
N GLY C 188 27.31 25.65 -1.33
CA GLY C 188 27.73 24.87 -0.18
C GLY C 188 28.09 25.66 1.06
N THR C 189 28.08 24.96 2.18
CA THR C 189 28.42 25.52 3.48
C THR C 189 29.79 26.22 3.48
N ASP C 190 30.75 25.64 2.76
CA ASP C 190 32.08 26.23 2.69
C ASP C 190 32.10 27.34 1.65
N GLY C 191 30.97 27.56 0.99
CA GLY C 191 30.92 28.62 -0.01
C GLY C 191 31.09 28.15 -1.43
N THR C 192 31.33 26.84 -1.63
CA THR C 192 31.49 26.28 -2.97
C THR C 192 30.34 26.63 -3.90
N ILE C 193 30.67 27.22 -5.05
CA ILE C 193 29.68 27.57 -6.06
C ILE C 193 29.36 26.39 -7.02
N LYS C 194 30.40 25.67 -7.45
CA LYS C 194 30.25 24.54 -8.36
C LYS C 194 29.13 23.53 -8.00
N VAL C 195 29.02 23.13 -6.73
CA VAL C 195 27.97 22.20 -6.33
C VAL C 195 26.59 22.71 -6.74
N ALA C 196 26.39 24.02 -6.66
CA ALA C 196 25.10 24.61 -7.02
C ALA C 196 24.94 24.67 -8.53
N ILE C 197 26.02 25.03 -9.22
CA ILE C 197 25.95 25.11 -10.66
C ILE C 197 25.67 23.72 -11.19
N ASP C 198 26.34 22.71 -10.63
CA ASP C 198 26.12 21.32 -11.06
C ASP C 198 24.69 20.87 -10.71
N ALA C 199 24.20 21.27 -9.54
CA ALA C 199 22.85 20.89 -9.14
C ALA C 199 21.83 21.41 -10.13
N ILE C 200 22.01 22.64 -10.60
CA ILE C 200 21.07 23.24 -11.56
C ILE C 200 21.02 22.45 -12.87
N ASN C 201 22.18 22.05 -13.37
CA ASN C 201 22.25 21.27 -14.61
C ASN C 201 21.67 19.88 -14.41
N ALA C 202 21.88 19.31 -13.23
CA ALA C 202 21.34 17.98 -12.99
C ALA C 202 19.82 18.06 -12.90
N ALA C 203 19.34 19.05 -12.15
CA ALA C 203 17.90 19.21 -11.94
C ALA C 203 17.13 19.50 -13.22
N GLY C 204 17.83 19.97 -14.24
CA GLY C 204 17.15 20.29 -15.50
C GLY C 204 17.02 19.12 -16.45
N ALA C 205 17.60 18.00 -16.07
CA ALA C 205 17.55 16.79 -16.89
C ALA C 205 16.52 15.81 -16.35
N PRO C 206 16.02 14.92 -17.21
CA PRO C 206 15.03 13.93 -16.76
C PRO C 206 15.69 12.92 -15.85
N HIS C 207 14.94 12.42 -14.87
CA HIS C 207 15.48 11.41 -13.96
C HIS C 207 14.50 10.27 -13.72
N CYS C 208 15.01 9.13 -13.30
CA CYS C 208 14.16 7.99 -12.99
C CYS C 208 14.67 7.52 -11.65
N PHE C 209 13.79 7.53 -10.65
CA PHE C 209 14.19 7.13 -9.32
C PHE C 209 13.01 6.64 -8.55
N LEU C 210 13.26 6.25 -7.31
CA LEU C 210 12.24 5.73 -6.42
C LEU C 210 11.73 6.86 -5.54
N SER C 211 10.42 6.87 -5.32
CA SER C 211 9.80 7.90 -4.50
C SER C 211 8.48 7.32 -3.99
N VAL C 212 7.82 8.04 -3.10
CA VAL C 212 6.54 7.62 -2.53
C VAL C 212 5.39 8.41 -3.20
N THR C 213 4.29 7.74 -3.53
CA THR C 213 3.19 8.42 -4.21
C THR C 213 2.23 9.06 -3.23
N LYS C 214 1.15 9.65 -3.75
CA LYS C 214 0.14 10.30 -2.91
C LYS C 214 -0.57 9.28 -2.05
N TRP C 215 -0.47 7.99 -2.41
CA TRP C 215 -1.12 6.95 -1.63
C TRP C 215 -0.22 6.37 -0.55
N GLY C 216 0.97 6.96 -0.41
CA GLY C 216 1.91 6.48 0.59
C GLY C 216 2.60 5.18 0.22
N HIS C 217 2.71 4.90 -1.07
CA HIS C 217 3.34 3.68 -1.63
C HIS C 217 4.60 4.01 -2.42
N SER C 218 5.69 3.28 -2.18
CA SER C 218 6.91 3.52 -2.96
C SER C 218 6.59 3.13 -4.40
N ALA C 219 7.16 3.88 -5.34
CA ALA C 219 6.97 3.65 -6.76
C ALA C 219 8.18 4.16 -7.55
N ILE C 220 8.24 3.81 -8.84
CA ILE C 220 9.33 4.25 -9.71
C ILE C 220 8.77 5.47 -10.38
N VAL C 221 9.53 6.57 -10.37
CA VAL C 221 9.04 7.78 -11.03
C VAL C 221 10.04 8.29 -12.04
N ASN C 222 9.49 8.86 -13.11
CA ASN C 222 10.29 9.49 -14.14
C ASN C 222 9.86 10.95 -14.13
N THR C 223 10.84 11.86 -14.03
CA THR C 223 10.57 13.29 -14.04
C THR C 223 10.96 13.82 -15.40
N SER C 224 10.56 15.05 -15.73
CA SER C 224 10.90 15.63 -17.04
C SER C 224 12.11 16.56 -16.96
N GLY C 225 12.47 16.95 -15.74
CA GLY C 225 13.57 17.88 -15.56
C GLY C 225 12.92 19.25 -15.34
N ASN C 226 13.54 20.05 -14.49
CA ASN C 226 13.01 21.37 -14.14
C ASN C 226 13.98 22.49 -14.58
N GLY C 227 13.55 23.31 -15.52
CA GLY C 227 14.38 24.39 -15.98
C GLY C 227 14.29 25.66 -15.12
N ASP C 228 13.26 25.79 -14.29
CA ASP C 228 13.12 26.97 -13.44
C ASP C 228 13.97 26.88 -12.18
N CYS C 229 15.25 26.57 -12.34
CA CYS C 229 16.16 26.49 -11.21
C CYS C 229 17.22 27.56 -11.29
N HIS C 230 17.75 27.97 -10.14
CA HIS C 230 18.78 29.01 -10.10
C HIS C 230 19.57 28.84 -8.82
N ILE C 231 20.64 29.62 -8.70
CA ILE C 231 21.49 29.54 -7.52
C ILE C 231 21.06 30.56 -6.47
N ILE C 232 21.44 30.30 -5.22
CA ILE C 232 21.19 31.20 -4.11
C ILE C 232 22.53 31.34 -3.38
N LEU C 233 23.06 32.57 -3.33
CA LEU C 233 24.33 32.82 -2.64
C LEU C 233 23.99 33.12 -1.19
N ARG C 234 24.52 32.28 -0.34
CA ARG C 234 24.26 32.34 1.08
C ARG C 234 25.51 32.39 1.90
N GLY C 235 26.65 32.63 1.25
CA GLY C 235 27.90 32.74 1.98
C GLY C 235 28.58 31.44 2.36
N GLY C 236 29.86 31.55 2.69
CA GLY C 236 30.61 30.38 3.09
C GLY C 236 31.52 30.70 4.26
N LYS C 237 32.83 30.61 4.04
CA LYS C 237 33.78 30.91 5.10
C LYS C 237 33.71 32.43 5.25
N GLU C 238 33.44 33.08 4.13
CA GLU C 238 33.31 34.53 4.09
C GLU C 238 32.07 34.81 3.27
N PRO C 239 31.43 35.97 3.48
CA PRO C 239 30.22 36.37 2.74
C PRO C 239 30.48 36.45 1.24
N ASN C 240 29.45 36.17 0.42
CA ASN C 240 29.58 36.21 -1.04
C ASN C 240 28.51 37.00 -1.77
N TYR C 241 28.06 38.09 -1.18
CA TYR C 241 27.03 38.91 -1.81
C TYR C 241 27.55 40.12 -2.59
N SER C 242 28.82 40.49 -2.42
CA SER C 242 29.37 41.67 -3.10
C SER C 242 29.36 41.60 -4.63
N ALA C 243 29.42 42.75 -5.27
CA ALA C 243 29.42 42.82 -6.74
C ALA C 243 30.55 41.92 -7.28
N LYS C 244 31.62 41.77 -6.49
CA LYS C 244 32.74 40.92 -6.87
C LYS C 244 32.27 39.46 -7.06
N HIS C 245 31.74 38.85 -5.99
CA HIS C 245 31.25 37.48 -6.03
C HIS C 245 30.16 37.34 -7.10
N VAL C 246 29.24 38.30 -7.16
CA VAL C 246 28.18 38.25 -8.18
C VAL C 246 28.79 38.15 -9.57
N ALA C 247 29.81 38.95 -9.84
CA ALA C 247 30.47 38.93 -11.14
C ALA C 247 31.07 37.55 -11.44
N GLU C 248 31.75 36.97 -10.46
CA GLU C 248 32.36 35.65 -10.66
C GLU C 248 31.28 34.61 -10.91
N VAL C 249 30.29 34.57 -10.03
CA VAL C 249 29.21 33.61 -10.15
C VAL C 249 28.50 33.82 -11.48
N LYS C 250 28.43 35.05 -11.96
CA LYS C 250 27.79 35.29 -13.26
C LYS C 250 28.64 34.63 -14.34
N GLU C 251 29.96 34.81 -14.24
CA GLU C 251 30.87 34.22 -15.22
C GLU C 251 30.81 32.70 -15.14
N GLY C 252 30.84 32.17 -13.92
CA GLY C 252 30.79 30.73 -13.74
C GLY C 252 29.53 30.09 -14.33
N LEU C 253 28.41 30.78 -14.28
CA LEU C 253 27.17 30.22 -14.81
C LEU C 253 27.23 30.08 -16.32
N ASN C 254 27.72 31.13 -16.98
CA ASN C 254 27.85 31.14 -18.43
C ASN C 254 28.67 29.97 -18.91
N LYS C 255 29.77 29.70 -18.19
CA LYS C 255 30.67 28.61 -18.52
C LYS C 255 29.90 27.28 -18.58
N ALA C 256 28.95 27.12 -17.65
CA ALA C 256 28.13 25.93 -17.57
C ALA C 256 26.96 26.01 -18.55
N GLY C 257 26.93 27.07 -19.35
CA GLY C 257 25.87 27.23 -20.34
C GLY C 257 24.53 27.61 -19.74
N LEU C 258 24.57 28.19 -18.54
CA LEU C 258 23.38 28.59 -17.82
C LEU C 258 23.20 30.10 -17.79
N PRO C 259 21.95 30.56 -17.66
CA PRO C 259 21.64 31.99 -17.60
C PRO C 259 22.37 32.66 -16.45
N ALA C 260 22.87 33.86 -16.68
CA ALA C 260 23.57 34.56 -15.61
C ALA C 260 22.56 35.23 -14.67
N GLN C 261 22.11 34.50 -13.66
CA GLN C 261 21.13 35.01 -12.71
C GLN C 261 21.44 34.50 -11.31
N VAL C 262 21.08 35.30 -10.29
CA VAL C 262 21.32 34.87 -8.91
C VAL C 262 20.31 35.38 -7.90
N MET C 263 20.24 34.69 -6.76
CA MET C 263 19.39 35.10 -5.65
C MET C 263 20.36 35.25 -4.50
N ILE C 264 20.23 36.34 -3.76
CA ILE C 264 21.12 36.54 -2.63
C ILE C 264 20.36 36.48 -1.32
N ASP C 265 20.80 35.58 -0.45
CA ASP C 265 20.22 35.41 0.86
C ASP C 265 21.06 36.31 1.76
N PHE C 266 20.39 37.25 2.43
CA PHE C 266 21.06 38.22 3.30
C PHE C 266 21.45 37.65 4.65
N SER C 267 20.90 36.49 5.00
CA SER C 267 21.17 35.88 6.28
C SER C 267 22.24 34.79 6.26
N HIS C 268 22.20 33.94 7.27
CA HIS C 268 23.14 32.85 7.42
C HIS C 268 24.62 33.27 7.32
N ALA C 269 25.34 32.76 6.32
CA ALA C 269 26.76 33.07 6.16
C ALA C 269 27.04 34.46 5.61
N ASN C 270 26.08 35.02 4.86
CA ASN C 270 26.27 36.35 4.29
C ASN C 270 26.16 37.47 5.33
N SER C 271 25.45 37.19 6.43
CA SER C 271 25.28 38.18 7.49
C SER C 271 26.16 37.77 8.66
N SER C 272 26.98 36.75 8.44
CA SER C 272 27.88 36.26 9.48
C SER C 272 27.13 35.80 10.74
N LYS C 273 25.90 35.33 10.52
CA LYS C 273 25.04 34.80 11.58
C LYS C 273 24.60 35.86 12.59
N GLN C 274 24.34 37.05 12.08
CA GLN C 274 23.92 38.20 12.85
C GLN C 274 22.78 38.85 12.06
N PHE C 275 21.54 38.44 12.39
CA PHE C 275 20.29 38.92 11.74
C PHE C 275 20.42 40.39 11.37
N LYS C 276 20.98 41.11 12.33
CA LYS C 276 21.31 42.54 12.37
C LYS C 276 22.02 42.96 11.07
N LYS C 277 23.05 42.21 10.73
CA LYS C 277 23.83 42.49 9.53
C LYS C 277 23.08 42.39 8.21
N GLN C 278 21.87 41.80 8.22
CA GLN C 278 21.10 41.65 6.99
C GLN C 278 20.78 42.99 6.38
N MET C 279 20.65 44.00 7.23
CA MET C 279 20.35 45.35 6.78
C MET C 279 21.55 45.90 5.99
N ASP C 280 22.76 45.55 6.44
CA ASP C 280 23.98 45.99 5.75
C ASP C 280 24.01 45.35 4.38
N VAL C 281 23.91 44.02 4.36
CA VAL C 281 23.93 43.25 3.12
C VAL C 281 22.88 43.86 2.19
N CYS C 282 21.75 44.24 2.78
CA CYS C 282 20.65 44.82 2.04
C CYS C 282 21.09 46.06 1.28
N ALA C 283 21.84 46.91 1.95
CA ALA C 283 22.33 48.15 1.36
C ALA C 283 23.17 47.84 0.14
N ASP C 284 24.18 47.01 0.36
CA ASP C 284 25.07 46.62 -0.71
C ASP C 284 24.28 46.10 -1.92
N VAL C 285 23.40 45.12 -1.67
CA VAL C 285 22.61 44.56 -2.78
C VAL C 285 21.78 45.63 -3.44
N CYS C 286 21.26 46.55 -2.64
CA CYS C 286 20.46 47.64 -3.16
C CYS C 286 21.33 48.52 -4.04
N GLN C 287 22.59 48.68 -3.64
CA GLN C 287 23.51 49.50 -4.42
C GLN C 287 23.71 48.87 -5.79
N GLN C 288 23.97 47.56 -5.80
CA GLN C 288 24.18 46.82 -7.06
C GLN C 288 22.94 46.91 -7.95
N ILE C 289 21.78 46.66 -7.37
CA ILE C 289 20.55 46.72 -8.14
C ILE C 289 20.33 48.14 -8.63
N ALA C 290 20.54 49.12 -7.75
CA ALA C 290 20.38 50.52 -8.11
C ALA C 290 21.39 50.92 -9.20
N GLY C 291 22.58 50.32 -9.16
CA GLY C 291 23.61 50.62 -10.15
C GLY C 291 23.27 50.08 -11.54
N GLY C 292 22.34 49.13 -11.60
CA GLY C 292 21.95 48.57 -12.89
C GLY C 292 22.19 47.08 -13.02
N GLU C 293 22.56 46.43 -11.92
CA GLU C 293 22.82 44.99 -11.94
C GLU C 293 21.53 44.19 -12.15
N LYS C 294 21.32 43.72 -13.37
CA LYS C 294 20.13 42.96 -13.76
C LYS C 294 20.22 41.45 -13.45
N ALA C 295 21.34 41.02 -12.87
CA ALA C 295 21.53 39.61 -12.54
C ALA C 295 20.79 39.19 -11.28
N ILE C 296 20.82 40.03 -10.25
CA ILE C 296 20.14 39.71 -9.00
C ILE C 296 18.64 39.64 -9.30
N ILE C 297 18.13 38.42 -9.47
CA ILE C 297 16.71 38.24 -9.79
C ILE C 297 15.85 37.99 -8.56
N GLY C 298 16.50 37.83 -7.41
CA GLY C 298 15.76 37.62 -6.17
C GLY C 298 16.64 37.73 -4.92
N VAL C 299 15.97 37.80 -3.78
CA VAL C 299 16.66 37.87 -2.49
C VAL C 299 15.89 37.05 -1.46
N MET C 300 16.56 36.70 -0.38
CA MET C 300 15.97 35.90 0.66
C MET C 300 16.37 36.56 1.96
N VAL C 301 15.37 36.78 2.83
CA VAL C 301 15.60 37.40 4.13
C VAL C 301 14.89 36.65 5.24
N GLU C 302 15.57 36.48 6.36
CA GLU C 302 14.97 35.81 7.48
C GLU C 302 14.43 36.83 8.49
N SER C 303 13.11 36.96 8.55
CA SER C 303 12.51 37.91 9.48
C SER C 303 11.38 37.31 10.31
N HIS C 304 10.90 38.09 11.26
CA HIS C 304 9.81 37.70 12.14
C HIS C 304 9.14 38.96 12.70
N LEU C 305 8.19 38.77 13.61
CA LEU C 305 7.49 39.89 14.20
C LEU C 305 8.46 40.59 15.15
N VAL C 306 9.16 39.79 15.95
CA VAL C 306 10.12 40.29 16.92
C VAL C 306 11.51 39.77 16.60
N GLU C 307 12.48 40.67 16.52
CA GLU C 307 13.84 40.29 16.20
C GLU C 307 14.45 39.34 17.21
N GLY C 308 15.65 38.88 16.88
CA GLY C 308 16.38 37.99 17.75
C GLY C 308 16.00 36.55 17.56
N ASN C 309 16.38 35.74 18.54
CA ASN C 309 16.05 34.33 18.52
C ASN C 309 16.08 33.84 19.97
N GLN C 310 15.35 32.76 20.23
CA GLN C 310 15.28 32.17 21.56
C GLN C 310 15.45 30.65 21.43
N SER C 311 15.72 29.98 22.54
CA SER C 311 15.92 28.55 22.47
C SER C 311 14.99 27.71 23.35
N LEU C 312 14.85 26.46 22.96
CA LEU C 312 14.04 25.51 23.70
C LEU C 312 14.96 24.79 24.66
N GLU C 316 9.16 24.49 28.73
CA GLU C 316 9.26 25.87 29.21
C GLU C 316 8.64 26.85 28.18
N PRO C 317 7.63 27.65 28.60
CA PRO C 317 6.95 28.63 27.74
C PRO C 317 7.89 29.58 26.96
N LEU C 318 7.48 29.92 25.75
CA LEU C 318 8.28 30.75 24.87
C LEU C 318 7.82 32.17 24.64
N ALA C 319 8.78 33.03 24.32
CA ALA C 319 8.47 34.44 24.02
C ALA C 319 7.68 34.37 22.74
N TYR C 320 6.82 35.35 22.48
CA TYR C 320 6.03 35.36 21.26
C TYR C 320 6.77 35.97 20.04
N GLY C 321 6.49 35.40 18.86
CA GLY C 321 7.06 35.87 17.59
C GLY C 321 8.57 35.99 17.48
N LYS C 322 9.29 35.25 18.31
CA LYS C 322 10.73 35.25 18.30
C LYS C 322 11.19 33.85 17.88
N SER C 323 12.00 33.78 16.82
CA SER C 323 12.53 32.53 16.27
C SER C 323 13.12 31.57 17.31
N ILE C 324 12.94 30.26 17.09
CA ILE C 324 13.53 29.28 18.01
C ILE C 324 14.74 28.59 17.36
N THR C 325 15.04 29.03 16.13
CA THR C 325 16.20 28.52 15.40
C THR C 325 17.08 29.73 15.09
N ASP C 326 17.25 30.06 13.80
CA ASP C 326 18.11 31.21 13.44
C ASP C 326 17.47 32.55 13.84
N ALA C 327 18.29 33.48 14.31
CA ALA C 327 17.82 34.80 14.72
C ALA C 327 17.38 35.57 13.47
N CYS C 328 16.29 36.33 13.60
CA CYS C 328 15.76 37.11 12.48
C CYS C 328 15.66 38.60 12.81
N ILE C 329 15.35 39.42 11.80
CA ILE C 329 15.20 40.84 12.02
C ILE C 329 13.73 41.00 12.42
N GLY C 330 13.40 42.06 13.14
CA GLY C 330 12.02 42.26 13.56
C GLY C 330 11.20 42.79 12.40
N TRP C 331 9.93 43.06 12.64
CA TRP C 331 9.07 43.56 11.57
C TRP C 331 9.37 44.98 11.11
N GLU C 332 9.82 45.82 12.03
CA GLU C 332 10.11 47.21 11.67
C GLU C 332 11.16 47.25 10.57
N ASP C 333 12.27 46.56 10.81
CA ASP C 333 13.34 46.49 9.83
C ASP C 333 12.83 45.89 8.54
N THR C 334 11.94 44.91 8.66
CA THR C 334 11.38 44.25 7.49
C THR C 334 10.70 45.24 6.58
N ASP C 335 9.78 46.03 7.13
CA ASP C 335 9.07 47.02 6.34
C ASP C 335 10.05 47.96 5.63
N ALA C 336 11.04 48.45 6.37
CA ALA C 336 12.04 49.36 5.81
C ALA C 336 12.88 48.64 4.74
N LEU C 337 13.39 47.47 5.12
CA LEU C 337 14.21 46.66 4.23
C LEU C 337 13.46 46.42 2.92
N LEU C 338 12.20 46.00 3.02
CA LEU C 338 11.37 45.76 1.84
C LEU C 338 11.23 47.00 0.95
N ARG C 339 11.19 48.18 1.55
CA ARG C 339 11.07 49.43 0.80
C ARG C 339 12.41 49.82 0.18
N GLN C 340 13.50 49.54 0.90
CA GLN C 340 14.84 49.81 0.38
C GLN C 340 15.01 49.05 -0.93
N LEU C 341 14.53 47.81 -0.95
CA LEU C 341 14.63 46.94 -2.12
C LEU C 341 13.73 47.38 -3.25
N ALA C 342 12.50 47.74 -2.91
CA ALA C 342 11.52 48.17 -3.91
C ALA C 342 12.05 49.42 -4.64
N ASN C 343 12.61 50.34 -3.88
CA ASN C 343 13.15 51.55 -4.45
C ASN C 343 14.27 51.20 -5.46
N ALA C 344 15.24 50.41 -5.01
CA ALA C 344 16.36 49.99 -5.87
C ALA C 344 15.85 49.44 -7.19
N VAL C 345 14.79 48.66 -7.13
CA VAL C 345 14.20 48.08 -8.33
C VAL C 345 13.74 49.19 -9.29
N LYS C 346 13.02 50.17 -8.75
CA LYS C 346 12.53 51.28 -9.57
C LYS C 346 13.72 51.97 -10.20
N ALA C 347 14.76 52.18 -9.41
CA ALA C 347 15.97 52.83 -9.89
C ALA C 347 16.62 52.01 -11.01
N ARG C 348 16.88 50.73 -10.74
CA ARG C 348 17.49 49.86 -11.73
C ARG C 348 16.71 49.94 -13.04
N ARG C 349 15.42 50.16 -12.92
CA ARG C 349 14.55 50.24 -14.09
C ARG C 349 14.74 51.58 -14.80
N LEU D 8 2.86 19.63 -14.80
CA LEU D 8 3.55 18.80 -13.76
C LEU D 8 4.86 18.36 -14.39
N ARG D 9 5.86 18.12 -13.55
CA ARG D 9 7.13 17.69 -14.07
C ARG D 9 7.41 16.20 -13.91
N ILE D 10 6.40 15.41 -13.58
CA ILE D 10 6.66 13.98 -13.50
C ILE D 10 5.99 13.35 -14.73
N LYS D 11 6.78 12.66 -15.53
CA LYS D 11 6.28 12.07 -16.76
C LYS D 11 5.55 10.73 -16.60
N GLU D 12 5.95 9.90 -15.65
CA GLU D 12 5.29 8.61 -15.50
C GLU D 12 5.55 8.04 -14.11
N ILE D 13 4.67 7.14 -13.67
CA ILE D 13 4.77 6.46 -12.37
C ILE D 13 4.58 4.98 -12.65
N LYS D 14 5.51 4.16 -12.16
CA LYS D 14 5.45 2.72 -12.41
C LYS D 14 5.50 1.92 -11.11
N GLU D 15 4.98 0.70 -11.15
CA GLU D 15 4.92 -0.18 -9.99
C GLU D 15 6.29 -0.64 -9.53
N LEU D 16 6.52 -0.64 -8.22
CA LEU D 16 7.80 -1.04 -7.65
C LEU D 16 7.53 -2.21 -6.74
N LEU D 17 8.27 -3.29 -6.92
CA LEU D 17 8.10 -4.44 -6.07
C LEU D 17 8.46 -3.97 -4.66
N PRO D 18 7.70 -4.41 -3.65
CA PRO D 18 7.93 -4.05 -2.25
C PRO D 18 9.11 -4.85 -1.71
N PRO D 19 9.82 -4.33 -0.69
CA PRO D 19 10.97 -5.10 -0.17
C PRO D 19 10.62 -6.55 0.21
N VAL D 20 9.43 -6.81 0.76
CA VAL D 20 9.15 -8.19 1.16
C VAL D 20 9.11 -9.16 0.01
N ALA D 21 8.85 -8.65 -1.19
CA ALA D 21 8.80 -9.51 -2.37
C ALA D 21 10.21 -9.99 -2.67
N LEU D 22 11.20 -9.12 -2.52
CA LEU D 22 12.58 -9.50 -2.77
C LEU D 22 13.11 -10.39 -1.63
N LEU D 23 12.72 -10.07 -0.40
CA LEU D 23 13.14 -10.86 0.77
C LEU D 23 12.53 -12.28 0.68
N GLU D 24 11.31 -12.38 0.13
CA GLU D 24 10.64 -13.67 0.03
C GLU D 24 11.26 -14.51 -1.10
N LYS D 25 11.53 -13.88 -2.23
CA LYS D 25 12.13 -14.61 -3.34
C LYS D 25 13.60 -15.02 -3.04
N PHE D 26 14.33 -14.15 -2.36
CA PHE D 26 15.75 -14.41 -2.06
C PHE D 26 16.04 -14.29 -0.58
N PRO D 27 15.52 -15.20 0.22
CA PRO D 27 15.76 -15.15 1.66
C PRO D 27 17.22 -15.41 1.99
N ALA D 28 17.73 -14.74 3.02
CA ALA D 28 19.12 -14.95 3.41
C ALA D 28 19.23 -16.42 3.81
N THR D 29 20.35 -17.06 3.50
CA THR D 29 20.57 -18.45 3.88
C THR D 29 21.23 -18.39 5.29
N GLU D 30 21.43 -19.54 5.91
CA GLU D 30 22.07 -19.58 7.22
C GLU D 30 23.52 -19.07 7.03
N ASN D 31 24.20 -19.56 5.99
CA ASN D 31 25.56 -19.09 5.76
C ASN D 31 25.68 -17.58 5.55
N ALA D 32 24.75 -17.01 4.78
CA ALA D 32 24.79 -15.56 4.53
C ALA D 32 24.59 -14.78 5.81
N ALA D 33 23.59 -15.21 6.56
CA ALA D 33 23.25 -14.55 7.82
C ALA D 33 24.48 -14.56 8.73
N ASN D 34 25.18 -15.69 8.76
CA ASN D 34 26.37 -15.79 9.61
C ASN D 34 27.49 -14.87 9.10
N THR D 35 27.63 -14.79 7.78
CA THR D 35 28.67 -13.94 7.19
C THR D 35 28.42 -12.52 7.63
N VAL D 36 27.18 -12.09 7.53
CA VAL D 36 26.85 -10.74 7.91
C VAL D 36 27.05 -10.50 9.40
N ALA D 37 26.57 -11.43 10.22
CA ALA D 37 26.69 -11.24 11.67
C ALA D 37 28.12 -11.18 12.14
N HIS D 38 28.95 -12.15 11.74
CA HIS D 38 30.34 -12.19 12.17
C HIS D 38 31.10 -10.99 11.64
N ALA D 39 30.84 -10.62 10.39
CA ALA D 39 31.56 -9.48 9.84
C ALA D 39 31.24 -8.19 10.60
N ARG D 40 29.97 -7.96 10.90
CA ARG D 40 29.58 -6.73 11.62
C ARG D 40 30.19 -6.64 13.01
N LYS D 41 30.30 -7.78 13.69
CA LYS D 41 30.85 -7.82 15.04
C LYS D 41 32.33 -7.55 14.97
N ALA D 42 33.00 -8.25 14.05
CA ALA D 42 34.42 -8.11 13.86
C ALA D 42 34.79 -6.66 13.64
N ILE D 43 33.95 -5.94 12.90
CA ILE D 43 34.19 -4.52 12.63
C ILE D 43 33.95 -3.68 13.88
N HIS D 44 32.95 -4.06 14.65
CA HIS D 44 32.65 -3.37 15.89
C HIS D 44 33.88 -3.50 16.79
N LYS D 45 34.40 -4.73 16.92
CA LYS D 45 35.57 -5.00 17.76
C LYS D 45 36.74 -4.11 17.33
N ILE D 46 36.98 -4.03 16.03
CA ILE D 46 38.05 -3.18 15.53
C ILE D 46 37.74 -1.73 15.91
N LEU D 47 36.52 -1.27 15.68
CA LEU D 47 36.21 0.11 16.03
C LEU D 47 36.32 0.36 17.53
N LYS D 48 36.03 -0.66 18.33
CA LYS D 48 36.11 -0.54 19.78
C LYS D 48 37.58 -0.43 20.18
N GLY D 49 38.40 -1.36 19.69
CA GLY D 49 39.81 -1.36 20.00
C GLY D 49 40.23 -2.73 20.47
N ASN D 50 39.27 -3.63 20.56
CA ASN D 50 39.54 -4.99 21.00
C ASN D 50 40.22 -5.78 19.91
N ASP D 51 40.52 -5.13 18.79
CA ASP D 51 41.15 -5.83 17.68
C ASP D 51 42.08 -4.91 16.88
N ASP D 52 43.28 -5.39 16.56
CA ASP D 52 44.27 -4.60 15.86
C ASP D 52 44.30 -4.83 14.34
N ARG D 53 43.36 -5.63 13.84
CA ARG D 53 43.30 -5.90 12.42
C ARG D 53 42.81 -4.68 11.64
N LEU D 54 43.08 -4.67 10.35
CA LEU D 54 42.67 -3.56 9.52
C LEU D 54 41.45 -3.95 8.69
N LEU D 55 40.45 -3.06 8.66
CA LEU D 55 39.25 -3.31 7.88
C LEU D 55 39.58 -2.91 6.42
N VAL D 56 39.44 -3.84 5.49
CA VAL D 56 39.75 -3.54 4.09
C VAL D 56 38.48 -3.69 3.22
N VAL D 57 37.93 -2.56 2.81
CA VAL D 57 36.76 -2.52 1.96
C VAL D 57 37.36 -2.35 0.57
N ILE D 58 37.32 -3.41 -0.22
CA ILE D 58 37.93 -3.35 -1.53
C ILE D 58 37.15 -4.07 -2.63
N GLY D 59 37.15 -3.48 -3.82
CA GLY D 59 36.41 -4.06 -4.92
C GLY D 59 36.07 -3.02 -5.96
N PRO D 60 35.24 -3.39 -6.93
CA PRO D 60 34.84 -2.48 -8.02
C PRO D 60 34.23 -1.15 -7.61
N CYS D 61 34.48 -0.11 -8.41
CA CYS D 61 33.86 1.19 -8.13
C CYS D 61 32.35 0.96 -8.19
N SER D 62 31.93 0.09 -9.10
CA SER D 62 30.52 -0.22 -9.28
C SER D 62 30.35 -1.62 -9.87
N ILE D 63 29.28 -2.31 -9.47
CA ILE D 63 29.01 -3.63 -9.98
C ILE D 63 28.16 -3.44 -11.24
N HIS D 64 28.53 -4.08 -12.35
CA HIS D 64 27.67 -3.95 -13.55
C HIS D 64 27.48 -5.30 -14.21
N ASP D 65 28.15 -6.29 -13.68
CA ASP D 65 28.09 -7.63 -14.23
C ASP D 65 28.30 -8.67 -13.14
N PRO D 66 27.25 -9.40 -12.76
CA PRO D 66 27.28 -10.45 -11.72
C PRO D 66 28.30 -11.55 -11.96
N VAL D 67 28.57 -11.86 -13.24
CA VAL D 67 29.53 -12.93 -13.56
C VAL D 67 30.93 -12.54 -13.10
N ALA D 68 31.39 -11.38 -13.54
CA ALA D 68 32.72 -10.92 -13.10
C ALA D 68 32.72 -10.64 -11.60
N ALA D 69 31.61 -10.17 -11.05
CA ALA D 69 31.56 -9.85 -9.63
C ALA D 69 31.73 -11.14 -8.82
N LYS D 70 31.15 -12.23 -9.33
CA LYS D 70 31.24 -13.55 -8.71
C LYS D 70 32.66 -14.08 -8.80
N GLU D 71 33.31 -13.87 -9.94
CA GLU D 71 34.69 -14.34 -10.08
C GLU D 71 35.59 -13.54 -9.12
N TYR D 72 35.40 -12.21 -9.09
CA TYR D 72 36.16 -11.33 -8.19
C TYR D 72 35.97 -11.75 -6.72
N ALA D 73 34.74 -12.06 -6.34
CA ALA D 73 34.43 -12.50 -4.99
C ALA D 73 35.20 -13.78 -4.65
N THR D 74 35.20 -14.74 -5.56
CA THR D 74 35.93 -15.99 -5.34
C THR D 74 37.42 -15.75 -5.10
N ARG D 75 38.04 -14.85 -5.87
CA ARG D 75 39.48 -14.56 -5.70
C ARG D 75 39.72 -13.79 -4.41
N LEU D 76 38.81 -12.88 -4.08
CA LEU D 76 38.96 -12.09 -2.88
C LEU D 76 38.80 -12.96 -1.62
N LEU D 77 37.88 -13.93 -1.69
CA LEU D 77 37.59 -14.81 -0.58
C LEU D 77 38.85 -15.57 -0.18
N ALA D 78 39.59 -16.08 -1.17
CA ALA D 78 40.84 -16.81 -0.94
C ALA D 78 41.83 -15.94 -0.16
N LEU D 79 41.98 -14.68 -0.58
CA LEU D 79 42.88 -13.74 0.09
C LEU D 79 42.39 -13.41 1.50
N ARG D 80 41.07 -13.19 1.65
CA ARG D 80 40.45 -12.88 2.94
C ARG D 80 40.79 -14.01 3.95
N GLU D 81 40.73 -15.29 3.52
CA GLU D 81 41.03 -16.39 4.42
C GLU D 81 42.53 -16.49 4.70
N GLU D 82 43.30 -16.25 3.66
CA GLU D 82 44.73 -16.31 3.79
C GLU D 82 45.33 -15.21 4.64
N LEU D 83 44.72 -14.02 4.66
CA LEU D 83 45.24 -12.87 5.41
C LEU D 83 44.35 -12.47 6.59
N LYS D 84 43.45 -13.36 6.98
CA LYS D 84 42.49 -13.08 8.04
C LYS D 84 43.09 -12.73 9.40
N ASP D 85 44.37 -13.04 9.60
CA ASP D 85 45.03 -12.73 10.88
C ASP D 85 45.46 -11.27 10.95
N GLU D 86 45.43 -10.57 9.81
CA GLU D 86 45.82 -9.17 9.83
C GLU D 86 44.75 -8.27 9.21
N LEU D 87 43.92 -8.84 8.31
CA LEU D 87 42.90 -8.02 7.67
C LEU D 87 41.51 -8.62 7.76
N GLU D 88 40.53 -7.72 7.83
CA GLU D 88 39.11 -8.06 7.86
C GLU D 88 38.70 -7.57 6.46
N ILE D 89 38.70 -8.47 5.49
CA ILE D 89 38.42 -8.09 4.09
C ILE D 89 36.95 -8.14 3.73
N VAL D 90 36.44 -6.98 3.34
CA VAL D 90 35.05 -6.84 2.95
C VAL D 90 34.99 -6.35 1.48
N MET D 91 34.19 -7.02 0.65
CA MET D 91 34.08 -6.62 -0.78
C MET D 91 33.17 -5.43 -1.06
N ARG D 92 33.67 -4.51 -1.90
CA ARG D 92 32.87 -3.38 -2.34
C ARG D 92 31.86 -4.01 -3.33
N VAL D 93 30.58 -3.92 -3.02
CA VAL D 93 29.49 -4.41 -3.87
C VAL D 93 28.55 -3.19 -3.98
N TYR D 94 28.98 -2.20 -4.74
CA TYR D 94 28.23 -0.96 -4.90
C TYR D 94 27.22 -1.04 -6.04
N PHE D 95 25.94 -0.92 -5.68
CA PHE D 95 24.84 -0.98 -6.63
C PHE D 95 24.31 0.40 -6.95
N GLU D 96 24.71 1.41 -6.18
CA GLU D 96 24.29 2.76 -6.47
C GLU D 96 25.45 3.75 -6.48
N LYS D 97 25.44 4.57 -7.53
CA LYS D 97 26.50 5.53 -7.76
C LYS D 97 26.08 6.99 -7.82
N PRO D 98 26.67 7.83 -6.97
CA PRO D 98 26.29 9.26 -7.01
C PRO D 98 27.07 9.95 -8.15
N ARG D 99 26.38 10.70 -9.00
CA ARG D 99 27.04 11.39 -10.09
C ARG D 99 27.23 12.91 -9.84
N THR D 100 28.32 13.49 -10.37
CA THR D 100 28.55 14.94 -10.20
C THR D 100 27.44 15.74 -10.88
N THR D 101 26.90 15.20 -11.98
CA THR D 101 25.79 15.83 -12.71
C THR D 101 24.86 14.74 -13.20
N VAL D 102 25.17 14.20 -14.38
CA VAL D 102 24.38 13.12 -14.98
C VAL D 102 25.27 11.90 -15.28
N GLY D 103 24.65 10.74 -15.49
CA GLY D 103 25.39 9.52 -15.78
C GLY D 103 24.72 8.27 -15.25
N TRP D 104 25.25 7.10 -15.59
CA TRP D 104 24.71 5.83 -15.14
C TRP D 104 24.70 5.82 -13.62
N LYS D 105 23.55 5.55 -13.00
CA LYS D 105 23.49 5.55 -11.53
C LYS D 105 23.76 4.23 -10.84
N GLY D 106 24.09 3.18 -11.58
CA GLY D 106 24.37 1.90 -10.92
C GLY D 106 23.51 0.77 -11.45
N LEU D 107 23.76 -0.44 -10.95
CA LEU D 107 23.03 -1.60 -11.45
C LEU D 107 21.54 -1.64 -11.08
N ILE D 108 21.19 -1.14 -9.90
CA ILE D 108 19.79 -1.16 -9.47
C ILE D 108 18.92 -0.22 -10.31
N ASN D 109 19.43 0.99 -10.52
CA ASN D 109 18.71 2.02 -11.27
C ASN D 109 18.55 1.72 -12.77
N ASP D 110 19.55 1.05 -13.35
CA ASP D 110 19.54 0.74 -14.78
C ASP D 110 20.49 -0.44 -15.02
N PRO D 111 20.06 -1.65 -14.59
CA PRO D 111 20.83 -2.88 -14.74
C PRO D 111 21.31 -3.16 -16.18
N HIS D 112 20.47 -2.86 -17.16
CA HIS D 112 20.82 -3.13 -18.55
C HIS D 112 21.70 -2.06 -19.19
N MET D 113 22.08 -1.07 -18.38
CA MET D 113 22.98 -0.02 -18.81
C MET D 113 22.59 0.65 -20.13
N ASP D 114 21.29 0.67 -20.43
CA ASP D 114 20.80 1.26 -21.68
C ASP D 114 19.68 2.26 -21.43
N ASN D 115 19.62 2.80 -20.21
CA ASN D 115 18.58 3.75 -19.82
C ASN D 115 17.15 3.18 -19.96
N SER D 116 16.97 1.89 -19.72
CA SER D 116 15.65 1.28 -19.80
C SER D 116 15.10 1.31 -18.39
N PHE D 117 15.98 1.64 -17.46
CA PHE D 117 15.67 1.75 -16.03
C PHE D 117 14.78 0.64 -15.49
N GLN D 118 15.18 -0.62 -15.66
CA GLN D 118 14.39 -1.73 -15.16
C GLN D 118 14.77 -1.98 -13.70
N ILE D 119 14.38 -1.04 -12.86
CA ILE D 119 14.67 -1.06 -11.45
C ILE D 119 14.22 -2.34 -10.79
N ASN D 120 13.06 -2.87 -11.20
CA ASN D 120 12.59 -4.13 -10.63
C ASN D 120 13.57 -5.28 -10.96
N ASP D 121 14.11 -5.30 -12.17
CA ASP D 121 15.11 -6.32 -12.55
C ASP D 121 16.38 -6.02 -11.75
N GLY D 122 16.71 -4.73 -11.61
CA GLY D 122 17.89 -4.31 -10.88
C GLY D 122 17.95 -4.86 -9.45
N LEU D 123 16.85 -4.68 -8.74
CA LEU D 123 16.72 -5.14 -7.35
C LEU D 123 16.84 -6.66 -7.24
N ARG D 124 16.25 -7.38 -8.18
CA ARG D 124 16.32 -8.83 -8.20
C ARG D 124 17.76 -9.29 -8.43
N ILE D 125 18.40 -8.71 -9.43
CA ILE D 125 19.78 -9.03 -9.77
C ILE D 125 20.72 -8.65 -8.60
N ALA D 126 20.50 -7.47 -8.03
CA ALA D 126 21.32 -6.99 -6.93
C ALA D 126 21.23 -7.87 -5.71
N ARG D 127 20.01 -8.13 -5.26
CA ARG D 127 19.87 -8.98 -4.11
C ARG D 127 20.40 -10.38 -4.43
N LYS D 128 20.04 -10.96 -5.57
CA LYS D 128 20.54 -12.30 -5.87
C LYS D 128 22.09 -12.34 -5.75
N LEU D 129 22.77 -11.37 -6.35
CA LEU D 129 24.23 -11.33 -6.30
C LEU D 129 24.73 -11.17 -4.86
N LEU D 130 24.19 -10.19 -4.16
CA LEU D 130 24.56 -9.92 -2.78
C LEU D 130 24.41 -11.18 -1.93
N LEU D 131 23.31 -11.90 -2.14
CA LEU D 131 23.05 -13.13 -1.40
C LEU D 131 24.12 -14.18 -1.68
N ASP D 132 24.44 -14.39 -2.96
CA ASP D 132 25.45 -15.37 -3.33
C ASP D 132 26.83 -15.07 -2.73
N ILE D 133 27.25 -13.81 -2.78
CA ILE D 133 28.54 -13.43 -2.20
C ILE D 133 28.58 -13.68 -0.69
N ASN D 134 27.53 -13.29 0.02
CA ASN D 134 27.48 -13.51 1.46
C ASN D 134 27.43 -14.99 1.77
N ASP D 135 26.62 -15.71 1.00
CA ASP D 135 26.48 -17.15 1.19
C ASP D 135 27.81 -17.88 1.02
N SER D 136 28.69 -17.34 0.19
CA SER D 136 29.99 -17.97 -0.04
C SER D 136 30.95 -17.71 1.14
N GLY D 137 30.54 -16.79 2.02
CA GLY D 137 31.34 -16.43 3.17
C GLY D 137 32.06 -15.09 3.04
N LEU D 138 31.85 -14.35 1.94
CA LEU D 138 32.50 -13.04 1.74
C LEU D 138 31.59 -11.89 2.11
N PRO D 139 32.00 -11.06 3.07
CA PRO D 139 31.18 -9.92 3.49
C PRO D 139 31.12 -8.82 2.42
N ALA D 140 30.06 -8.02 2.47
CA ALA D 140 29.86 -6.96 1.50
C ALA D 140 29.62 -5.56 2.08
N ALA D 141 30.10 -4.57 1.35
CA ALA D 141 29.95 -3.18 1.71
C ALA D 141 29.32 -2.44 0.53
N GLY D 142 28.64 -1.33 0.80
CA GLY D 142 28.04 -0.59 -0.30
C GLY D 142 27.70 0.82 0.13
N GLU D 143 27.47 1.72 -0.82
CA GLU D 143 27.12 3.07 -0.42
C GLU D 143 25.62 3.13 -0.31
N PHE D 144 25.14 3.70 0.80
CA PHE D 144 23.72 3.86 1.00
C PHE D 144 23.40 5.28 0.54
N LEU D 145 22.94 5.40 -0.71
CA LEU D 145 22.61 6.67 -1.33
C LEU D 145 21.11 6.96 -1.31
N ASP D 146 20.36 6.04 -1.90
CA ASP D 146 18.90 6.08 -2.01
C ASP D 146 18.24 5.75 -0.67
N MET D 147 17.16 6.47 -0.33
CA MET D 147 16.41 6.29 0.93
C MET D 147 15.47 5.06 0.93
N ILE D 148 15.10 4.62 -0.27
CA ILE D 148 14.19 3.48 -0.42
C ILE D 148 14.81 2.08 -0.62
N THR D 149 15.89 2.00 -1.39
CA THR D 149 16.55 0.72 -1.65
C THR D 149 17.12 0.00 -0.42
N PRO D 150 17.42 0.74 0.67
CA PRO D 150 17.97 -0.05 1.79
C PRO D 150 17.16 -1.25 2.33
N GLN D 151 15.83 -1.13 2.35
CA GLN D 151 15.00 -2.22 2.85
C GLN D 151 15.17 -3.51 2.03
N TYR D 152 15.61 -3.36 0.79
CA TYR D 152 15.78 -4.55 -0.06
C TYR D 152 17.12 -5.26 0.08
N LEU D 153 18.10 -4.58 0.66
CA LEU D 153 19.45 -5.10 0.73
C LEU D 153 20.18 -5.01 2.07
N ALA D 154 19.80 -4.06 2.93
CA ALA D 154 20.50 -3.87 4.21
C ALA D 154 20.79 -5.11 5.04
N ASP D 155 19.92 -6.11 4.99
CA ASP D 155 20.15 -7.31 5.78
C ASP D 155 21.38 -8.09 5.29
N LEU D 156 21.87 -7.78 4.09
CA LEU D 156 23.04 -8.50 3.55
C LEU D 156 24.31 -7.66 3.54
N MET D 157 24.22 -6.46 4.11
CA MET D 157 25.34 -5.53 4.16
C MET D 157 26.05 -5.58 5.51
N SER D 158 27.36 -5.69 5.46
CA SER D 158 28.17 -5.76 6.67
C SER D 158 28.76 -4.43 7.04
N TRP D 159 28.79 -3.50 6.08
CA TRP D 159 29.36 -2.17 6.32
C TRP D 159 28.79 -1.25 5.24
N GLY D 160 28.53 0.00 5.62
CA GLY D 160 27.99 0.95 4.67
C GLY D 160 28.76 2.24 4.64
N ALA D 161 28.70 2.90 3.50
CA ALA D 161 29.37 4.17 3.30
C ALA D 161 28.38 5.24 2.92
N ILE D 162 28.60 6.45 3.42
CA ILE D 162 27.77 7.58 3.03
C ILE D 162 28.70 8.45 2.19
N GLY D 163 28.31 8.69 0.95
CA GLY D 163 29.13 9.45 0.04
C GLY D 163 29.57 10.82 0.49
N ALA D 164 30.56 11.37 -0.20
CA ALA D 164 31.07 12.70 0.10
C ALA D 164 30.06 13.78 -0.21
N ARG D 165 29.18 13.53 -1.17
CA ARG D 165 28.19 14.52 -1.57
C ARG D 165 26.93 14.46 -0.73
N THR D 166 26.85 13.52 0.21
CA THR D 166 25.66 13.39 1.03
C THR D 166 26.00 13.25 2.51
N THR D 167 27.26 13.40 2.88
CA THR D 167 27.64 13.27 4.29
C THR D 167 27.05 14.40 5.14
N GLU D 168 26.80 15.54 4.51
CA GLU D 168 26.28 16.69 5.23
C GLU D 168 24.76 16.69 5.29
N SER D 169 24.15 15.78 4.54
CA SER D 169 22.72 15.65 4.41
C SER D 169 22.06 14.99 5.63
N GLN D 170 21.09 15.69 6.21
CA GLN D 170 20.41 15.18 7.39
C GLN D 170 19.69 13.91 7.13
N VAL D 171 19.19 13.79 5.92
CA VAL D 171 18.43 12.60 5.50
C VAL D 171 19.28 11.35 5.48
N HIS D 172 20.56 11.51 5.13
CA HIS D 172 21.44 10.36 5.10
C HIS D 172 21.98 10.08 6.51
N ARG D 173 22.07 11.13 7.32
CA ARG D 173 22.55 10.95 8.69
C ARG D 173 21.46 10.23 9.45
N GLU D 174 20.21 10.50 9.07
CA GLU D 174 19.06 9.84 9.69
C GLU D 174 19.14 8.36 9.31
N LEU D 175 19.25 8.10 8.01
CA LEU D 175 19.35 6.72 7.55
C LEU D 175 20.42 5.97 8.33
N ALA D 176 21.63 6.52 8.44
CA ALA D 176 22.71 5.83 9.16
C ALA D 176 22.39 5.51 10.62
N SER D 177 21.62 6.39 11.25
CA SER D 177 21.26 6.22 12.67
C SER D 177 20.42 4.98 12.92
N GLY D 178 19.81 4.46 11.86
CA GLY D 178 19.01 3.26 11.97
C GLY D 178 19.59 2.04 11.27
N LEU D 179 20.78 2.16 10.69
CA LEU D 179 21.37 1.01 10.01
C LEU D 179 21.97 -0.01 10.97
N SER D 180 21.75 -1.28 10.67
CA SER D 180 22.26 -2.34 11.52
C SER D 180 23.76 -2.65 11.34
N CYS D 181 24.43 -1.88 10.50
CA CYS D 181 25.85 -2.17 10.27
C CYS D 181 26.69 -0.95 10.54
N PRO D 182 28.02 -1.15 10.66
CA PRO D 182 28.88 0.01 10.89
C PRO D 182 28.74 0.94 9.67
N VAL D 183 29.06 2.20 9.83
CA VAL D 183 28.92 3.14 8.74
C VAL D 183 30.10 4.11 8.68
N GLY D 184 30.58 4.37 7.47
CA GLY D 184 31.68 5.30 7.28
C GLY D 184 31.19 6.53 6.55
N PHE D 185 31.55 7.71 7.05
CA PHE D 185 31.15 8.98 6.43
C PHE D 185 32.34 9.60 5.73
N LYS D 186 32.24 9.79 4.41
CA LYS D 186 33.34 10.39 3.70
C LYS D 186 33.37 11.90 3.91
N ASN D 187 34.57 12.50 3.88
CA ASN D 187 34.71 13.95 4.01
C ASN D 187 34.18 14.56 2.72
N GLY D 188 33.79 15.83 2.76
CA GLY D 188 33.24 16.49 1.59
C GLY D 188 34.14 16.55 0.36
N THR D 189 33.53 16.78 -0.81
CA THR D 189 34.24 16.88 -2.09
C THR D 189 35.39 17.89 -2.03
N ASP D 190 35.18 18.98 -1.29
CA ASP D 190 36.22 19.99 -1.18
C ASP D 190 37.30 19.63 -0.17
N GLY D 191 37.15 18.49 0.51
CA GLY D 191 38.13 18.10 1.52
C GLY D 191 37.71 18.42 2.95
N THR D 192 36.54 19.03 3.13
CA THR D 192 36.05 19.39 4.47
C THR D 192 35.86 18.23 5.44
N ILE D 193 36.55 18.31 6.57
CA ILE D 193 36.49 17.28 7.60
C ILE D 193 35.28 17.46 8.53
N LYS D 194 34.92 18.72 8.80
CA LYS D 194 33.82 19.04 9.71
C LYS D 194 32.52 18.34 9.40
N VAL D 195 32.08 18.35 8.14
CA VAL D 195 30.82 17.70 7.82
C VAL D 195 30.74 16.26 8.29
N ALA D 196 31.87 15.55 8.23
CA ALA D 196 31.91 14.15 8.64
C ALA D 196 31.96 13.96 10.16
N ILE D 197 32.66 14.84 10.85
CA ILE D 197 32.71 14.73 12.30
C ILE D 197 31.27 15.03 12.76
N ASP D 198 30.64 16.04 12.16
CA ASP D 198 29.27 16.36 12.52
C ASP D 198 28.33 15.19 12.23
N ALA D 199 28.55 14.53 11.09
CA ALA D 199 27.71 13.40 10.68
C ALA D 199 27.83 12.25 11.65
N ILE D 200 29.03 12.02 12.16
CA ILE D 200 29.23 10.95 13.11
C ILE D 200 28.42 11.22 14.40
N ASN D 201 28.42 12.48 14.86
CA ASN D 201 27.69 12.86 16.08
C ASN D 201 26.21 12.68 15.89
N ALA D 202 25.71 13.22 14.78
CA ALA D 202 24.29 13.12 14.47
C ALA D 202 23.81 11.66 14.33
N ALA D 203 24.52 10.84 13.56
CA ALA D 203 24.10 9.45 13.38
C ALA D 203 24.17 8.62 14.66
N GLY D 204 24.87 9.13 15.66
CA GLY D 204 24.98 8.37 16.91
C GLY D 204 23.83 8.71 17.85
N ALA D 205 23.03 9.70 17.45
CA ALA D 205 21.89 10.15 18.23
C ALA D 205 20.60 9.54 17.74
N PRO D 206 19.65 9.32 18.65
CA PRO D 206 18.36 8.74 18.27
C PRO D 206 17.74 9.67 17.25
N HIS D 207 16.89 9.13 16.39
CA HIS D 207 16.23 9.94 15.37
C HIS D 207 14.83 9.46 15.12
N CYS D 208 13.98 10.36 14.63
CA CYS D 208 12.60 10.03 14.28
C CYS D 208 12.36 10.71 12.94
N PHE D 209 11.86 9.95 11.97
CA PHE D 209 11.64 10.49 10.63
C PHE D 209 10.79 9.55 9.79
N LEU D 210 10.41 10.01 8.61
CA LEU D 210 9.61 9.24 7.68
C LEU D 210 10.48 8.31 6.81
N SER D 211 10.04 7.06 6.66
CA SER D 211 10.74 6.08 5.87
C SER D 211 9.73 5.08 5.24
N VAL D 212 10.21 4.24 4.35
CA VAL D 212 9.34 3.27 3.71
C VAL D 212 9.61 1.93 4.34
N THR D 213 8.56 1.22 4.71
CA THR D 213 8.69 -0.07 5.36
C THR D 213 8.95 -1.22 4.38
N LYS D 214 9.20 -2.39 4.93
CA LYS D 214 9.44 -3.58 4.11
C LYS D 214 8.19 -3.87 3.28
N TRP D 215 7.06 -3.27 3.65
CA TRP D 215 5.82 -3.47 2.91
C TRP D 215 5.63 -2.44 1.78
N GLY D 216 6.61 -1.58 1.58
CA GLY D 216 6.48 -0.58 0.52
C GLY D 216 5.60 0.60 0.92
N HIS D 217 5.26 0.72 2.20
CA HIS D 217 4.41 1.84 2.64
C HIS D 217 5.22 2.84 3.50
N SER D 218 4.96 4.13 3.33
CA SER D 218 5.63 5.14 4.16
C SER D 218 5.13 5.01 5.60
N ALA D 219 6.02 5.27 6.55
CA ALA D 219 5.68 5.18 7.96
C ALA D 219 6.60 6.07 8.75
N ILE D 220 6.34 6.17 10.05
CA ILE D 220 7.16 6.98 10.93
C ILE D 220 8.08 5.98 11.65
N VAL D 221 9.37 6.26 11.67
CA VAL D 221 10.29 5.36 12.32
C VAL D 221 11.14 6.11 13.31
N ASN D 222 11.56 5.43 14.37
CA ASN D 222 12.43 6.00 15.40
C ASN D 222 13.64 5.10 15.42
N THR D 223 14.83 5.69 15.43
CA THR D 223 16.05 4.90 15.45
C THR D 223 16.74 5.14 16.79
N SER D 224 17.65 4.26 17.15
CA SER D 224 18.37 4.35 18.41
C SER D 224 19.70 5.05 18.29
N GLY D 225 20.10 5.37 17.06
CA GLY D 225 21.38 6.02 16.85
C GLY D 225 22.42 4.94 16.60
N ASN D 226 23.39 5.25 15.74
CA ASN D 226 24.42 4.28 15.39
C ASN D 226 25.78 4.67 15.97
N GLY D 227 26.28 3.85 16.88
CA GLY D 227 27.58 4.12 17.49
C GLY D 227 28.77 3.59 16.71
N ASP D 228 28.52 2.78 15.68
CA ASP D 228 29.60 2.21 14.87
C ASP D 228 29.89 3.01 13.62
N CYS D 229 30.05 4.32 13.78
CA CYS D 229 30.34 5.22 12.68
C CYS D 229 31.75 5.79 12.75
N HIS D 230 32.34 6.06 11.57
CA HIS D 230 33.69 6.61 11.51
C HIS D 230 33.86 7.43 10.25
N ILE D 231 34.92 8.24 10.22
CA ILE D 231 35.18 9.08 9.07
C ILE D 231 35.97 8.34 7.98
N ILE D 232 35.81 8.77 6.74
CA ILE D 232 36.56 8.20 5.62
C ILE D 232 37.26 9.37 4.93
N LEU D 233 38.59 9.29 4.84
CA LEU D 233 39.39 10.35 4.22
C LEU D 233 39.55 9.97 2.75
N ARG D 234 39.04 10.80 1.86
CA ARG D 234 39.07 10.51 0.42
C ARG D 234 39.57 11.72 -0.36
N GLY D 235 40.24 12.63 0.34
CA GLY D 235 40.77 13.80 -0.30
C GLY D 235 39.75 14.87 -0.64
N GLY D 236 40.26 15.98 -1.14
CA GLY D 236 39.44 17.09 -1.54
C GLY D 236 40.16 17.73 -2.70
N LYS D 237 40.43 19.02 -2.59
CA LYS D 237 41.16 19.74 -3.63
C LYS D 237 42.54 19.10 -3.75
N GLU D 238 43.06 18.63 -2.62
CA GLU D 238 44.36 17.97 -2.63
C GLU D 238 44.18 16.68 -1.85
N PRO D 239 45.09 15.72 -2.01
CA PRO D 239 44.96 14.47 -1.27
C PRO D 239 45.05 14.75 0.25
N ASN D 240 44.47 13.85 1.06
CA ASN D 240 44.53 14.02 2.51
C ASN D 240 44.83 12.75 3.28
N TYR D 241 45.65 11.88 2.70
CA TYR D 241 45.99 10.63 3.39
C TYR D 241 47.30 10.71 4.20
N SER D 242 48.12 11.73 3.95
CA SER D 242 49.41 11.86 4.63
C SER D 242 49.38 11.87 6.16
N ALA D 243 50.53 11.55 6.75
CA ALA D 243 50.66 11.56 8.22
C ALA D 243 50.20 12.92 8.68
N LYS D 244 50.66 13.95 7.98
CA LYS D 244 50.31 15.35 8.23
C LYS D 244 48.78 15.53 8.34
N HIS D 245 48.03 14.92 7.41
CA HIS D 245 46.57 15.05 7.45
C HIS D 245 45.92 14.15 8.50
N VAL D 246 46.46 12.95 8.68
CA VAL D 246 45.92 12.01 9.67
C VAL D 246 46.08 12.57 11.07
N ALA D 247 47.12 13.38 11.27
CA ALA D 247 47.34 14.00 12.56
C ALA D 247 46.24 15.02 12.77
N GLU D 248 46.08 15.94 11.81
CA GLU D 248 45.07 16.97 11.90
C GLU D 248 43.67 16.44 12.16
N VAL D 249 43.36 15.27 11.59
CA VAL D 249 42.05 14.68 11.76
C VAL D 249 41.89 14.00 13.11
N LYS D 250 42.95 13.38 13.62
CA LYS D 250 42.84 12.72 14.94
C LYS D 250 42.53 13.77 16.01
N GLU D 251 43.22 14.90 15.96
CA GLU D 251 43.00 15.97 16.92
C GLU D 251 41.60 16.55 16.74
N GLY D 252 41.14 16.63 15.49
CA GLY D 252 39.83 17.17 15.21
C GLY D 252 38.68 16.33 15.73
N LEU D 253 38.90 15.03 15.85
CA LEU D 253 37.89 14.10 16.35
C LEU D 253 37.82 14.14 17.87
N ASN D 254 38.98 14.25 18.51
CA ASN D 254 39.04 14.32 19.97
C ASN D 254 38.36 15.59 20.45
N LYS D 255 38.65 16.70 19.77
CA LYS D 255 38.06 17.98 20.11
C LYS D 255 36.54 17.92 19.96
N ALA D 256 36.05 16.85 19.33
CA ALA D 256 34.63 16.66 19.11
C ALA D 256 34.12 15.56 20.01
N GLY D 257 35.02 15.01 20.82
CA GLY D 257 34.64 13.94 21.72
C GLY D 257 34.35 12.64 21.00
N LEU D 258 35.09 12.38 19.92
CA LEU D 258 34.92 11.16 19.16
C LEU D 258 36.24 10.40 19.16
N PRO D 259 36.19 9.06 19.04
CA PRO D 259 37.45 8.30 19.03
C PRO D 259 38.31 8.76 17.85
N ALA D 260 39.62 8.83 18.04
CA ALA D 260 40.51 9.27 16.99
C ALA D 260 40.76 8.12 16.00
N GLN D 261 39.79 7.91 15.11
CA GLN D 261 39.90 6.83 14.13
C GLN D 261 39.54 7.30 12.72
N VAL D 262 40.19 6.72 11.72
CA VAL D 262 39.89 7.05 10.34
C VAL D 262 40.04 5.86 9.41
N MET D 263 39.37 5.95 8.28
CA MET D 263 39.48 4.93 7.26
C MET D 263 40.09 5.78 6.15
N ILE D 264 41.02 5.20 5.41
CA ILE D 264 41.63 5.97 4.32
C ILE D 264 41.26 5.34 2.98
N ASP D 265 40.58 6.10 2.14
CA ASP D 265 40.21 5.64 0.79
C ASP D 265 41.43 6.01 -0.05
N PHE D 266 42.06 5.03 -0.70
CA PHE D 266 43.24 5.27 -1.52
C PHE D 266 42.84 5.83 -2.90
N SER D 267 41.55 5.83 -3.21
CA SER D 267 41.12 6.28 -4.53
C SER D 267 40.51 7.67 -4.62
N HIS D 268 39.73 7.90 -5.68
CA HIS D 268 39.07 9.18 -5.87
C HIS D 268 40.02 10.38 -5.73
N ALA D 269 39.73 11.31 -4.82
CA ALA D 269 40.57 12.49 -4.64
C ALA D 269 41.95 12.19 -4.07
N ASN D 270 42.10 11.08 -3.35
CA ASN D 270 43.43 10.79 -2.81
C ASN D 270 44.45 10.27 -3.83
N SER D 271 43.99 9.81 -4.98
CA SER D 271 44.92 9.32 -5.99
C SER D 271 44.85 10.27 -7.17
N SER D 272 44.17 11.39 -6.95
CA SER D 272 43.98 12.38 -8.02
C SER D 272 43.32 11.73 -9.25
N LYS D 273 42.39 10.81 -8.99
CA LYS D 273 41.65 10.12 -10.05
C LYS D 273 42.44 9.26 -11.01
N GLN D 274 43.67 8.90 -10.66
CA GLN D 274 44.47 8.01 -11.53
C GLN D 274 44.67 6.75 -10.73
N PHE D 275 44.02 5.69 -11.18
CA PHE D 275 44.04 4.42 -10.51
C PHE D 275 45.38 3.85 -10.03
N LYS D 276 46.45 3.96 -10.83
CA LYS D 276 47.73 3.38 -10.39
C LYS D 276 48.25 4.04 -9.12
N LYS D 277 47.86 5.29 -8.89
CA LYS D 277 48.35 6.02 -7.72
C LYS D 277 47.84 5.49 -6.41
N GLN D 278 46.80 4.66 -6.47
CA GLN D 278 46.28 4.06 -5.25
C GLN D 278 47.43 3.24 -4.62
N MET D 279 48.36 2.78 -5.46
CA MET D 279 49.49 1.99 -4.95
C MET D 279 50.45 2.92 -4.20
N ASP D 280 50.54 4.17 -4.64
CA ASP D 280 51.41 5.14 -4.00
C ASP D 280 50.81 5.53 -2.64
N VAL D 281 49.48 5.63 -2.58
CA VAL D 281 48.82 5.96 -1.31
C VAL D 281 49.02 4.77 -0.36
N CYS D 282 48.89 3.56 -0.90
CA CYS D 282 49.08 2.32 -0.14
C CYS D 282 50.44 2.32 0.55
N ALA D 283 51.50 2.56 -0.22
CA ALA D 283 52.86 2.57 0.31
C ALA D 283 52.98 3.53 1.49
N ASP D 284 52.49 4.76 1.30
CA ASP D 284 52.53 5.81 2.30
C ASP D 284 51.78 5.40 3.57
N VAL D 285 50.52 4.97 3.41
CA VAL D 285 49.69 4.55 4.53
C VAL D 285 50.31 3.36 5.26
N CYS D 286 50.85 2.41 4.52
CA CYS D 286 51.51 1.24 5.10
C CYS D 286 52.71 1.65 5.93
N GLN D 287 53.32 2.78 5.61
CA GLN D 287 54.47 3.28 6.36
C GLN D 287 53.98 3.81 7.68
N GLN D 288 52.83 4.49 7.66
CA GLN D 288 52.25 5.02 8.89
C GLN D 288 51.86 3.87 9.81
N ILE D 289 51.19 2.87 9.24
CA ILE D 289 50.77 1.73 10.02
C ILE D 289 51.96 0.97 10.59
N ALA D 290 52.88 0.57 9.72
CA ALA D 290 54.07 -0.17 10.15
C ALA D 290 54.86 0.66 11.14
N GLY D 291 54.71 1.99 11.05
CA GLY D 291 55.40 2.91 11.93
C GLY D 291 54.81 2.97 13.32
N GLY D 292 53.55 2.54 13.45
CA GLY D 292 52.88 2.55 14.74
C GLY D 292 51.53 3.22 14.76
N GLU D 293 51.16 3.89 13.67
CA GLU D 293 49.88 4.58 13.62
C GLU D 293 48.74 3.62 13.87
N LYS D 294 48.13 3.70 15.04
CA LYS D 294 47.03 2.82 15.41
C LYS D 294 45.66 3.44 15.17
N ALA D 295 45.64 4.68 14.69
CA ALA D 295 44.37 5.37 14.40
C ALA D 295 43.77 4.93 13.06
N ILE D 296 44.62 4.54 12.10
CA ILE D 296 44.15 4.09 10.79
C ILE D 296 43.45 2.75 11.01
N ILE D 297 42.13 2.81 11.14
CA ILE D 297 41.34 1.63 11.40
C ILE D 297 41.01 0.75 10.18
N GLY D 298 41.06 1.35 9.00
CA GLY D 298 40.77 0.61 7.78
C GLY D 298 41.15 1.37 6.54
N VAL D 299 40.93 0.75 5.38
CA VAL D 299 41.25 1.41 4.11
C VAL D 299 40.19 1.02 3.08
N MET D 300 40.07 1.84 2.05
CA MET D 300 39.12 1.58 0.96
C MET D 300 39.92 1.61 -0.34
N VAL D 301 39.69 0.62 -1.20
CA VAL D 301 40.41 0.50 -2.46
C VAL D 301 39.50 0.13 -3.65
N GLU D 302 39.66 0.81 -4.79
CA GLU D 302 38.89 0.50 -5.99
C GLU D 302 39.70 -0.47 -6.84
N SER D 303 39.22 -1.71 -6.81
CA SER D 303 39.88 -2.82 -7.46
C SER D 303 38.94 -3.67 -8.30
N HIS D 304 39.47 -4.28 -9.34
CA HIS D 304 38.64 -5.13 -10.17
C HIS D 304 39.53 -6.23 -10.75
N LEU D 305 38.94 -7.11 -11.54
CA LEU D 305 39.75 -8.17 -12.12
C LEU D 305 40.77 -7.57 -13.08
N VAL D 306 40.33 -6.58 -13.87
CA VAL D 306 41.20 -5.97 -14.88
C VAL D 306 41.29 -4.49 -14.55
N GLU D 307 42.46 -3.91 -14.72
CA GLU D 307 42.67 -2.53 -14.36
C GLU D 307 42.06 -1.53 -15.32
N GLY D 308 42.01 -0.28 -14.85
CA GLY D 308 41.51 0.84 -15.66
C GLY D 308 40.01 0.87 -15.77
N ASN D 309 39.52 1.48 -16.85
CA ASN D 309 38.08 1.52 -17.04
C ASN D 309 37.72 1.58 -18.51
N GLN D 310 36.42 1.60 -18.77
CA GLN D 310 35.91 1.66 -20.13
C GLN D 310 34.58 2.41 -20.05
N SER D 311 34.16 3.03 -21.14
CA SER D 311 32.92 3.78 -21.16
C SER D 311 31.75 3.07 -21.86
N LEU D 312 30.55 3.50 -21.48
CA LEU D 312 29.31 3.02 -22.06
C LEU D 312 29.06 3.90 -23.29
N GLU D 313 29.16 5.21 -23.09
CA GLU D 313 28.93 6.21 -24.14
C GLU D 313 29.86 5.99 -25.32
N PRO D 317 29.82 -4.15 -27.24
CA PRO D 317 30.04 -5.25 -26.29
C PRO D 317 31.21 -4.93 -25.32
N LEU D 318 31.00 -5.12 -24.04
CA LEU D 318 32.02 -4.81 -23.05
C LEU D 318 33.24 -5.74 -22.82
N ALA D 319 34.34 -5.19 -22.27
CA ALA D 319 35.56 -5.98 -21.92
C ALA D 319 35.23 -6.58 -20.52
N TYR D 320 35.57 -7.84 -20.32
CA TYR D 320 35.26 -8.54 -19.08
C TYR D 320 36.06 -8.02 -17.89
N GLY D 321 35.41 -7.94 -16.73
CA GLY D 321 36.06 -7.48 -15.50
C GLY D 321 36.70 -6.11 -15.42
N LYS D 322 36.27 -5.18 -16.26
CA LYS D 322 36.87 -3.84 -16.27
C LYS D 322 35.77 -2.84 -15.92
N SER D 323 36.09 -1.90 -15.04
CA SER D 323 35.12 -0.90 -14.56
C SER D 323 34.48 -0.05 -15.63
N ILE D 324 33.19 0.27 -15.49
CA ILE D 324 32.56 1.17 -16.46
C ILE D 324 32.38 2.52 -15.75
N THR D 325 32.86 2.59 -14.51
CA THR D 325 32.79 3.85 -13.78
C THR D 325 34.23 4.29 -13.44
N ASP D 326 34.58 4.50 -12.18
CA ASP D 326 35.97 4.93 -11.93
C ASP D 326 37.00 3.82 -12.28
N ALA D 327 38.19 4.21 -12.74
CA ALA D 327 39.27 3.26 -13.06
C ALA D 327 39.70 2.59 -11.76
N CYS D 328 40.01 1.29 -11.85
CA CYS D 328 40.43 0.49 -10.68
C CYS D 328 41.77 -0.18 -10.92
N ILE D 329 42.44 -0.58 -9.85
CA ILE D 329 43.66 -1.32 -10.06
C ILE D 329 43.16 -2.71 -10.41
N GLY D 330 44.00 -3.45 -11.12
CA GLY D 330 43.70 -4.81 -11.55
C GLY D 330 44.03 -5.85 -10.47
N TRP D 331 43.76 -7.11 -10.79
CA TRP D 331 43.98 -8.15 -9.80
C TRP D 331 45.41 -8.29 -9.29
N GLU D 332 46.39 -8.25 -10.18
CA GLU D 332 47.79 -8.39 -9.81
C GLU D 332 48.17 -7.32 -8.78
N ASP D 333 47.82 -6.07 -9.05
CA ASP D 333 48.10 -4.98 -8.09
C ASP D 333 47.31 -5.18 -6.80
N THR D 334 46.13 -5.75 -6.91
CA THR D 334 45.27 -5.96 -5.75
C THR D 334 45.90 -6.98 -4.77
N ASP D 335 46.34 -8.11 -5.30
CA ASP D 335 46.95 -9.16 -4.49
C ASP D 335 48.16 -8.57 -3.77
N ALA D 336 48.96 -7.80 -4.50
CA ALA D 336 50.15 -7.17 -3.95
C ALA D 336 49.81 -6.11 -2.93
N LEU D 337 48.80 -5.29 -3.20
CA LEU D 337 48.44 -4.26 -2.24
C LEU D 337 47.97 -4.90 -0.93
N LEU D 338 47.16 -5.95 -1.02
CA LEU D 338 46.63 -6.60 0.18
C LEU D 338 47.74 -7.19 1.06
N ARG D 339 48.72 -7.82 0.45
CA ARG D 339 49.83 -8.36 1.21
C ARG D 339 50.63 -7.20 1.81
N GLN D 340 50.78 -6.09 1.08
CA GLN D 340 51.49 -4.93 1.61
C GLN D 340 50.81 -4.48 2.90
N LEU D 341 49.49 -4.36 2.85
CA LEU D 341 48.72 -3.96 4.02
C LEU D 341 48.86 -4.97 5.15
N ALA D 342 48.75 -6.26 4.84
CA ALA D 342 48.90 -7.28 5.87
C ALA D 342 50.29 -7.22 6.50
N ASN D 343 51.32 -7.02 5.68
CA ASN D 343 52.68 -6.96 6.23
C ASN D 343 52.82 -5.75 7.13
N ALA D 344 52.23 -4.63 6.75
CA ALA D 344 52.30 -3.43 7.57
C ALA D 344 51.60 -3.67 8.89
N VAL D 345 50.51 -4.44 8.87
CA VAL D 345 49.78 -4.74 10.09
C VAL D 345 50.63 -5.60 11.03
N LYS D 346 51.28 -6.62 10.49
CA LYS D 346 52.12 -7.48 11.30
C LYS D 346 53.24 -6.66 11.92
N ALA D 347 53.66 -5.60 11.23
CA ALA D 347 54.73 -4.75 11.74
C ALA D 347 54.25 -3.83 12.85
N ARG D 348 53.25 -3.00 12.56
CA ARG D 348 52.69 -2.10 13.55
C ARG D 348 52.45 -2.86 14.86
N ARG D 349 52.26 -4.18 14.75
CA ARG D 349 52.00 -5.02 15.92
C ARG D 349 53.30 -5.11 16.64
N GLY D 350 54.21 -5.85 16.06
CA GLY D 350 55.50 -5.96 16.68
C GLY D 350 55.77 -7.35 17.17
#